data_9NDB
# 
_entry.id   9NDB 
# 
_audit_conform.dict_name       mmcif_pdbx.dic 
_audit_conform.dict_version    5.403 
_audit_conform.dict_location   http://mmcif.pdb.org/dictionaries/ascii/mmcif_pdbx.dic 
# 
loop_
_database_2.database_id 
_database_2.database_code 
_database_2.pdbx_database_accession 
_database_2.pdbx_DOI 
PDB   9NDB         pdb_00009ndb 10.2210/pdb9ndb/pdb 
WWPDB D_1000293023 ?            ?                   
# 
_pdbx_audit_revision_history.ordinal             1 
_pdbx_audit_revision_history.data_content_type   'Structure model' 
_pdbx_audit_revision_history.major_revision      1 
_pdbx_audit_revision_history.minor_revision      0 
_pdbx_audit_revision_history.revision_date       2025-04-09 
_pdbx_audit_revision_history.part_number         ? 
# 
_pdbx_audit_revision_details.ordinal             1 
_pdbx_audit_revision_details.revision_ordinal    1 
_pdbx_audit_revision_details.data_content_type   'Structure model' 
_pdbx_audit_revision_details.provider            repository 
_pdbx_audit_revision_details.type                'Initial release' 
_pdbx_audit_revision_details.description         ? 
_pdbx_audit_revision_details.details             ? 
# 
_pdbx_database_status.status_code                     REL 
_pdbx_database_status.status_code_sf                  REL 
_pdbx_database_status.status_code_mr                  ? 
_pdbx_database_status.entry_id                        9NDB 
_pdbx_database_status.recvd_initial_deposition_date   2025-02-18 
_pdbx_database_status.SG_entry                        N 
_pdbx_database_status.deposit_site                    RCSB 
_pdbx_database_status.process_site                    RCSB 
_pdbx_database_status.status_code_cs                  ? 
_pdbx_database_status.status_code_nmr_data            ? 
_pdbx_database_status.methods_development_category    ? 
_pdbx_database_status.pdb_format_compatible           Y 
# 
_pdbx_contact_author.id                 2 
_pdbx_contact_author.email              rs17@nyu.edu 
_pdbx_contact_author.name_first         Ruojie 
_pdbx_contact_author.name_last          Sha 
_pdbx_contact_author.name_mi            ? 
_pdbx_contact_author.role               'principal investigator/group leader' 
_pdbx_contact_author.identifier_ORCID   0000-0002-0807-734X 
# 
loop_
_audit_author.name 
_audit_author.pdbx_ordinal 
_audit_author.identifier_ORCID 
'Horvath, A.'   1 0009-0008-5770-8014 
'Vecchioni, S.' 2 0000-0001-8243-650X 
'Woloszyn, K.'  3 0000-0003-1200-583X 
'Ohayon, Y.P.'  4 0000-0001-7500-4282 
'Sha, R.'       5 0000-0002-0807-734X 
# 
_citation.abstract                  ? 
_citation.abstract_id_CAS           ? 
_citation.book_id_ISBN              ? 
_citation.book_publisher            ? 
_citation.book_publisher_city       ? 
_citation.book_title                ? 
_citation.coordinate_linkage        ? 
_citation.country                   ? 
_citation.database_id_Medline       ? 
_citation.details                   ? 
_citation.id                        primary 
_citation.journal_abbrev            'To Be Published' 
_citation.journal_id_ASTM           ? 
_citation.journal_id_CSD            0353 
_citation.journal_id_ISSN           ? 
_citation.journal_full              ? 
_citation.journal_issue             ? 
_citation.journal_volume            ? 
_citation.language                  ? 
_citation.page_first                ? 
_citation.page_last                 ? 
_citation.title                     'Shifted tensegrity triangles' 
_citation.year                      ? 
_citation.database_id_CSD           ? 
_citation.pdbx_database_id_DOI      ? 
_citation.pdbx_database_id_PubMed   ? 
_citation.pdbx_database_id_patent   ? 
_citation.unpublished_flag          ? 
# 
loop_
_citation_author.citation_id 
_citation_author.name 
_citation_author.ordinal 
_citation_author.identifier_ORCID 
primary 'Horvath, A.'   1 0009-0008-5770-8014 
primary 'Vecchioni, S.' 2 0000-0001-8243-650X 
primary 'Woloszyn, K.'  3 0000-0003-1200-583X 
primary 'Ohayon, Y.P.'  4 0000-0001-7500-4282 
primary 'Sha, R.'       5 0000-0002-0807-734X 
# 
loop_
_entity.id 
_entity.type 
_entity.src_method 
_entity.pdbx_description 
_entity.formula_weight 
_entity.pdbx_number_of_molecules 
_entity.pdbx_ec 
_entity.pdbx_mutation 
_entity.pdbx_fragment 
_entity.details 
1 polymer syn 
;DNA (5'-D(*GP*AP*GP*CP*AP*CP*CP*TP*GP*TP*A)-3')
;
3069.030 1 ? ? ? ? 
2 polymer syn 
;DNA (5'-D(P*AP*CP*AP*CP*CP*GP*T)-3')
;
3383.224 1 ? ? ? ? 
3 polymer syn 
;DNA (5'-D(*TP*CP*TP*GP*AP*CP*TP*GP*TP*GP*GP*TP*GP*C)-3')
;
4262.763 1 ? ? ? ? 
4 polymer syn 
;DNA (5'-D(P*CP*GP*GP*AP*CP*AP*GP*TP*CP*A)-3')
;
2082.400 1 ? ? ? ? 
# 
loop_
_entity_poly.entity_id 
_entity_poly.type 
_entity_poly.nstd_linkage 
_entity_poly.nstd_monomer 
_entity_poly.pdbx_seq_one_letter_code 
_entity_poly.pdbx_seq_one_letter_code_can 
_entity_poly.pdbx_strand_id 
_entity_poly.pdbx_target_identifier 
1 polydeoxyribonucleotide no no '(DG)(DA)(DG)(DA)(DC)(DC)(DT)(DG)(DT)(DA)'                 GAGACCTGTA     A ? 
2 polydeoxyribonucleotide no no '(DC)(DG)(DG)(DA)(DC)(DA)(DG)(DT)(DG)(DC)(DA)'             CGGACAGTGCA    B ? 
3 polydeoxyribonucleotide no no '(DT)(DC)(DT)(DG)(DC)(DA)(DC)(DT)(DG)(DT)(DG)(DG)(DT)(DC)' TCTGCACTGTGGTC C ? 
4 polydeoxyribonucleotide no no '(DA)(DC)(DA)(DC)(DC)(DG)(DT)'                             ACACCGT        D ? 
# 
loop_
_entity_poly_seq.entity_id 
_entity_poly_seq.num 
_entity_poly_seq.mon_id 
_entity_poly_seq.hetero 
1 1  DG n 
1 2  DA n 
1 3  DG n 
1 4  DA n 
1 5  DC n 
1 6  DC n 
1 7  DT n 
1 8  DG n 
1 9  DT n 
1 10 DA n 
2 1  DC n 
2 2  DG n 
2 3  DG n 
2 4  DA n 
2 5  DC n 
2 6  DA n 
2 7  DG n 
2 8  DT n 
2 9  DG n 
2 10 DC n 
2 11 DA n 
3 1  DT n 
3 2  DC n 
3 3  DT n 
3 4  DG n 
3 5  DC n 
3 6  DA n 
3 7  DC n 
3 8  DT n 
3 9  DG n 
3 10 DT n 
3 11 DG n 
3 12 DG n 
3 13 DT n 
3 14 DC n 
4 1  DA n 
4 2  DC n 
4 3  DA n 
4 4  DC n 
4 5  DC n 
4 6  DG n 
4 7  DT n 
# 
loop_
_pdbx_entity_src_syn.entity_id 
_pdbx_entity_src_syn.pdbx_src_id 
_pdbx_entity_src_syn.pdbx_alt_source_flag 
_pdbx_entity_src_syn.pdbx_beg_seq_num 
_pdbx_entity_src_syn.pdbx_end_seq_num 
_pdbx_entity_src_syn.organism_scientific 
_pdbx_entity_src_syn.organism_common_name 
_pdbx_entity_src_syn.ncbi_taxonomy_id 
_pdbx_entity_src_syn.details 
1 1 sample 1 10 'synthetic construct' ? 32630 ? 
2 1 sample 1 11 'synthetic construct' ? 32630 ? 
3 1 sample 1 14 'synthetic construct' ? 32630 ? 
4 1 sample 1 7  'synthetic construct' ? 32630 ? 
# 
loop_
_chem_comp.id 
_chem_comp.type 
_chem_comp.mon_nstd_flag 
_chem_comp.name 
_chem_comp.pdbx_synonyms 
_chem_comp.formula 
_chem_comp.formula_weight 
DA 'DNA linking' y "2'-DEOXYADENOSINE-5'-MONOPHOSPHATE" ? 'C10 H14 N5 O6 P' 331.222 
DC 'DNA linking' y "2'-DEOXYCYTIDINE-5'-MONOPHOSPHATE"  ? 'C9 H14 N3 O7 P'  307.197 
DG 'DNA linking' y "2'-DEOXYGUANOSINE-5'-MONOPHOSPHATE" ? 'C10 H14 N5 O7 P' 347.221 
DT 'DNA linking' y "THYMIDINE-5'-MONOPHOSPHATE"         ? 'C10 H15 N2 O8 P' 322.208 
# 
loop_
_pdbx_poly_seq_scheme.asym_id 
_pdbx_poly_seq_scheme.entity_id 
_pdbx_poly_seq_scheme.seq_id 
_pdbx_poly_seq_scheme.mon_id 
_pdbx_poly_seq_scheme.ndb_seq_num 
_pdbx_poly_seq_scheme.pdb_seq_num 
_pdbx_poly_seq_scheme.auth_seq_num 
_pdbx_poly_seq_scheme.pdb_mon_id 
_pdbx_poly_seq_scheme.auth_mon_id 
_pdbx_poly_seq_scheme.pdb_strand_id 
_pdbx_poly_seq_scheme.pdb_ins_code 
_pdbx_poly_seq_scheme.hetero 
A 1 1  DG 1  1  1  DG DG A . n 
A 1 2  DA 2  2  2  DA DA A . n 
A 1 3  DG 3  3  3  DG DG A . n 
A 1 4  DA 4  4  4  DA DA A . n 
A 1 5  DC 5  5  5  DC DC A . n 
A 1 6  DC 6  6  6  DC DC A . n 
A 1 7  DT 7  7  7  DT DT A . n 
A 1 8  DG 8  8  8  DG DG A . n 
A 1 9  DT 9  9  9  DT DT A . n 
A 1 10 DA 10 10 10 DA DA A . n 
B 2 1  DC 1  1  1  DC DC B . n 
B 2 2  DG 2  2  2  DG DG B . n 
B 2 3  DG 3  3  3  DG DG B . n 
B 2 4  DA 4  4  4  DA DA B . n 
B 2 5  DC 5  5  5  DC DC B . n 
B 2 6  DA 6  6  6  DA DA B . n 
B 2 7  DG 7  7  7  DG DG B . n 
B 2 8  DT 8  8  8  DT DT B . n 
B 2 9  DG 9  9  9  DG DG B . n 
B 2 10 DC 10 10 10 DC DC B . n 
B 2 11 DA 11 11 11 DA DA B . n 
C 3 1  DT 1  1  1  DT DT C . n 
C 3 2  DC 2  2  2  DC DC C . n 
C 3 3  DT 3  3  3  DT DT C . n 
C 3 4  DG 4  4  4  DG DG C . n 
C 3 5  DC 5  5  5  DC DC C . n 
C 3 6  DA 6  6  6  DA DA C . n 
C 3 7  DC 7  7  7  DC DC C . n 
C 3 8  DT 8  8  8  DT DT C . n 
C 3 9  DG 9  9  9  DG DG C . n 
C 3 10 DT 10 10 10 DT DT C . n 
C 3 11 DG 11 11 11 DG DG C . n 
C 3 12 DG 12 12 12 DG DG C . n 
C 3 13 DT 13 13 13 DT DT C . n 
C 3 14 DC 14 14 14 DC DC C . n 
D 4 1  DA 1  1  1  DA DA D . n 
D 4 2  DC 2  2  2  DC DC D . n 
D 4 3  DA 3  3  3  DA DA D . n 
D 4 4  DC 4  4  4  DC DC D . n 
D 4 5  DC 5  5  5  DC DC D . n 
D 4 6  DG 6  6  6  DG DG D . n 
D 4 7  DT 7  7  7  DT DT D . n 
# 
loop_
_software.citation_id 
_software.classification 
_software.compiler_name 
_software.compiler_version 
_software.contact_author 
_software.contact_author_email 
_software.date 
_software.description 
_software.dependencies 
_software.hardware 
_software.language 
_software.location 
_software.mods 
_software.name 
_software.os 
_software.os_version 
_software.type 
_software.version 
_software.pdbx_ordinal 
? refinement       ? ? ? ? ? ? ? ? ? ? ? PHENIX    ? ? ? 1.20.1_4487 1 
? 'data reduction' ? ? ? ? ? ? ? ? ? ? ? autoPROC  ? ? ? .           2 
? 'data scaling'   ? ? ? ? ? ? ? ? ? ? ? STARANISO ? ? ? .           3 
? phasing          ? ? ? ? ? ? ? ? ? ? ? PHASER    ? ? ? .           4 
# 
_cell.angle_alpha                  90.000 
_cell.angle_alpha_esd              ? 
_cell.angle_beta                   90.000 
_cell.angle_beta_esd               ? 
_cell.angle_gamma                  120.000 
_cell.angle_gamma_esd              ? 
_cell.entry_id                     9NDB 
_cell.details                      ? 
_cell.formula_units_Z              ? 
_cell.length_a                     108.119 
_cell.length_a_esd                 ? 
_cell.length_b                     108.119 
_cell.length_b_esd                 ? 
_cell.length_c                     90.550 
_cell.length_c_esd                 ? 
_cell.volume                       916691.336 
_cell.volume_esd                   ? 
_cell.Z_PDB                        9 
_cell.reciprocal_angle_alpha       ? 
_cell.reciprocal_angle_beta        ? 
_cell.reciprocal_angle_gamma       ? 
_cell.reciprocal_angle_alpha_esd   ? 
_cell.reciprocal_angle_beta_esd    ? 
_cell.reciprocal_angle_gamma_esd   ? 
_cell.reciprocal_length_a          ? 
_cell.reciprocal_length_b          ? 
_cell.reciprocal_length_c          ? 
_cell.reciprocal_length_a_esd      ? 
_cell.reciprocal_length_b_esd      ? 
_cell.reciprocal_length_c_esd      ? 
_cell.pdbx_unique_axis             ? 
_cell.pdbx_esd_method              ? 
# 
_symmetry.entry_id                         9NDB 
_symmetry.cell_setting                     ? 
_symmetry.Int_Tables_number                146 
_symmetry.space_group_name_Hall            'H 3' 
_symmetry.space_group_name_H-M             'H 3' 
_symmetry.pdbx_full_space_group_name_H-M   ? 
# 
_exptl.absorpt_coefficient_mu     ? 
_exptl.absorpt_correction_T_max   ? 
_exptl.absorpt_correction_T_min   ? 
_exptl.absorpt_correction_type    ? 
_exptl.absorpt_process_details    ? 
_exptl.entry_id                   9NDB 
_exptl.crystals_number            1 
_exptl.details                    ? 
_exptl.method                     'X-RAY DIFFRACTION' 
_exptl.method_details             ? 
# 
_exptl_crystal.colour                       ? 
_exptl_crystal.density_diffrn               ? 
_exptl_crystal.density_Matthews             ? 
_exptl_crystal.density_method               ? 
_exptl_crystal.density_percent_sol          ? 
_exptl_crystal.description                  ? 
_exptl_crystal.F_000                        ? 
_exptl_crystal.id                           1 
_exptl_crystal.preparation                  ? 
_exptl_crystal.size_max                     ? 
_exptl_crystal.size_mid                     ? 
_exptl_crystal.size_min                     ? 
_exptl_crystal.size_rad                     ? 
_exptl_crystal.colour_lustre                ? 
_exptl_crystal.colour_modifier              ? 
_exptl_crystal.colour_primary               ? 
_exptl_crystal.density_meas                 ? 
_exptl_crystal.density_meas_esd             ? 
_exptl_crystal.density_meas_gt              ? 
_exptl_crystal.density_meas_lt              ? 
_exptl_crystal.density_meas_temp            ? 
_exptl_crystal.density_meas_temp_esd        ? 
_exptl_crystal.density_meas_temp_gt         ? 
_exptl_crystal.density_meas_temp_lt         ? 
_exptl_crystal.pdbx_crystal_image_url       ? 
_exptl_crystal.pdbx_crystal_image_format    ? 
_exptl_crystal.pdbx_mosaicity               ? 
_exptl_crystal.pdbx_mosaicity_esd           ? 
_exptl_crystal.pdbx_mosaic_method           ? 
_exptl_crystal.pdbx_mosaic_block_size       ? 
_exptl_crystal.pdbx_mosaic_block_size_esd   ? 
# 
_exptl_crystal_grow.apparatus       ? 
_exptl_crystal_grow.atmosphere      ? 
_exptl_crystal_grow.crystal_id      1 
_exptl_crystal_grow.details         ? 
_exptl_crystal_grow.method          'VAPOR DIFFUSION, HANGING DROP' 
_exptl_crystal_grow.method_ref      ? 
_exptl_crystal_grow.pH              ? 
_exptl_crystal_grow.pressure        ? 
_exptl_crystal_grow.pressure_esd    ? 
_exptl_crystal_grow.seeding         ? 
_exptl_crystal_grow.seeding_ref     ? 
_exptl_crystal_grow.temp_details    '338-293 at 0.4/hr' 
_exptl_crystal_grow.temp_esd        ? 
_exptl_crystal_grow.time            ? 
_exptl_crystal_grow.pdbx_details    '100 mM MOPS, 1.25 M magnesium sulfate' 
_exptl_crystal_grow.pdbx_pH_range   ? 
_exptl_crystal_grow.temp            293 
# 
_diffrn.ambient_environment              ? 
_diffrn.ambient_temp                     100 
_diffrn.ambient_temp_details             ? 
_diffrn.ambient_temp_esd                 ? 
_diffrn.crystal_id                       1 
_diffrn.crystal_support                  ? 
_diffrn.crystal_treatment                ? 
_diffrn.details                          ? 
_diffrn.id                               1 
_diffrn.ambient_pressure                 ? 
_diffrn.ambient_pressure_esd             ? 
_diffrn.ambient_pressure_gt              ? 
_diffrn.ambient_pressure_lt              ? 
_diffrn.ambient_temp_gt                  ? 
_diffrn.ambient_temp_lt                  ? 
_diffrn.pdbx_serial_crystal_experiment   N 
# 
_diffrn_detector.details                      ? 
_diffrn_detector.detector                     PIXEL 
_diffrn_detector.diffrn_id                    1 
_diffrn_detector.type                         'DECTRIS EIGER X 9M' 
_diffrn_detector.area_resol_mean              ? 
_diffrn_detector.dtime                        ? 
_diffrn_detector.pdbx_frames_total            ? 
_diffrn_detector.pdbx_collection_time_total   ? 
_diffrn_detector.pdbx_collection_date         2022-10-16 
_diffrn_detector.pdbx_frequency               ? 
_diffrn_detector.id                           ? 
_diffrn_detector.number_of_axes               ? 
# 
_diffrn_radiation.collimation                      ? 
_diffrn_radiation.diffrn_id                        1 
_diffrn_radiation.filter_edge                      ? 
_diffrn_radiation.inhomogeneity                    ? 
_diffrn_radiation.monochromator                    ? 
_diffrn_radiation.polarisn_norm                    ? 
_diffrn_radiation.polarisn_ratio                   ? 
_diffrn_radiation.probe                            ? 
_diffrn_radiation.type                             ? 
_diffrn_radiation.xray_symbol                      ? 
_diffrn_radiation.wavelength_id                    1 
_diffrn_radiation.pdbx_monochromatic_or_laue_m_l   M 
_diffrn_radiation.pdbx_wavelength_list             ? 
_diffrn_radiation.pdbx_wavelength                  ? 
_diffrn_radiation.pdbx_diffrn_protocol             'SINGLE WAVELENGTH' 
_diffrn_radiation.pdbx_analyzer                    ? 
_diffrn_radiation.pdbx_scattering_type             x-ray 
# 
_diffrn_radiation_wavelength.id           1 
_diffrn_radiation_wavelength.wavelength   1.000010 
_diffrn_radiation_wavelength.wt           1.0 
# 
_diffrn_source.current                     ? 
_diffrn_source.details                     ? 
_diffrn_source.diffrn_id                   1 
_diffrn_source.power                       ? 
_diffrn_source.size                        ? 
_diffrn_source.source                      SYNCHROTRON 
_diffrn_source.target                      ? 
_diffrn_source.type                        'APS BEAMLINE 17-ID' 
_diffrn_source.voltage                     ? 
_diffrn_source.take-off_angle              ? 
_diffrn_source.pdbx_wavelength_list        1.000010 
_diffrn_source.pdbx_wavelength             ? 
_diffrn_source.pdbx_synchrotron_beamline   17-ID 
_diffrn_source.pdbx_synchrotron_site       APS 
# 
_reflns.B_iso_Wilson_estimate                          299.93 
_reflns.entry_id                                       9NDB 
_reflns.data_reduction_details                         ? 
_reflns.data_reduction_method                          ? 
_reflns.d_resolution_high                              4.07 
_reflns.d_resolution_low                               65.091 
_reflns.details                                        ? 
_reflns.limit_h_max                                    ? 
_reflns.limit_h_min                                    ? 
_reflns.limit_k_max                                    ? 
_reflns.limit_k_min                                    ? 
_reflns.limit_l_max                                    ? 
_reflns.limit_l_min                                    ? 
_reflns.number_all                                     ? 
_reflns.number_obs                                     2180 
_reflns.observed_criterion                             ? 
_reflns.observed_criterion_F_max                       ? 
_reflns.observed_criterion_F_min                       ? 
_reflns.observed_criterion_I_max                       ? 
_reflns.observed_criterion_I_min                       ? 
_reflns.observed_criterion_sigma_F                     ? 
_reflns.observed_criterion_sigma_I                     ? 
_reflns.percent_possible_obs                           86.7 
_reflns.R_free_details                                 ? 
_reflns.Rmerge_F_all                                   ? 
_reflns.Rmerge_F_obs                                   ? 
_reflns.Friedel_coverage                               ? 
_reflns.number_gt                                      ? 
_reflns.threshold_expression                           ? 
_reflns.pdbx_redundancy                                10.7 
_reflns.pdbx_netI_over_av_sigmaI                       ? 
_reflns.pdbx_netI_over_sigmaI                          14.5 
_reflns.pdbx_res_netI_over_av_sigmaI_2                 ? 
_reflns.pdbx_res_netI_over_sigmaI_2                    ? 
_reflns.pdbx_chi_squared                               ? 
_reflns.pdbx_scaling_rejects                           ? 
_reflns.pdbx_d_res_high_opt                            ? 
_reflns.pdbx_d_res_low_opt                             ? 
_reflns.pdbx_d_res_opt_method                          ? 
_reflns.phase_calculation_details                      ? 
_reflns.pdbx_Rrim_I_all                                ? 
_reflns.pdbx_Rpim_I_all                                ? 
_reflns.pdbx_d_opt                                     ? 
_reflns.pdbx_number_measured_all                       ? 
_reflns.pdbx_diffrn_id                                 1 
_reflns.pdbx_ordinal                                   1 
_reflns.pdbx_CC_half                                   1.000 
_reflns.pdbx_CC_star                                   ? 
_reflns.pdbx_R_split                                   ? 
_reflns.pdbx_Rmerge_I_obs                              ? 
_reflns.pdbx_Rmerge_I_all                              ? 
_reflns.pdbx_Rsym_value                                ? 
_reflns.pdbx_CC_split_method                           ? 
_reflns.pdbx_aniso_diffraction_limit_axis_1_ortho[1]   ? 
_reflns.pdbx_aniso_diffraction_limit_axis_1_ortho[2]   ? 
_reflns.pdbx_aniso_diffraction_limit_axis_1_ortho[3]   ? 
_reflns.pdbx_aniso_diffraction_limit_axis_2_ortho[1]   ? 
_reflns.pdbx_aniso_diffraction_limit_axis_2_ortho[2]   ? 
_reflns.pdbx_aniso_diffraction_limit_axis_2_ortho[3]   ? 
_reflns.pdbx_aniso_diffraction_limit_axis_3_ortho[1]   ? 
_reflns.pdbx_aniso_diffraction_limit_axis_3_ortho[2]   ? 
_reflns.pdbx_aniso_diffraction_limit_axis_3_ortho[3]   ? 
_reflns.pdbx_aniso_diffraction_limit_1                 ? 
_reflns.pdbx_aniso_diffraction_limit_2                 ? 
_reflns.pdbx_aniso_diffraction_limit_3                 ? 
_reflns.pdbx_aniso_B_tensor_eigenvector_1_ortho[1]     ? 
_reflns.pdbx_aniso_B_tensor_eigenvector_1_ortho[2]     ? 
_reflns.pdbx_aniso_B_tensor_eigenvector_1_ortho[3]     ? 
_reflns.pdbx_aniso_B_tensor_eigenvector_2_ortho[1]     ? 
_reflns.pdbx_aniso_B_tensor_eigenvector_2_ortho[2]     ? 
_reflns.pdbx_aniso_B_tensor_eigenvector_2_ortho[3]     ? 
_reflns.pdbx_aniso_B_tensor_eigenvector_3_ortho[1]     ? 
_reflns.pdbx_aniso_B_tensor_eigenvector_3_ortho[2]     ? 
_reflns.pdbx_aniso_B_tensor_eigenvector_3_ortho[3]     ? 
_reflns.pdbx_aniso_B_tensor_eigenvalue_1               ? 
_reflns.pdbx_aniso_B_tensor_eigenvalue_2               ? 
_reflns.pdbx_aniso_B_tensor_eigenvalue_3               ? 
_reflns.pdbx_orthogonalization_convention              ? 
_reflns.pdbx_percent_possible_ellipsoidal              ? 
_reflns.pdbx_percent_possible_spherical                ? 
_reflns.pdbx_percent_possible_ellipsoidal_anomalous    ? 
_reflns.pdbx_percent_possible_spherical_anomalous      ? 
_reflns.pdbx_redundancy_anomalous                      ? 
_reflns.pdbx_CC_half_anomalous                         ? 
_reflns.pdbx_absDiff_over_sigma_anomalous              ? 
_reflns.pdbx_percent_possible_anomalous                ? 
_reflns.pdbx_observed_signal_threshold                 ? 
_reflns.pdbx_signal_type                               ? 
_reflns.pdbx_signal_details                            ? 
_reflns.pdbx_signal_software_id                        ? 
# 
loop_
_reflns_shell.d_res_high 
_reflns_shell.d_res_low 
_reflns_shell.meanI_over_sigI_all 
_reflns_shell.meanI_over_sigI_obs 
_reflns_shell.number_measured_all 
_reflns_shell.number_measured_obs 
_reflns_shell.number_possible 
_reflns_shell.number_unique_all 
_reflns_shell.number_unique_obs 
_reflns_shell.percent_possible_obs 
_reflns_shell.Rmerge_F_all 
_reflns_shell.Rmerge_F_obs 
_reflns_shell.meanI_over_sigI_gt 
_reflns_shell.meanI_over_uI_all 
_reflns_shell.meanI_over_uI_gt 
_reflns_shell.number_measured_gt 
_reflns_shell.number_unique_gt 
_reflns_shell.percent_possible_gt 
_reflns_shell.Rmerge_F_gt 
_reflns_shell.Rmerge_I_gt 
_reflns_shell.pdbx_redundancy 
_reflns_shell.pdbx_chi_squared 
_reflns_shell.pdbx_netI_over_sigmaI_all 
_reflns_shell.pdbx_netI_over_sigmaI_obs 
_reflns_shell.pdbx_Rrim_I_all 
_reflns_shell.pdbx_Rpim_I_all 
_reflns_shell.pdbx_rejects 
_reflns_shell.pdbx_ordinal 
_reflns_shell.pdbx_diffrn_id 
_reflns_shell.pdbx_CC_half 
_reflns_shell.pdbx_CC_star 
_reflns_shell.pdbx_R_split 
_reflns_shell.percent_possible_all 
_reflns_shell.Rmerge_I_all 
_reflns_shell.Rmerge_I_obs 
_reflns_shell.pdbx_Rsym_value 
_reflns_shell.pdbx_percent_possible_ellipsoidal 
_reflns_shell.pdbx_percent_possible_spherical 
_reflns_shell.pdbx_percent_possible_ellipsoidal_anomalous 
_reflns_shell.pdbx_percent_possible_spherical_anomalous 
_reflns_shell.pdbx_redundancy_anomalous 
_reflns_shell.pdbx_CC_half_anomalous 
_reflns_shell.pdbx_absDiff_over_sigma_anomalous 
_reflns_shell.pdbx_percent_possible_anomalous 
4.074  4.518  ? ? ? ? ? ? 197 ? ? ? ? ? ? ? ? ? ? ? ? ? ? ? ? ? ? 1 1 .348  ? ? ? ? ? ? ? ? ? ? ? ? ? ? 
10.261 65.091 ? ? ? ? ? ? 198 ? ? ? ? ? ? ? ? ? ? ? ? ? ? ? ? ? ? 2 1 1.000 ? ? ? ? ? ? ? ? ? ? ? ? ? ? 
# 
_refine.aniso_B[1][1]                            ? 
_refine.aniso_B[1][2]                            ? 
_refine.aniso_B[1][3]                            ? 
_refine.aniso_B[2][2]                            ? 
_refine.aniso_B[2][3]                            ? 
_refine.aniso_B[3][3]                            ? 
_refine.B_iso_max                                ? 
_refine.B_iso_mean                               277.43 
_refine.B_iso_min                                ? 
_refine.correlation_coeff_Fo_to_Fc               ? 
_refine.correlation_coeff_Fo_to_Fc_free          ? 
_refine.details                                  ? 
_refine.diff_density_max                         ? 
_refine.diff_density_max_esd                     ? 
_refine.diff_density_min                         ? 
_refine.diff_density_min_esd                     ? 
_refine.diff_density_rms                         ? 
_refine.diff_density_rms_esd                     ? 
_refine.entry_id                                 9NDB 
_refine.pdbx_refine_id                           'X-RAY DIFFRACTION' 
_refine.ls_abs_structure_details                 ? 
_refine.ls_abs_structure_Flack                   ? 
_refine.ls_abs_structure_Flack_esd               ? 
_refine.ls_abs_structure_Rogers                  ? 
_refine.ls_abs_structure_Rogers_esd              ? 
_refine.ls_d_res_high                            4.07 
_refine.ls_d_res_low                             32.96 
_refine.ls_extinction_coef                       ? 
_refine.ls_extinction_coef_esd                   ? 
_refine.ls_extinction_expression                 ? 
_refine.ls_extinction_method                     ? 
_refine.ls_goodness_of_fit_all                   ? 
_refine.ls_goodness_of_fit_all_esd               ? 
_refine.ls_goodness_of_fit_obs                   ? 
_refine.ls_goodness_of_fit_obs_esd               ? 
_refine.ls_hydrogen_treatment                    ? 
_refine.ls_matrix_type                           ? 
_refine.ls_number_constraints                    ? 
_refine.ls_number_parameters                     ? 
_refine.ls_number_reflns_all                     ? 
_refine.ls_number_reflns_obs                     2142 
_refine.ls_number_reflns_R_free                  110 
_refine.ls_number_reflns_R_work                  2032 
_refine.ls_number_restraints                     ? 
_refine.ls_percent_reflns_obs                    67.81 
_refine.ls_percent_reflns_R_free                 5.14 
_refine.ls_R_factor_all                          ? 
_refine.ls_R_factor_obs                          0.1630 
_refine.ls_R_factor_R_free                       0.1728 
_refine.ls_R_factor_R_free_error                 ? 
_refine.ls_R_factor_R_free_error_details         ? 
_refine.ls_R_factor_R_work                       0.1623 
_refine.ls_R_Fsqd_factor_obs                     ? 
_refine.ls_R_I_factor_obs                        ? 
_refine.ls_redundancy_reflns_all                 ? 
_refine.ls_redundancy_reflns_obs                 ? 
_refine.ls_restrained_S_all                      ? 
_refine.ls_restrained_S_obs                      ? 
_refine.ls_shift_over_esd_max                    ? 
_refine.ls_shift_over_esd_mean                   ? 
_refine.ls_structure_factor_coef                 ? 
_refine.ls_weighting_details                     ? 
_refine.ls_weighting_scheme                      ? 
_refine.ls_wR_factor_all                         ? 
_refine.ls_wR_factor_obs                         ? 
_refine.ls_wR_factor_R_free                      ? 
_refine.ls_wR_factor_R_work                      ? 
_refine.occupancy_max                            ? 
_refine.occupancy_min                            ? 
_refine.solvent_model_details                    'FLAT BULK SOLVENT MODEL' 
_refine.solvent_model_param_bsol                 ? 
_refine.solvent_model_param_ksol                 ? 
_refine.correlation_coeff_I_to_Fcsqd_work        ? 
_refine.correlation_coeff_I_to_Fcsqd_free        ? 
_refine.pdbx_R_complete                          ? 
_refine.ls_R_factor_gt                           ? 
_refine.ls_goodness_of_fit_gt                    ? 
_refine.ls_goodness_of_fit_ref                   ? 
_refine.ls_shift_over_su_max                     ? 
_refine.ls_shift_over_su_max_lt                  ? 
_refine.ls_shift_over_su_mean                    ? 
_refine.ls_shift_over_su_mean_lt                 ? 
_refine.pdbx_ls_sigma_I                          ? 
_refine.pdbx_ls_sigma_F                          1.96 
_refine.pdbx_ls_sigma_Fsqd                       ? 
_refine.pdbx_data_cutoff_high_absF               ? 
_refine.pdbx_data_cutoff_high_rms_absF           ? 
_refine.pdbx_data_cutoff_low_absF                ? 
_refine.pdbx_isotropic_thermal_model             ? 
_refine.pdbx_ls_cross_valid_method               'FREE R-VALUE' 
_refine.pdbx_method_to_determine_struct          'MOLECULAR REPLACEMENT' 
_refine.pdbx_starting_model                      ? 
_refine.pdbx_stereochemistry_target_values       'GeoStd + Monomer Library + CDL v1.2' 
_refine.pdbx_R_Free_selection_details            ? 
_refine.pdbx_stereochem_target_val_spec_case     ? 
_refine.pdbx_overall_ESU_R                       ? 
_refine.pdbx_overall_ESU_R_Free                  ? 
_refine.pdbx_solvent_vdw_probe_radii             1.1000 
_refine.pdbx_solvent_ion_probe_radii             ? 
_refine.pdbx_solvent_shrinkage_radii             0.9000 
_refine.pdbx_real_space_R                        ? 
_refine.pdbx_density_correlation                 ? 
_refine.pdbx_pd_number_of_powder_patterns        ? 
_refine.pdbx_pd_number_of_points                 ? 
_refine.pdbx_pd_meas_number_of_points            ? 
_refine.pdbx_pd_proc_ls_prof_R_factor            ? 
_refine.pdbx_pd_proc_ls_prof_wR_factor           ? 
_refine.pdbx_pd_Marquardt_correlation_coeff      ? 
_refine.pdbx_pd_Fsqrd_R_factor                   ? 
_refine.pdbx_pd_ls_matrix_band_width             ? 
_refine.pdbx_overall_phase_error                 32.2344 
_refine.pdbx_overall_SU_R_free_Cruickshank_DPI   ? 
_refine.pdbx_overall_SU_R_free_Blow_DPI          ? 
_refine.pdbx_overall_SU_R_Blow_DPI               ? 
_refine.pdbx_TLS_residual_ADP_flag               ? 
_refine.pdbx_diffrn_id                           1 
_refine.overall_SU_B                             ? 
_refine.overall_SU_ML                            0.1469 
_refine.overall_SU_R_Cruickshank_DPI             ? 
_refine.overall_SU_R_free                        ? 
_refine.overall_FOM_free_R_set                   ? 
_refine.overall_FOM_work_R_set                   ? 
_refine.pdbx_average_fsc_overall                 ? 
_refine.pdbx_average_fsc_work                    ? 
_refine.pdbx_average_fsc_free                    ? 
# 
_refine_hist.pdbx_refine_id                   'X-RAY DIFFRACTION' 
_refine_hist.cycle_id                         LAST 
_refine_hist.details                          ? 
_refine_hist.d_res_high                       4.07 
_refine_hist.d_res_low                        32.96 
_refine_hist.number_atoms_solvent             0 
_refine_hist.number_atoms_total               857 
_refine_hist.number_reflns_all                ? 
_refine_hist.number_reflns_obs                ? 
_refine_hist.number_reflns_R_free             ? 
_refine_hist.number_reflns_R_work             ? 
_refine_hist.R_factor_all                     ? 
_refine_hist.R_factor_obs                     ? 
_refine_hist.R_factor_R_free                  ? 
_refine_hist.R_factor_R_work                  ? 
_refine_hist.pdbx_number_residues_total       ? 
_refine_hist.pdbx_B_iso_mean_ligand           ? 
_refine_hist.pdbx_B_iso_mean_solvent          ? 
_refine_hist.pdbx_number_atoms_protein        0 
_refine_hist.pdbx_number_atoms_nucleic_acid   857 
_refine_hist.pdbx_number_atoms_ligand         0 
_refine_hist.pdbx_number_atoms_lipid          ? 
_refine_hist.pdbx_number_atoms_carb           ? 
_refine_hist.pdbx_pseudo_atom_details         ? 
# 
loop_
_refine_ls_restr.pdbx_refine_id 
_refine_ls_restr.criterion 
_refine_ls_restr.dev_ideal 
_refine_ls_restr.dev_ideal_target 
_refine_ls_restr.number 
_refine_ls_restr.rejects 
_refine_ls_restr.type 
_refine_ls_restr.weight 
_refine_ls_restr.pdbx_restraint_function 
'X-RAY DIFFRACTION' ? 0.0053  ? 958  ? f_bond_d           ? ? 
'X-RAY DIFFRACTION' ? 0.7328  ? 1473 ? f_angle_d          ? ? 
'X-RAY DIFFRACTION' ? 0.0395  ? 166  ? f_chiral_restr     ? ? 
'X-RAY DIFFRACTION' ? 0.0038  ? 42   ? f_plane_restr      ? ? 
'X-RAY DIFFRACTION' ? 39.0474 ? 406  ? f_dihedral_angle_d ? ? 
# 
_refine_ls_shell.pdbx_refine_id                      'X-RAY DIFFRACTION' 
_refine_ls_shell.d_res_high                          4.07 
_refine_ls_shell.d_res_low                           32.96 
_refine_ls_shell.number_reflns_all                   ? 
_refine_ls_shell.number_reflns_obs                   ? 
_refine_ls_shell.number_reflns_R_free                110 
_refine_ls_shell.number_reflns_R_work                2032 
_refine_ls_shell.percent_reflns_obs                  67.81 
_refine_ls_shell.percent_reflns_R_free               ? 
_refine_ls_shell.R_factor_all                        ? 
_refine_ls_shell.R_factor_obs                        ? 
_refine_ls_shell.R_factor_R_free_error               ? 
_refine_ls_shell.R_factor_R_work                     0.1623 
_refine_ls_shell.redundancy_reflns_all               ? 
_refine_ls_shell.redundancy_reflns_obs               ? 
_refine_ls_shell.wR_factor_all                       ? 
_refine_ls_shell.wR_factor_obs                       ? 
_refine_ls_shell.wR_factor_R_free                    ? 
_refine_ls_shell.wR_factor_R_work                    ? 
_refine_ls_shell.pdbx_R_complete                     ? 
_refine_ls_shell.correlation_coeff_Fo_to_Fc          ? 
_refine_ls_shell.correlation_coeff_Fo_to_Fc_free     ? 
_refine_ls_shell.correlation_coeff_I_to_Fcsqd_work   ? 
_refine_ls_shell.correlation_coeff_I_to_Fcsqd_free   ? 
_refine_ls_shell.pdbx_total_number_of_bins_used      ? 
_refine_ls_shell.pdbx_phase_error                    ? 
_refine_ls_shell.pdbx_fsc_work                       ? 
_refine_ls_shell.pdbx_fsc_free                       ? 
_refine_ls_shell.R_factor_R_free                     0.1728 
# 
_struct.entry_id                     9NDB 
_struct.title                        
'[4,7,8-2] Shifted tensegrity triangle with an (arm,center,arm) distribution of (4,7,8) base pairs and 2 nt sticky ends' 
_struct.pdbx_model_details           ? 
_struct.pdbx_formula_weight          ? 
_struct.pdbx_formula_weight_method   ? 
_struct.pdbx_model_type_details      ? 
_struct.pdbx_CASP_flag               N 
# 
_struct_keywords.entry_id        9NDB 
_struct_keywords.text            'tensegrity triangle, DNA' 
_struct_keywords.pdbx_keywords   DNA 
# 
loop_
_struct_asym.id 
_struct_asym.pdbx_blank_PDB_chainid_flag 
_struct_asym.pdbx_modified 
_struct_asym.entity_id 
_struct_asym.details 
A N N 1 ? 
B N N 2 ? 
C N N 3 ? 
D N N 4 ? 
# 
loop_
_struct_ref.id 
_struct_ref.db_name 
_struct_ref.db_code 
_struct_ref.pdbx_db_accession 
_struct_ref.pdbx_db_isoform 
_struct_ref.entity_id 
_struct_ref.pdbx_seq_one_letter_code 
_struct_ref.pdbx_align_begin 
1 PDB 9NDB 9NDB ? 1 ? 1 
2 PDB 9NDB 9NDB ? 2 ? 1 
3 PDB 9NDB 9NDB ? 3 ? 1 
4 PDB 9NDB 9NDB ? 4 ? 1 
# 
loop_
_struct_ref_seq.align_id 
_struct_ref_seq.ref_id 
_struct_ref_seq.pdbx_PDB_id_code 
_struct_ref_seq.pdbx_strand_id 
_struct_ref_seq.seq_align_beg 
_struct_ref_seq.pdbx_seq_align_beg_ins_code 
_struct_ref_seq.seq_align_end 
_struct_ref_seq.pdbx_seq_align_end_ins_code 
_struct_ref_seq.pdbx_db_accession 
_struct_ref_seq.db_align_beg 
_struct_ref_seq.pdbx_db_align_beg_ins_code 
_struct_ref_seq.db_align_end 
_struct_ref_seq.pdbx_db_align_end_ins_code 
_struct_ref_seq.pdbx_auth_seq_align_beg 
_struct_ref_seq.pdbx_auth_seq_align_end 
1 1 9NDB A 1 ? 10 ? 9NDB 1 ? 10 ? 1 10 
2 2 9NDB B 1 ? 11 ? 9NDB 1 ? 11 ? 1 11 
3 3 9NDB C 1 ? 14 ? 9NDB 1 ? 14 ? 1 14 
4 4 9NDB D 1 ? 7  ? 9NDB 1 ? 7  ? 1 7  
# 
_pdbx_struct_assembly.id                   1 
_pdbx_struct_assembly.details              author_defined_assembly 
_pdbx_struct_assembly.method_details       ? 
_pdbx_struct_assembly.oligomeric_details   dodecameric 
_pdbx_struct_assembly.oligomeric_count     12 
# 
loop_
_pdbx_struct_assembly_gen.assembly_id 
_pdbx_struct_assembly_gen.oper_expression 
_pdbx_struct_assembly_gen.asym_id_list 
1 1 A,B,C,D 
1 2 A,B,C,D 
1 3 A,B,C,D 
# 
_pdbx_struct_assembly_auth_evidence.id                     1 
_pdbx_struct_assembly_auth_evidence.assembly_id            1 
_pdbx_struct_assembly_auth_evidence.experimental_support   'native gel electrophoresis' 
_pdbx_struct_assembly_auth_evidence.details                ? 
# 
loop_
_pdbx_struct_oper_list.id 
_pdbx_struct_oper_list.type 
_pdbx_struct_oper_list.name 
_pdbx_struct_oper_list.symmetry_operation 
_pdbx_struct_oper_list.matrix[1][1] 
_pdbx_struct_oper_list.matrix[1][2] 
_pdbx_struct_oper_list.matrix[1][3] 
_pdbx_struct_oper_list.vector[1] 
_pdbx_struct_oper_list.matrix[2][1] 
_pdbx_struct_oper_list.matrix[2][2] 
_pdbx_struct_oper_list.matrix[2][3] 
_pdbx_struct_oper_list.vector[2] 
_pdbx_struct_oper_list.matrix[3][1] 
_pdbx_struct_oper_list.matrix[3][2] 
_pdbx_struct_oper_list.matrix[3][3] 
_pdbx_struct_oper_list.vector[3] 
1 'identity operation'         1_555 x,y,z     1.0000000000 0.0000000000  0.0000000000  0.0000000000  0.0000000000  1.0000000000  0.0000000000  0.0000000000  0.0000000000  0.0000000000  1.0000000000  0.0000000000  
2 'crystal symmetry operation' 2_555 -y,x-y,z  0.5199791398 -0.7486130414 0.4113395294  6.1932509514  -0.6426190293 -0.0255965051 0.7657581878  5.0852278130  -0.5627277116 -0.6625128928 -0.4943826347 36.7217668858 
3 'crystal symmetry operation' 3_555 -x+y,-x,z 0.5199791398 -0.6426190293 -0.5627277116 20.7118587023 -0.7486130414 -0.0255965051 -0.6625128928 29.0951565001 0.4113395294  0.7657581878  -0.4943826347 11.7130200974 
# 
loop_
_struct_conn.id 
_struct_conn.conn_type_id 
_struct_conn.pdbx_leaving_atom_flag 
_struct_conn.pdbx_PDB_id 
_struct_conn.ptnr1_label_asym_id 
_struct_conn.ptnr1_label_comp_id 
_struct_conn.ptnr1_label_seq_id 
_struct_conn.ptnr1_label_atom_id 
_struct_conn.pdbx_ptnr1_label_alt_id 
_struct_conn.pdbx_ptnr1_PDB_ins_code 
_struct_conn.pdbx_ptnr1_standard_comp_id 
_struct_conn.ptnr1_symmetry 
_struct_conn.ptnr2_label_asym_id 
_struct_conn.ptnr2_label_comp_id 
_struct_conn.ptnr2_label_seq_id 
_struct_conn.ptnr2_label_atom_id 
_struct_conn.pdbx_ptnr2_label_alt_id 
_struct_conn.pdbx_ptnr2_PDB_ins_code 
_struct_conn.ptnr1_auth_asym_id 
_struct_conn.ptnr1_auth_comp_id 
_struct_conn.ptnr1_auth_seq_id 
_struct_conn.ptnr2_auth_asym_id 
_struct_conn.ptnr2_auth_comp_id 
_struct_conn.ptnr2_auth_seq_id 
_struct_conn.ptnr2_symmetry 
_struct_conn.pdbx_ptnr3_label_atom_id 
_struct_conn.pdbx_ptnr3_label_seq_id 
_struct_conn.pdbx_ptnr3_label_comp_id 
_struct_conn.pdbx_ptnr3_label_asym_id 
_struct_conn.pdbx_ptnr3_label_alt_id 
_struct_conn.pdbx_ptnr3_PDB_ins_code 
_struct_conn.details 
_struct_conn.pdbx_dist_value 
_struct_conn.pdbx_value_order 
_struct_conn.pdbx_role 
hydrog1  hydrog ? ? A DG 3  N1 ? ? ? 1_555 C DC 14 N3 ? ? A DG 3  C DC 14 1_555 ? ? ? ? ? ? WATSON-CRICK    ? ? ? 
hydrog2  hydrog ? ? A DG 3  N2 ? ? ? 1_555 C DC 14 O2 ? ? A DG 3  C DC 14 1_555 ? ? ? ? ? ? WATSON-CRICK    ? ? ? 
hydrog3  hydrog ? ? A DG 3  O6 ? ? ? 1_555 C DC 14 N4 ? ? A DG 3  C DC 14 1_555 ? ? ? ? ? ? WATSON-CRICK    ? ? ? 
hydrog4  hydrog ? ? A DA 4  N1 ? ? ? 1_555 C DT 13 N3 ? ? A DA 4  C DT 13 1_555 ? ? ? ? ? ? WATSON-CRICK    ? ? ? 
hydrog5  hydrog ? ? A DA 4  N6 ? ? ? 1_555 C DT 13 O4 ? ? A DA 4  C DT 13 1_555 ? ? ? ? ? ? WATSON-CRICK    ? ? ? 
hydrog6  hydrog ? ? A DC 5  N3 ? ? ? 1_555 C DG 12 N1 ? ? A DC 5  C DG 12 1_555 ? ? ? ? ? ? WATSON-CRICK    ? ? ? 
hydrog7  hydrog ? ? A DC 5  N4 ? ? ? 1_555 C DG 12 O6 ? ? A DC 5  C DG 12 1_555 ? ? ? ? ? ? WATSON-CRICK    ? ? ? 
hydrog8  hydrog ? ? A DC 5  O2 ? ? ? 1_555 C DG 12 N2 ? ? A DC 5  C DG 12 1_555 ? ? ? ? ? ? WATSON-CRICK    ? ? ? 
hydrog9  hydrog ? ? A DC 6  N3 ? ? ? 1_555 C DG 11 N1 ? ? A DC 6  C DG 11 1_555 ? ? ? ? ? ? WATSON-CRICK    ? ? ? 
hydrog10 hydrog ? ? A DC 6  N4 ? ? ? 1_555 C DG 11 O6 ? ? A DC 6  C DG 11 1_555 ? ? ? ? ? ? WATSON-CRICK    ? ? ? 
hydrog11 hydrog ? ? A DC 6  O2 ? ? ? 1_555 C DG 11 N2 ? ? A DC 6  C DG 11 1_555 ? ? ? ? ? ? WATSON-CRICK    ? ? ? 
hydrog12 hydrog ? ? A DT 7  N3 ? ? ? 1_555 D DA 3  N1 ? ? A DT 7  D DA 3  1_555 ? ? ? ? ? ? WATSON-CRICK    ? ? ? 
hydrog13 hydrog ? ? A DT 7  O4 ? ? ? 1_555 D DA 3  N6 ? ? A DT 7  D DA 3  1_555 ? ? ? ? ? ? WATSON-CRICK    ? ? ? 
hydrog14 hydrog ? ? A DG 8  N1 ? ? ? 1_555 D DC 2  N3 ? ? A DG 8  D DC 2  1_555 ? ? ? ? ? ? WATSON-CRICK    ? ? ? 
hydrog15 hydrog ? ? A DG 8  N2 ? ? ? 1_555 D DC 2  O2 ? ? A DG 8  D DC 2  1_555 ? ? ? ? ? ? WATSON-CRICK    ? ? ? 
hydrog16 hydrog ? ? A DG 8  O6 ? ? ? 1_555 D DC 2  N4 ? ? A DG 8  D DC 2  1_555 ? ? ? ? ? ? WATSON-CRICK    ? ? ? 
hydrog17 hydrog ? ? A DT 9  N3 ? ? ? 1_555 D DA 1  N1 ? ? A DT 9  D DA 1  1_555 ? ? ? ? ? ? WATSON-CRICK    ? ? ? 
hydrog18 hydrog ? ? A DT 9  O4 ? ? ? 1_555 D DA 1  N6 ? ? A DT 9  D DA 1  1_555 ? ? ? ? ? ? WATSON-CRICK    ? ? ? 
hydrog19 hydrog ? ? A DA 10 N1 ? ? ? 1_555 D DA 1  N6 ? ? A DA 10 D DA 1  1_555 ? ? ? ? ? ? 'DA-DA MISPAIR' ? ? ? 
hydrog20 hydrog ? ? B DC 1  N3 ? ? ? 1_555 D DG 6  N1 ? ? B DC 1  D DG 6  1_555 ? ? ? ? ? ? WATSON-CRICK    ? ? ? 
hydrog21 hydrog ? ? B DC 1  N4 ? ? ? 1_555 D DG 6  O6 ? ? B DC 1  D DG 6  1_555 ? ? ? ? ? ? WATSON-CRICK    ? ? ? 
hydrog22 hydrog ? ? B DC 1  O2 ? ? ? 1_555 D DG 6  N2 ? ? B DC 1  D DG 6  1_555 ? ? ? ? ? ? WATSON-CRICK    ? ? ? 
hydrog23 hydrog ? ? B DG 2  N1 ? ? ? 1_555 D DC 5  N3 ? ? B DG 2  D DC 5  1_555 ? ? ? ? ? ? WATSON-CRICK    ? ? ? 
hydrog24 hydrog ? ? B DG 2  N2 ? ? ? 1_555 D DC 5  O2 ? ? B DG 2  D DC 5  1_555 ? ? ? ? ? ? WATSON-CRICK    ? ? ? 
hydrog25 hydrog ? ? B DG 2  O6 ? ? ? 1_555 D DC 5  N4 ? ? B DG 2  D DC 5  1_555 ? ? ? ? ? ? WATSON-CRICK    ? ? ? 
hydrog26 hydrog ? ? B DG 3  N1 ? ? ? 1_555 D DC 4  N3 ? ? B DG 3  D DC 4  1_555 ? ? ? ? ? ? WATSON-CRICK    ? ? ? 
hydrog27 hydrog ? ? B DG 3  N2 ? ? ? 1_555 D DC 4  O2 ? ? B DG 3  D DC 4  1_555 ? ? ? ? ? ? WATSON-CRICK    ? ? ? 
hydrog28 hydrog ? ? B DG 3  O6 ? ? ? 1_555 D DC 4  N4 ? ? B DG 3  D DC 4  1_555 ? ? ? ? ? ? WATSON-CRICK    ? ? ? 
hydrog29 hydrog ? ? B DA 4  N1 ? ? ? 1_555 C DT 10 N3 ? ? B DA 4  C DT 10 1_555 ? ? ? ? ? ? WATSON-CRICK    ? ? ? 
hydrog30 hydrog ? ? B DA 4  N6 ? ? ? 1_555 C DT 10 O4 ? ? B DA 4  C DT 10 1_555 ? ? ? ? ? ? WATSON-CRICK    ? ? ? 
hydrog31 hydrog ? ? B DC 5  N3 ? ? ? 1_555 C DG 9  N1 ? ? B DC 5  C DG 9  1_555 ? ? ? ? ? ? WATSON-CRICK    ? ? ? 
hydrog32 hydrog ? ? B DC 5  N4 ? ? ? 1_555 C DG 9  O6 ? ? B DC 5  C DG 9  1_555 ? ? ? ? ? ? WATSON-CRICK    ? ? ? 
hydrog33 hydrog ? ? B DC 5  O2 ? ? ? 1_555 C DG 9  N2 ? ? B DC 5  C DG 9  1_555 ? ? ? ? ? ? WATSON-CRICK    ? ? ? 
hydrog34 hydrog ? ? B DA 6  N1 ? ? ? 1_555 C DT 8  N3 ? ? B DA 6  C DT 8  1_555 ? ? ? ? ? ? WATSON-CRICK    ? ? ? 
hydrog35 hydrog ? ? B DA 6  N6 ? ? ? 1_555 C DT 8  O4 ? ? B DA 6  C DT 8  1_555 ? ? ? ? ? ? WATSON-CRICK    ? ? ? 
hydrog36 hydrog ? ? B DG 7  N1 ? ? ? 1_555 C DC 7  N3 ? ? B DG 7  C DC 7  1_555 ? ? ? ? ? ? WATSON-CRICK    ? ? ? 
hydrog37 hydrog ? ? B DG 7  N2 ? ? ? 1_555 C DC 7  O2 ? ? B DG 7  C DC 7  1_555 ? ? ? ? ? ? WATSON-CRICK    ? ? ? 
hydrog38 hydrog ? ? B DG 7  O6 ? ? ? 1_555 C DC 7  N4 ? ? B DG 7  C DC 7  1_555 ? ? ? ? ? ? WATSON-CRICK    ? ? ? 
hydrog39 hydrog ? ? B DT 8  N3 ? ? ? 1_555 C DA 6  N1 ? ? B DT 8  C DA 6  1_555 ? ? ? ? ? ? WATSON-CRICK    ? ? ? 
hydrog40 hydrog ? ? B DT 8  O4 ? ? ? 1_555 C DA 6  N6 ? ? B DT 8  C DA 6  1_555 ? ? ? ? ? ? WATSON-CRICK    ? ? ? 
hydrog41 hydrog ? ? B DG 9  N1 ? ? ? 1_555 C DC 5  N3 ? ? B DG 9  C DC 5  1_555 ? ? ? ? ? ? WATSON-CRICK    ? ? ? 
hydrog42 hydrog ? ? B DG 9  N2 ? ? ? 1_555 C DC 5  O2 ? ? B DG 9  C DC 5  1_555 ? ? ? ? ? ? WATSON-CRICK    ? ? ? 
hydrog43 hydrog ? ? B DG 9  O6 ? ? ? 1_555 C DC 5  N4 ? ? B DG 9  C DC 5  1_555 ? ? ? ? ? ? WATSON-CRICK    ? ? ? 
hydrog44 hydrog ? ? B DC 10 N3 ? ? ? 1_555 C DG 4  N1 ? ? B DC 10 C DG 4  1_555 ? ? ? ? ? ? WATSON-CRICK    ? ? ? 
hydrog45 hydrog ? ? B DC 10 N4 ? ? ? 1_555 C DG 4  O6 ? ? B DC 10 C DG 4  1_555 ? ? ? ? ? ? WATSON-CRICK    ? ? ? 
hydrog46 hydrog ? ? B DC 10 O2 ? ? ? 1_555 C DG 4  N2 ? ? B DC 10 C DG 4  1_555 ? ? ? ? ? ? WATSON-CRICK    ? ? ? 
hydrog47 hydrog ? ? B DA 11 N1 ? ? ? 1_555 C DT 3  N3 ? ? B DA 11 C DT 3  1_555 ? ? ? ? ? ? WATSON-CRICK    ? ? ? 
hydrog48 hydrog ? ? B DA 11 N6 ? ? ? 1_555 C DT 3  O4 ? ? B DA 11 C DT 3  1_555 ? ? ? ? ? ? WATSON-CRICK    ? ? ? 
# 
_struct_conn_type.id          hydrog 
_struct_conn_type.criteria    ? 
_struct_conn_type.reference   ? 
# 
_pdbx_entry_details.entry_id                   9NDB 
_pdbx_entry_details.compound_details           ? 
_pdbx_entry_details.source_details             ? 
_pdbx_entry_details.nonpolymer_details         ? 
_pdbx_entry_details.sequence_details           ? 
_pdbx_entry_details.has_ligand_of_interest     ? 
_pdbx_entry_details.has_protein_modification   N 
# 
loop_
_pdbx_validate_rmsd_bond.id 
_pdbx_validate_rmsd_bond.PDB_model_num 
_pdbx_validate_rmsd_bond.auth_atom_id_1 
_pdbx_validate_rmsd_bond.auth_asym_id_1 
_pdbx_validate_rmsd_bond.auth_comp_id_1 
_pdbx_validate_rmsd_bond.auth_seq_id_1 
_pdbx_validate_rmsd_bond.PDB_ins_code_1 
_pdbx_validate_rmsd_bond.label_alt_id_1 
_pdbx_validate_rmsd_bond.auth_atom_id_2 
_pdbx_validate_rmsd_bond.auth_asym_id_2 
_pdbx_validate_rmsd_bond.auth_comp_id_2 
_pdbx_validate_rmsd_bond.auth_seq_id_2 
_pdbx_validate_rmsd_bond.PDB_ins_code_2 
_pdbx_validate_rmsd_bond.label_alt_id_2 
_pdbx_validate_rmsd_bond.bond_value 
_pdbx_validate_rmsd_bond.bond_target_value 
_pdbx_validate_rmsd_bond.bond_deviation 
_pdbx_validate_rmsd_bond.bond_standard_deviation 
_pdbx_validate_rmsd_bond.linker_flag 
1 1 P B DC 1 ? ? OP3 B DC 1 ? ? 1.482 1.607 -0.125 0.012 N 
2 1 P D DA 1 ? ? OP3 D DA 1 ? ? 1.481 1.607 -0.126 0.012 N 
# 
_pdbx_validate_rmsd_angle.id                         1 
_pdbx_validate_rmsd_angle.PDB_model_num              1 
_pdbx_validate_rmsd_angle.auth_atom_id_1             "O4'" 
_pdbx_validate_rmsd_angle.auth_asym_id_1             A 
_pdbx_validate_rmsd_angle.auth_comp_id_1             DA 
_pdbx_validate_rmsd_angle.auth_seq_id_1              2 
_pdbx_validate_rmsd_angle.PDB_ins_code_1             ? 
_pdbx_validate_rmsd_angle.label_alt_id_1             ? 
_pdbx_validate_rmsd_angle.auth_atom_id_2             "C1'" 
_pdbx_validate_rmsd_angle.auth_asym_id_2             A 
_pdbx_validate_rmsd_angle.auth_comp_id_2             DA 
_pdbx_validate_rmsd_angle.auth_seq_id_2              2 
_pdbx_validate_rmsd_angle.PDB_ins_code_2             ? 
_pdbx_validate_rmsd_angle.label_alt_id_2             ? 
_pdbx_validate_rmsd_angle.auth_atom_id_3             N9 
_pdbx_validate_rmsd_angle.auth_asym_id_3             A 
_pdbx_validate_rmsd_angle.auth_comp_id_3             DA 
_pdbx_validate_rmsd_angle.auth_seq_id_3              2 
_pdbx_validate_rmsd_angle.PDB_ins_code_3             ? 
_pdbx_validate_rmsd_angle.label_alt_id_3             ? 
_pdbx_validate_rmsd_angle.angle_value                110.31 
_pdbx_validate_rmsd_angle.angle_target_value         108.30 
_pdbx_validate_rmsd_angle.angle_deviation            2.01 
_pdbx_validate_rmsd_angle.angle_standard_deviation   0.30 
_pdbx_validate_rmsd_angle.linker_flag                N 
# 
loop_
_space_group_symop.id 
_space_group_symop.operation_xyz 
1 x,y,z                 
2 -y,x-y,z              
3 -x+y,-x,z             
4 x+1/3,y+2/3,z+2/3     
5 -y+1/3,x-y+2/3,z+2/3  
6 -x+y+1/3,-x+2/3,z+2/3 
7 x+2/3,y+1/3,z+1/3     
8 -y+2/3,x-y+1/3,z+1/3  
9 -x+y+2/3,-x+1/3,z+1/3 
# 
loop_
_pdbx_refine_tls.id 
_pdbx_refine_tls.pdbx_refine_id 
_pdbx_refine_tls.details 
_pdbx_refine_tls.method 
_pdbx_refine_tls.origin_x 
_pdbx_refine_tls.origin_y 
_pdbx_refine_tls.origin_z 
_pdbx_refine_tls.T[1][1] 
_pdbx_refine_tls.T[1][1]_esd 
_pdbx_refine_tls.T[1][2] 
_pdbx_refine_tls.T[1][2]_esd 
_pdbx_refine_tls.T[1][3] 
_pdbx_refine_tls.T[1][3]_esd 
_pdbx_refine_tls.T[2][2] 
_pdbx_refine_tls.T[2][2]_esd 
_pdbx_refine_tls.T[2][3] 
_pdbx_refine_tls.T[2][3]_esd 
_pdbx_refine_tls.T[3][3] 
_pdbx_refine_tls.T[3][3]_esd 
_pdbx_refine_tls.L[1][1] 
_pdbx_refine_tls.L[1][1]_esd 
_pdbx_refine_tls.L[1][2] 
_pdbx_refine_tls.L[1][2]_esd 
_pdbx_refine_tls.L[1][3] 
_pdbx_refine_tls.L[1][3]_esd 
_pdbx_refine_tls.L[2][2] 
_pdbx_refine_tls.L[2][2]_esd 
_pdbx_refine_tls.L[2][3] 
_pdbx_refine_tls.L[2][3]_esd 
_pdbx_refine_tls.L[3][3] 
_pdbx_refine_tls.L[3][3]_esd 
_pdbx_refine_tls.S[1][1] 
_pdbx_refine_tls.S[1][1]_esd 
_pdbx_refine_tls.S[1][2] 
_pdbx_refine_tls.S[1][2]_esd 
_pdbx_refine_tls.S[1][3] 
_pdbx_refine_tls.S[1][3]_esd 
_pdbx_refine_tls.S[2][1] 
_pdbx_refine_tls.S[2][1]_esd 
_pdbx_refine_tls.S[2][2] 
_pdbx_refine_tls.S[2][2]_esd 
_pdbx_refine_tls.S[2][3] 
_pdbx_refine_tls.S[2][3]_esd 
_pdbx_refine_tls.S[3][1] 
_pdbx_refine_tls.S[3][1]_esd 
_pdbx_refine_tls.S[3][2] 
_pdbx_refine_tls.S[3][2]_esd 
_pdbx_refine_tls.S[3][3] 
_pdbx_refine_tls.S[3][3]_esd 
1 'X-RAY DIFFRACTION' ? refined 6.62738003818 -10.2033606934 5.7896124401  3.67735847532 ? 0.72608184185   ? -0.067076073728 ? 4.05660859253 ? -1.886467904408 ? 1.60322539603 ? 1.10669488187  ? -0.211705547435 ? -0.209739606309 ? 1.239844893101 ? -1.036392355037 ? 1.62131108023 ? -0.895537162597 ? 2.86749896297  ? -2.28310743885 ? -2.490055137700 ? -0.351453122828 ? 1.45995693443  ? 1.83828197523   ? 1.79178276271  ? 0.982674983686  ? 
2 'X-RAY DIFFRACTION' ? refined -4.490130915  6.192255527    -2.5766968514 2.11135031939 ? 0.158743650512  ? 0.359140040876  ? 2.74086808058 ? -0.629299540401 ? 2.9840903383  ? 10.07521292646 ? 4.54438530214   ? -4.10029072186  ? 5.12679192413  ? -4.66466689318  ? 4.1196787433  ? 3.44424883630   ? 2.58673254971  ? 3.301745123385 ? 1.32942865860   ? 0.27931746537   ? 4.5069774464   ? -0.280350617763 ? -1.29044125986 ? -1.867852272651 ? 
3 'X-RAY DIFFRACTION' ? refined -4.6633586619 -0.2535040881  -4.1575126796 2.62186611748 ? -0.521301177649 ? 0.165901758213  ? 3.4154135739  ? -0.505854644519 ? 1.9710418154  ? 7.45020892959  ? -2.13406899466  ? 0.95243858410   ? 5.60116743923  ? -1.848565973130 ? 2.59302743199 ? 2.88019525052   ? 0.08513975744  ? 2.08472711914  ? -2.79203246850  ? -0.706657514717 ? 0.850723105951 ? 2.944133880463  ? -0.49002362574 ? -1.09383232105  ? 
4 'X-RAY DIFFRACTION' ? refined 7.16636887085 5.3723336019   4.1518454154  0.01660876934 ? -0.610852926679 ? -0.208189493134 ? 5.55133313213 ? 0.28371569819   ? 3.57986042395 ? 0.94020971520  ? -1.17687216258  ? 2.04234896129   ? 3.94212514700  ? -1.14211392588  ? 5.08073123060 ? 4.521460030274  ? 0.148348011395 ? 3.850320802769 ? -3.6218187194   ? 2.13480607987   ? -0.28693070657 ? -0.68609358717  ? 0.84375638989  ? 0.37411727130   ? 
# 
loop_
_pdbx_refine_tls_group.id 
_pdbx_refine_tls_group.pdbx_refine_id 
_pdbx_refine_tls_group.refine_tls_id 
_pdbx_refine_tls_group.beg_label_asym_id 
_pdbx_refine_tls_group.beg_label_seq_id 
_pdbx_refine_tls_group.beg_auth_asym_id 
_pdbx_refine_tls_group.beg_auth_seq_id 
_pdbx_refine_tls_group.beg_PDB_ins_code 
_pdbx_refine_tls_group.end_label_asym_id 
_pdbx_refine_tls_group.end_label_seq_id 
_pdbx_refine_tls_group.end_auth_asym_id 
_pdbx_refine_tls_group.end_auth_seq_id 
_pdbx_refine_tls_group.end_PDB_ins_code 
_pdbx_refine_tls_group.selection 
_pdbx_refine_tls_group.selection_details 
1 'X-RAY DIFFRACTION' 1 A ? A 1 ? A ? A 10 ? ? 
;chain 'A' and (resid 1 through 10 )
;
2 'X-RAY DIFFRACTION' 2 B ? B 1 ? B ? B 11 ? ? 
;chain 'B' and (resid 1 through 11 )
;
3 'X-RAY DIFFRACTION' 3 C ? C 1 ? C ? C 14 ? ? 
;chain 'C' and (resid 1 through 14 )
;
4 'X-RAY DIFFRACTION' 4 D ? D 1 ? D ? D 7  ? ? 
;chain 'D' and (resid 1 through 7 )
;
# 
loop_
_chem_comp_atom.comp_id 
_chem_comp_atom.atom_id 
_chem_comp_atom.type_symbol 
_chem_comp_atom.pdbx_aromatic_flag 
_chem_comp_atom.pdbx_stereo_config 
_chem_comp_atom.pdbx_ordinal 
DA OP3    O N N 1   
DA P      P N N 2   
DA OP1    O N N 3   
DA OP2    O N N 4   
DA "O5'"  O N N 5   
DA "C5'"  C N N 6   
DA "C4'"  C N R 7   
DA "O4'"  O N N 8   
DA "C3'"  C N S 9   
DA "O3'"  O N N 10  
DA "C2'"  C N N 11  
DA "C1'"  C N R 12  
DA N9     N Y N 13  
DA C8     C Y N 14  
DA N7     N Y N 15  
DA C5     C Y N 16  
DA C6     C Y N 17  
DA N6     N N N 18  
DA N1     N Y N 19  
DA C2     C Y N 20  
DA N3     N Y N 21  
DA C4     C Y N 22  
DA HOP3   H N N 23  
DA HOP2   H N N 24  
DA "H5'"  H N N 25  
DA "H5''" H N N 26  
DA "H4'"  H N N 27  
DA "H3'"  H N N 28  
DA "HO3'" H N N 29  
DA "H2'"  H N N 30  
DA "H2''" H N N 31  
DA "H1'"  H N N 32  
DA H8     H N N 33  
DA H61    H N N 34  
DA H62    H N N 35  
DA H2     H N N 36  
DC OP3    O N N 37  
DC P      P N N 38  
DC OP1    O N N 39  
DC OP2    O N N 40  
DC "O5'"  O N N 41  
DC "C5'"  C N N 42  
DC "C4'"  C N R 43  
DC "O4'"  O N N 44  
DC "C3'"  C N S 45  
DC "O3'"  O N N 46  
DC "C2'"  C N N 47  
DC "C1'"  C N R 48  
DC N1     N N N 49  
DC C2     C N N 50  
DC O2     O N N 51  
DC N3     N N N 52  
DC C4     C N N 53  
DC N4     N N N 54  
DC C5     C N N 55  
DC C6     C N N 56  
DC HOP3   H N N 57  
DC HOP2   H N N 58  
DC "H5'"  H N N 59  
DC "H5''" H N N 60  
DC "H4'"  H N N 61  
DC "H3'"  H N N 62  
DC "HO3'" H N N 63  
DC "H2'"  H N N 64  
DC "H2''" H N N 65  
DC "H1'"  H N N 66  
DC H41    H N N 67  
DC H42    H N N 68  
DC H5     H N N 69  
DC H6     H N N 70  
DG OP3    O N N 71  
DG P      P N N 72  
DG OP1    O N N 73  
DG OP2    O N N 74  
DG "O5'"  O N N 75  
DG "C5'"  C N N 76  
DG "C4'"  C N R 77  
DG "O4'"  O N N 78  
DG "C3'"  C N S 79  
DG "O3'"  O N N 80  
DG "C2'"  C N N 81  
DG "C1'"  C N R 82  
DG N9     N Y N 83  
DG C8     C Y N 84  
DG N7     N Y N 85  
DG C5     C Y N 86  
DG C6     C N N 87  
DG O6     O N N 88  
DG N1     N N N 89  
DG C2     C N N 90  
DG N2     N N N 91  
DG N3     N N N 92  
DG C4     C Y N 93  
DG HOP3   H N N 94  
DG HOP2   H N N 95  
DG "H5'"  H N N 96  
DG "H5''" H N N 97  
DG "H4'"  H N N 98  
DG "H3'"  H N N 99  
DG "HO3'" H N N 100 
DG "H2'"  H N N 101 
DG "H2''" H N N 102 
DG "H1'"  H N N 103 
DG H8     H N N 104 
DG H1     H N N 105 
DG H21    H N N 106 
DG H22    H N N 107 
DT OP3    O N N 108 
DT P      P N N 109 
DT OP1    O N N 110 
DT OP2    O N N 111 
DT "O5'"  O N N 112 
DT "C5'"  C N N 113 
DT "C4'"  C N R 114 
DT "O4'"  O N N 115 
DT "C3'"  C N S 116 
DT "O3'"  O N N 117 
DT "C2'"  C N N 118 
DT "C1'"  C N R 119 
DT N1     N N N 120 
DT C2     C N N 121 
DT O2     O N N 122 
DT N3     N N N 123 
DT C4     C N N 124 
DT O4     O N N 125 
DT C5     C N N 126 
DT C7     C N N 127 
DT C6     C N N 128 
DT HOP3   H N N 129 
DT HOP2   H N N 130 
DT "H5'"  H N N 131 
DT "H5''" H N N 132 
DT "H4'"  H N N 133 
DT "H3'"  H N N 134 
DT "HO3'" H N N 135 
DT "H2'"  H N N 136 
DT "H2''" H N N 137 
DT "H1'"  H N N 138 
DT H3     H N N 139 
DT H71    H N N 140 
DT H72    H N N 141 
DT H73    H N N 142 
DT H6     H N N 143 
# 
loop_
_chem_comp_bond.comp_id 
_chem_comp_bond.atom_id_1 
_chem_comp_bond.atom_id_2 
_chem_comp_bond.value_order 
_chem_comp_bond.pdbx_aromatic_flag 
_chem_comp_bond.pdbx_stereo_config 
_chem_comp_bond.pdbx_ordinal 
DA OP3   P      sing N N 1   
DA OP3   HOP3   sing N N 2   
DA P     OP1    doub N N 3   
DA P     OP2    sing N N 4   
DA P     "O5'"  sing N N 5   
DA OP2   HOP2   sing N N 6   
DA "O5'" "C5'"  sing N N 7   
DA "C5'" "C4'"  sing N N 8   
DA "C5'" "H5'"  sing N N 9   
DA "C5'" "H5''" sing N N 10  
DA "C4'" "O4'"  sing N N 11  
DA "C4'" "C3'"  sing N N 12  
DA "C4'" "H4'"  sing N N 13  
DA "O4'" "C1'"  sing N N 14  
DA "C3'" "O3'"  sing N N 15  
DA "C3'" "C2'"  sing N N 16  
DA "C3'" "H3'"  sing N N 17  
DA "O3'" "HO3'" sing N N 18  
DA "C2'" "C1'"  sing N N 19  
DA "C2'" "H2'"  sing N N 20  
DA "C2'" "H2''" sing N N 21  
DA "C1'" N9     sing N N 22  
DA "C1'" "H1'"  sing N N 23  
DA N9    C8     sing Y N 24  
DA N9    C4     sing Y N 25  
DA C8    N7     doub Y N 26  
DA C8    H8     sing N N 27  
DA N7    C5     sing Y N 28  
DA C5    C6     sing Y N 29  
DA C5    C4     doub Y N 30  
DA C6    N6     sing N N 31  
DA C6    N1     doub Y N 32  
DA N6    H61    sing N N 33  
DA N6    H62    sing N N 34  
DA N1    C2     sing Y N 35  
DA C2    N3     doub Y N 36  
DA C2    H2     sing N N 37  
DA N3    C4     sing Y N 38  
DC OP3   P      sing N N 39  
DC OP3   HOP3   sing N N 40  
DC P     OP1    doub N N 41  
DC P     OP2    sing N N 42  
DC P     "O5'"  sing N N 43  
DC OP2   HOP2   sing N N 44  
DC "O5'" "C5'"  sing N N 45  
DC "C5'" "C4'"  sing N N 46  
DC "C5'" "H5'"  sing N N 47  
DC "C5'" "H5''" sing N N 48  
DC "C4'" "O4'"  sing N N 49  
DC "C4'" "C3'"  sing N N 50  
DC "C4'" "H4'"  sing N N 51  
DC "O4'" "C1'"  sing N N 52  
DC "C3'" "O3'"  sing N N 53  
DC "C3'" "C2'"  sing N N 54  
DC "C3'" "H3'"  sing N N 55  
DC "O3'" "HO3'" sing N N 56  
DC "C2'" "C1'"  sing N N 57  
DC "C2'" "H2'"  sing N N 58  
DC "C2'" "H2''" sing N N 59  
DC "C1'" N1     sing N N 60  
DC "C1'" "H1'"  sing N N 61  
DC N1    C2     sing N N 62  
DC N1    C6     sing N N 63  
DC C2    O2     doub N N 64  
DC C2    N3     sing N N 65  
DC N3    C4     doub N N 66  
DC C4    N4     sing N N 67  
DC C4    C5     sing N N 68  
DC N4    H41    sing N N 69  
DC N4    H42    sing N N 70  
DC C5    C6     doub N N 71  
DC C5    H5     sing N N 72  
DC C6    H6     sing N N 73  
DG OP3   P      sing N N 74  
DG OP3   HOP3   sing N N 75  
DG P     OP1    doub N N 76  
DG P     OP2    sing N N 77  
DG P     "O5'"  sing N N 78  
DG OP2   HOP2   sing N N 79  
DG "O5'" "C5'"  sing N N 80  
DG "C5'" "C4'"  sing N N 81  
DG "C5'" "H5'"  sing N N 82  
DG "C5'" "H5''" sing N N 83  
DG "C4'" "O4'"  sing N N 84  
DG "C4'" "C3'"  sing N N 85  
DG "C4'" "H4'"  sing N N 86  
DG "O4'" "C1'"  sing N N 87  
DG "C3'" "O3'"  sing N N 88  
DG "C3'" "C2'"  sing N N 89  
DG "C3'" "H3'"  sing N N 90  
DG "O3'" "HO3'" sing N N 91  
DG "C2'" "C1'"  sing N N 92  
DG "C2'" "H2'"  sing N N 93  
DG "C2'" "H2''" sing N N 94  
DG "C1'" N9     sing N N 95  
DG "C1'" "H1'"  sing N N 96  
DG N9    C8     sing Y N 97  
DG N9    C4     sing Y N 98  
DG C8    N7     doub Y N 99  
DG C8    H8     sing N N 100 
DG N7    C5     sing Y N 101 
DG C5    C6     sing N N 102 
DG C5    C4     doub Y N 103 
DG C6    O6     doub N N 104 
DG C6    N1     sing N N 105 
DG N1    C2     sing N N 106 
DG N1    H1     sing N N 107 
DG C2    N2     sing N N 108 
DG C2    N3     doub N N 109 
DG N2    H21    sing N N 110 
DG N2    H22    sing N N 111 
DG N3    C4     sing N N 112 
DT OP3   P      sing N N 113 
DT OP3   HOP3   sing N N 114 
DT P     OP1    doub N N 115 
DT P     OP2    sing N N 116 
DT P     "O5'"  sing N N 117 
DT OP2   HOP2   sing N N 118 
DT "O5'" "C5'"  sing N N 119 
DT "C5'" "C4'"  sing N N 120 
DT "C5'" "H5'"  sing N N 121 
DT "C5'" "H5''" sing N N 122 
DT "C4'" "O4'"  sing N N 123 
DT "C4'" "C3'"  sing N N 124 
DT "C4'" "H4'"  sing N N 125 
DT "O4'" "C1'"  sing N N 126 
DT "C3'" "O3'"  sing N N 127 
DT "C3'" "C2'"  sing N N 128 
DT "C3'" "H3'"  sing N N 129 
DT "O3'" "HO3'" sing N N 130 
DT "C2'" "C1'"  sing N N 131 
DT "C2'" "H2'"  sing N N 132 
DT "C2'" "H2''" sing N N 133 
DT "C1'" N1     sing N N 134 
DT "C1'" "H1'"  sing N N 135 
DT N1    C2     sing N N 136 
DT N1    C6     sing N N 137 
DT C2    O2     doub N N 138 
DT C2    N3     sing N N 139 
DT N3    C4     sing N N 140 
DT N3    H3     sing N N 141 
DT C4    O4     doub N N 142 
DT C4    C5     sing N N 143 
DT C5    C7     sing N N 144 
DT C5    C6     doub N N 145 
DT C7    H71    sing N N 146 
DT C7    H72    sing N N 147 
DT C7    H73    sing N N 148 
DT C6    H6     sing N N 149 
# 
loop_
_ndb_struct_conf_na.entry_id 
_ndb_struct_conf_na.feature 
9NDB 'double helix'        
9NDB 'a-form double helix' 
9NDB 'b-form double helix' 
# 
loop_
_ndb_struct_na_base_pair.model_number 
_ndb_struct_na_base_pair.i_label_asym_id 
_ndb_struct_na_base_pair.i_label_comp_id 
_ndb_struct_na_base_pair.i_label_seq_id 
_ndb_struct_na_base_pair.i_symmetry 
_ndb_struct_na_base_pair.j_label_asym_id 
_ndb_struct_na_base_pair.j_label_comp_id 
_ndb_struct_na_base_pair.j_label_seq_id 
_ndb_struct_na_base_pair.j_symmetry 
_ndb_struct_na_base_pair.shear 
_ndb_struct_na_base_pair.stretch 
_ndb_struct_na_base_pair.stagger 
_ndb_struct_na_base_pair.buckle 
_ndb_struct_na_base_pair.propeller 
_ndb_struct_na_base_pair.opening 
_ndb_struct_na_base_pair.pair_number 
_ndb_struct_na_base_pair.pair_name 
_ndb_struct_na_base_pair.i_auth_asym_id 
_ndb_struct_na_base_pair.i_auth_seq_id 
_ndb_struct_na_base_pair.i_PDB_ins_code 
_ndb_struct_na_base_pair.j_auth_asym_id 
_ndb_struct_na_base_pair.j_auth_seq_id 
_ndb_struct_na_base_pair.j_PDB_ins_code 
_ndb_struct_na_base_pair.hbond_type_28 
_ndb_struct_na_base_pair.hbond_type_12 
1 A DG 3  1_555 C DC 14 1_555 -0.179 -0.135 0.057  5.919   10.490 -1.228 1  A_DG3:DC14_C A 3  ? C 14 ? 19 1 
1 A DA 4  1_555 C DT 13 1_555 0.093  -0.108 0.136  9.989   3.759  -1.964 2  A_DA4:DT13_C A 4  ? C 13 ? 20 1 
1 A DC 5  1_555 C DG 12 1_555 0.260  -0.142 0.212  4.831   -2.382 0.596  3  A_DC5:DG12_C A 5  ? C 12 ? 19 1 
1 A DC 6  1_555 C DG 11 1_555 0.204  -0.131 -0.101 0.139   -5.253 -0.388 4  A_DC6:DG11_C A 6  ? C 11 ? 19 1 
1 A DT 7  1_555 D DA 3  1_555 -0.127 -0.251 -0.667 -3.137  -1.821 3.222  5  A_DT7:DA3_D  A 7  ? D 3  ? 20 1 
1 A DG 8  1_555 D DC 2  1_555 -0.127 -0.336 -1.175 -6.182  2.616  -2.236 6  A_DG8:DC2_D  A 8  ? D 2  ? 19 1 
1 A DT 9  1_555 D DA 1  1_555 -0.156 -0.287 -1.159 0.861   -2.288 0.301  7  A_DT9:DA1_D  A 9  ? D 1  ? 20 1 
1 B DC 1  1_555 D DG 6  1_555 0.125  -0.155 -0.269 -2.637  -7.278 4.368  8  B_DC1:DG6_D  B 1  ? D 6  ? 19 1 
1 B DG 2  1_555 D DC 5  1_555 -0.178 -0.071 -0.225 -10.174 -8.188 0.891  9  B_DG2:DC5_D  B 2  ? D 5  ? 19 1 
1 B DG 3  1_555 D DC 4  1_555 -0.214 -0.211 -0.834 -7.855  -7.433 2.491  10 B_DG3:DC4_D  B 3  ? D 4  ? 19 1 
1 B DA 4  1_555 C DT 10 1_555 0.117  -0.005 -0.039 -4.773  -1.721 0.569  11 B_DA4:DT10_C B 4  ? C 10 ? 20 1 
1 B DC 5  1_555 C DG 9  1_555 0.198  -0.028 0.264  -0.668  -2.188 2.042  12 B_DC5:DG9_C  B 5  ? C 9  ? 19 1 
1 B DA 6  1_555 C DT 8  1_555 0.071  -0.066 0.106  -3.814  -8.286 2.311  13 B_DA6:DT8_C  B 6  ? C 8  ? 20 1 
1 B DG 7  1_555 C DC 7  1_555 -0.204 -0.086 -0.467 -6.091  -6.343 2.315  14 B_DG7:DC7_C  B 7  ? C 7  ? 19 1 
1 B DT 8  1_555 C DA 6  1_555 -0.166 -0.163 -0.305 -1.088  -5.789 5.317  15 B_DT8:DA6_C  B 8  ? C 6  ? 20 1 
1 B DG 9  1_555 C DC 5  1_555 -0.207 -0.188 -0.583 -7.271  -0.033 0.875  16 B_DG9:DC5_C  B 9  ? C 5  ? 19 1 
1 B DC 10 1_555 C DG 4  1_555 0.199  -0.188 -0.301 -0.887  5.181  0.378  17 B_DC10:DG4_C B 10 ? C 4  ? 19 1 
1 B DA 11 1_555 C DT 3  1_555 -0.050 -0.187 -0.329 1.874   -3.012 4.491  18 B_DA11:DT3_C B 11 ? C 3  ? 20 1 
# 
loop_
_ndb_struct_na_base_pair_step.model_number 
_ndb_struct_na_base_pair_step.i_label_asym_id_1 
_ndb_struct_na_base_pair_step.i_label_comp_id_1 
_ndb_struct_na_base_pair_step.i_label_seq_id_1 
_ndb_struct_na_base_pair_step.i_symmetry_1 
_ndb_struct_na_base_pair_step.j_label_asym_id_1 
_ndb_struct_na_base_pair_step.j_label_comp_id_1 
_ndb_struct_na_base_pair_step.j_label_seq_id_1 
_ndb_struct_na_base_pair_step.j_symmetry_1 
_ndb_struct_na_base_pair_step.i_label_asym_id_2 
_ndb_struct_na_base_pair_step.i_label_comp_id_2 
_ndb_struct_na_base_pair_step.i_label_seq_id_2 
_ndb_struct_na_base_pair_step.i_symmetry_2 
_ndb_struct_na_base_pair_step.j_label_asym_id_2 
_ndb_struct_na_base_pair_step.j_label_comp_id_2 
_ndb_struct_na_base_pair_step.j_label_seq_id_2 
_ndb_struct_na_base_pair_step.j_symmetry_2 
_ndb_struct_na_base_pair_step.shift 
_ndb_struct_na_base_pair_step.slide 
_ndb_struct_na_base_pair_step.rise 
_ndb_struct_na_base_pair_step.tilt 
_ndb_struct_na_base_pair_step.roll 
_ndb_struct_na_base_pair_step.twist 
_ndb_struct_na_base_pair_step.x_displacement 
_ndb_struct_na_base_pair_step.y_displacement 
_ndb_struct_na_base_pair_step.helical_rise 
_ndb_struct_na_base_pair_step.inclination 
_ndb_struct_na_base_pair_step.tip 
_ndb_struct_na_base_pair_step.helical_twist 
_ndb_struct_na_base_pair_step.step_number 
_ndb_struct_na_base_pair_step.step_name 
_ndb_struct_na_base_pair_step.i_auth_asym_id_1 
_ndb_struct_na_base_pair_step.i_auth_seq_id_1 
_ndb_struct_na_base_pair_step.i_PDB_ins_code_1 
_ndb_struct_na_base_pair_step.j_auth_asym_id_1 
_ndb_struct_na_base_pair_step.j_auth_seq_id_1 
_ndb_struct_na_base_pair_step.j_PDB_ins_code_1 
_ndb_struct_na_base_pair_step.i_auth_asym_id_2 
_ndb_struct_na_base_pair_step.i_auth_seq_id_2 
_ndb_struct_na_base_pair_step.i_PDB_ins_code_2 
_ndb_struct_na_base_pair_step.j_auth_asym_id_2 
_ndb_struct_na_base_pair_step.j_auth_seq_id_2 
_ndb_struct_na_base_pair_step.j_PDB_ins_code_2 
1 A DG 3  1_555 C DC 14 1_555 A DA 4  1_555 C DT 13 1_555 -0.528 -1.278 3.058 -2.152  7.622  31.201 -3.527 0.608  2.708 13.893 
3.922   32.166 1  AA_DG3DA4:DT13DC14_CC A 3  ? C 14 ? A 4  ? C 13 ? 
1 A DA 4  1_555 C DT 13 1_555 A DC 5  1_555 C DG 12 1_555 0.442  -1.793 3.400 -1.926  1.812  33.627 -3.390 -1.082 3.272 3.125  
3.322   33.727 2  AA_DA4DC5:DG12DT13_CC A 4  ? C 13 ? A 5  ? C 12 ? 
1 A DC 5  1_555 C DG 12 1_555 A DC 6  1_555 C DG 11 1_555 -0.253 -1.195 3.113 2.228   1.274  34.824 -2.174 0.739  3.048 2.126  
-3.717  34.915 3  AA_DC5DC6:DG11DG12_CC A 5  ? C 12 ? A 6  ? C 11 ? 
1 A DC 6  1_555 C DG 11 1_555 A DT 7  1_555 D DA 3  1_555 -1.343 -1.665 3.256 4.467   6.412  17.027 -8.038 6.160  2.079 20.320 
-14.156 18.722 4  AA_DC6DT7:DA3DG11_DC  A 6  ? C 11 ? A 7  ? D 3  ? 
1 A DT 7  1_555 D DA 3  1_555 A DG 8  1_555 D DC 2  1_555 -0.801 1.922  3.584 -0.305  -1.045 39.779 2.956  1.139  3.540 -1.536 
0.449   39.793 5  AA_DT7DG8:DC2DA3_DD   A 7  ? D 3  ? A 8  ? D 2  ? 
1 A DG 8  1_555 D DC 2  1_555 A DT 9  1_555 D DA 1  1_555 0.443  -1.193 3.233 -1.972  0.914  24.818 -3.033 -1.605 3.143 2.122  
4.578   24.912 6  AA_DG8DT9:DA1DC2_DD   A 8  ? D 2  ? A 9  ? D 1  ? 
1 B DC 1  1_555 D DG 6  1_555 B DG 2  1_555 D DC 5  1_555 -1.143 3.053  3.401 -2.286  -0.731 42.078 4.324  1.344  3.404 -1.016 
3.181   42.143 7  BB_DC1DG2:DC5DG6_DD   B 1  ? D 6  ? B 2  ? D 5  ? 
1 B DG 2  1_555 D DC 5  1_555 B DG 3  1_555 D DC 4  1_555 0.383  0.364  3.515 -4.692  1.837  30.332 0.303  -1.707 3.434 3.480  
8.890   30.738 8  BB_DG2DG3:DC4DC5_DD   B 2  ? D 5  ? B 3  ? D 4  ? 
1 B DG 3  1_555 D DC 4  1_555 B DA 4  1_555 C DT 10 1_555 -1.099 0.291  2.882 -10.235 3.137  34.097 0.050  0.407  3.088 5.193  
16.944  35.690 9  BB_DG3DA4:DT10DC4_CD  B 3  ? D 4  ? B 4  ? C 10 ? 
1 B DA 4  1_555 C DT 10 1_555 B DC 5  1_555 C DG 9  1_555 -0.192 -0.336 3.170 -3.953  4.682  28.078 -1.692 -0.472 3.072 9.508  
8.028   28.725 10 BB_DA4DC5:DG9DT10_CC  B 4  ? C 10 ? B 5  ? C 9  ? 
1 B DC 5  1_555 C DG 9  1_555 B DA 6  1_555 C DT 8  1_555 -0.575 0.901  3.291 1.050   -0.284 43.762 1.236  0.871  3.272 -0.381 
-1.409  43.775 11 BB_DC5DA6:DT8DG9_CC   B 5  ? C 9  ? B 6  ? C 8  ? 
1 B DA 6  1_555 C DT 8  1_555 B DG 7  1_555 C DC 7  1_555 -0.032 -0.509 3.440 0.105   0.683  32.779 -1.026 0.076  3.429 1.211  
-0.187  32.786 12 BB_DA6DG7:DC7DT8_CC   B 6  ? C 8  ? B 7  ? C 7  ? 
1 B DG 7  1_555 C DC 7  1_555 B DT 8  1_555 C DA 6  1_555 -0.510 -0.405 3.157 -1.114  1.152  31.114 -0.967 0.744  3.156 2.145  
2.074   31.154 13 BB_DG7DT8:DA6DC7_CC   B 7  ? C 7  ? B 8  ? C 6  ? 
1 B DT 8  1_555 C DA 6  1_555 B DG 9  1_555 C DC 5  1_555 -0.208 0.701  3.545 -2.809  5.785  41.753 0.320  -0.028 3.613 8.059  
3.914   42.223 14 BB_DT8DG9:DC5DA6_CC   B 8  ? C 6  ? B 9  ? C 5  ? 
1 B DG 9  1_555 C DC 5  1_555 B DC 10 1_555 C DG 4  1_555 -0.456 -0.552 3.038 -3.024  1.864  31.535 -1.328 0.318  3.031 3.417  
5.542   31.730 15 BB_DG9DC10:DG4DC5_CC  B 9  ? C 5  ? B 10 ? C 4  ? 
1 B DC 10 1_555 C DG 4  1_555 B DA 11 1_555 C DT 3  1_555 0.080  0.175  3.152 0.087   9.169  30.278 -1.332 -0.132 3.072 17.069 
-0.162  31.605 16 BB_DC10DA11:DT3DG4_CC B 10 ? C 4  ? B 11 ? C 3  ? 
# 
loop_
_pdbx_audit_support.funding_organization 
_pdbx_audit_support.country 
_pdbx_audit_support.grant_number 
_pdbx_audit_support.ordinal 
'Office of Naval Research (ONR)'                   'United States' N000141912596 1 
'Department of Energy (DOE, United States)'        'United States' DE-SC0007991  2 
'National Science Foundation (NSF, United States)' 'United States' CCF-2106790   3 
'National Science Foundation (NSF, United States)' 'United States' GCR-2317843   4 
# 
_pdbx_initial_refinement_model.id               1 
_pdbx_initial_refinement_model.entity_id_list   ? 
_pdbx_initial_refinement_model.type             'experimental model' 
_pdbx_initial_refinement_model.source_name      PDB 
_pdbx_initial_refinement_model.accession_code   8D93 
_pdbx_initial_refinement_model.details          'tensegrity triangle' 
# 
_space_group.name_H-M_alt     'R 3 :H' 
_space_group.name_Hall        'R 3' 
_space_group.IT_number        146 
_space_group.crystal_system   trigonal 
_space_group.id               1 
# 
_atom_sites.entry_id                    9NDB 
_atom_sites.Cartn_transf_matrix[1][1]   ? 
_atom_sites.Cartn_transf_matrix[1][2]   ? 
_atom_sites.Cartn_transf_matrix[1][3]   ? 
_atom_sites.Cartn_transf_matrix[2][1]   ? 
_atom_sites.Cartn_transf_matrix[2][2]   ? 
_atom_sites.Cartn_transf_matrix[2][3]   ? 
_atom_sites.Cartn_transf_matrix[3][1]   ? 
_atom_sites.Cartn_transf_matrix[3][2]   ? 
_atom_sites.Cartn_transf_matrix[3][3]   ? 
_atom_sites.Cartn_transf_vector[1]      ? 
_atom_sites.Cartn_transf_vector[2]      ? 
_atom_sites.Cartn_transf_vector[3]      ? 
_atom_sites.Cartn_transform_axes        ? 
_atom_sites.fract_transf_matrix[1][1]   0.00166431 
_atom_sites.fract_transf_matrix[1][2]   0.00130119 
_atom_sites.fract_transf_matrix[1][3]   0.01046884 
_atom_sites.fract_transf_matrix[2][1]   0.00586193 
_atom_sites.fract_transf_matrix[2][2]   0.00821505 
_atom_sites.fract_transf_matrix[2][3]   0.00349473 
_atom_sites.fract_transf_matrix[3][1]   -0.00910702 
_atom_sites.fract_transf_matrix[3][2]   0.00621090 
_atom_sites.fract_transf_matrix[3][3]   0.00067584 
_atom_sites.fract_transf_vector[1]      -0.198770 
_atom_sites.fract_transf_vector[2]      -0.202592 
_atom_sites.fract_transf_vector[3]      -0.354732 
_atom_sites.solution_primary            ? 
_atom_sites.solution_secondary          ? 
_atom_sites.solution_hydrogens          ? 
_atom_sites.special_details             ? 
# 
loop_
_atom_type.symbol 
_atom_type.scat_dispersion_real 
_atom_type.scat_dispersion_imag 
_atom_type.scat_Cromer_Mann_a1 
_atom_type.scat_Cromer_Mann_a2 
_atom_type.scat_Cromer_Mann_a3 
_atom_type.scat_Cromer_Mann_a4 
_atom_type.scat_Cromer_Mann_b1 
_atom_type.scat_Cromer_Mann_b2 
_atom_type.scat_Cromer_Mann_b3 
_atom_type.scat_Cromer_Mann_b4 
_atom_type.scat_Cromer_Mann_c 
_atom_type.scat_source 
_atom_type.scat_dispersion_source 
C ? ? 5.96793  ? ? ? 14.89577 ? ? ? 0.0 
;1-Gaussian fit: Grosse-Kunstleve RW, Sauter NK, Adams PD: Newsletter of the IUCr Commission on Crystallographic Computing 2004, 3, 22-31.
;
? 
N ? ? 6.96715  ? ? ? 11.43723 ? ? ? 0.0 
;1-Gaussian fit: Grosse-Kunstleve RW, Sauter NK, Adams PD: Newsletter of the IUCr Commission on Crystallographic Computing 2004, 3, 22-31.
;
? 
O ? ? 7.96527  ? ? ? 9.05267  ? ? ? 0.0 
;1-Gaussian fit: Grosse-Kunstleve RW, Sauter NK, Adams PD: Newsletter of the IUCr Commission on Crystallographic Computing 2004, 3, 22-31.
;
? 
P ? ? 14.90797 ? ? ? 11.91318 ? ? ? 0.0 
;1-Gaussian fit: Grosse-Kunstleve RW, Sauter NK, Adams PD: Newsletter of the IUCr Commission on Crystallographic Computing 2004, 3, 22-31.
;
? 
# 
loop_
_atom_site.group_PDB 
_atom_site.id 
_atom_site.type_symbol 
_atom_site.label_atom_id 
_atom_site.label_alt_id 
_atom_site.label_comp_id 
_atom_site.label_asym_id 
_atom_site.label_entity_id 
_atom_site.label_seq_id 
_atom_site.pdbx_PDB_ins_code 
_atom_site.Cartn_x 
_atom_site.Cartn_y 
_atom_site.Cartn_z 
_atom_site.occupancy 
_atom_site.B_iso_or_equiv 
_atom_site.pdbx_formal_charge 
_atom_site.auth_seq_id 
_atom_site.auth_comp_id 
_atom_site.auth_asym_id 
_atom_site.auth_atom_id 
_atom_site.pdbx_PDB_model_num 
ATOM 1   O "O5'" . DG A 1 1  ? 1.31693   -9.54085  -12.99704 1.000 392.80029 ? 1  DG A "O5'" 1 
ATOM 2   C "C5'" . DG A 1 1  ? 1.97982   -10.70496 -12.51435 1.000 357.83233 ? 1  DG A "C5'" 1 
ATOM 3   C "C4'" . DG A 1 1  ? 1.32293   -11.22128 -11.24705 1.000 373.99814 ? 1  DG A "C4'" 1 
ATOM 4   O "O4'" . DG A 1 1  ? 2.11076   -12.32116 -10.70780 1.000 366.48048 ? 1  DG A "O4'" 1 
ATOM 5   C "C3'" . DG A 1 1  ? 1.21604   -10.20848 -10.10734 1.000 368.10638 ? 1  DG A "C3'" 1 
ATOM 6   O "O3'" . DG A 1 1  ? 0.08024   -10.52436 -9.30749  1.000 397.92968 ? 1  DG A "O3'" 1 
ATOM 7   C "C2'" . DG A 1 1  ? 2.50759   -10.47058 -9.34927  1.000 359.48504 ? 1  DG A "C2'" 1 
ATOM 8   C "C1'" . DG A 1 1  ? 2.53495   -11.98613 -9.40220  1.000 363.49594 ? 1  DG A "C1'" 1 
ATOM 9   N N9    . DG A 1 1  ? 3.85357   -12.56555 -9.16408  1.000 351.88579 ? 1  DG A N9    1 
ATOM 10  C C8    . DG A 1 1  ? 5.07049   -11.93950 -9.27667  1.000 330.91516 ? 1  DG A C8    1 
ATOM 11  N N7    . DG A 1 1  ? 6.08177   -12.71608 -8.99713  1.000 332.78079 ? 1  DG A N7    1 
ATOM 12  C C5    . DG A 1 1  ? 5.49611   -13.93180 -8.67357  1.000 344.43694 ? 1  DG A C5    1 
ATOM 13  C C6    . DG A 1 1  ? 6.08812   -15.15927 -8.28876  1.000 357.85013 ? 1  DG A C6    1 
ATOM 14  O O6    . DG A 1 1  ? 7.29199   -15.41836 -8.14192  1.000 349.63170 ? 1  DG A O6    1 
ATOM 15  N N1    . DG A 1 1  ? 5.12954   -16.13975 -8.04616  1.000 389.03161 ? 1  DG A N1    1 
ATOM 16  C C2    . DG A 1 1  ? 3.77075   -15.96162 -8.17025  1.000 384.40316 ? 1  DG A C2    1 
ATOM 17  N N2    . DG A 1 1  ? 3.00397   -17.02708 -7.89788  1.000 401.25872 ? 1  DG A N2    1 
ATOM 18  N N3    . DG A 1 1  ? 3.20364   -14.82010 -8.53418  1.000 373.57653 ? 1  DG A N3    1 
ATOM 19  C C4    . DG A 1 1  ? 4.12248   -13.85507 -8.77186  1.000 361.47026 ? 1  DG A C4    1 
ATOM 20  P P     . DA A 1 2  ? -0.42407  -9.54404  -8.13420  1.000 385.24321 ? 2  DA A P     1 
ATOM 21  O OP1   . DA A 1 2  ? -1.46798  -8.67360  -8.71752  1.000 385.96436 ? 2  DA A OP1   1 
ATOM 22  O OP2   . DA A 1 2  ? 0.73265   -8.93720  -7.43287  1.000 308.31500 ? 2  DA A OP2   1 
ATOM 23  O "O5'" . DA A 1 2  ? -1.12536  -10.54800 -7.10880  1.000 364.57071 ? 2  DA A "O5'" 1 
ATOM 24  C "C5'" . DA A 1 2  ? -1.71853  -11.75515 -7.59483  1.000 367.52600 ? 2  DA A "C5'" 1 
ATOM 25  C "C4'" . DA A 1 2  ? -1.43892  -12.91215 -6.65185  1.000 350.04475 ? 2  DA A "C4'" 1 
ATOM 26  O "O4'" . DA A 1 2  ? -0.07321  -13.38521 -6.84818  1.000 341.05664 ? 2  DA A "O4'" 1 
ATOM 27  C "C3'" . DA A 1 2  ? -1.55586  -12.56237 -5.16138  1.000 351.45186 ? 2  DA A "C3'" 1 
ATOM 28  O "O3'" . DA A 1 2  ? -2.21573  -13.60297 -4.44803  1.000 366.75469 ? 2  DA A "O3'" 1 
ATOM 29  C "C2'" . DA A 1 2  ? -0.10496  -12.44044 -4.72801  1.000 312.34628 ? 2  DA A "C2'" 1 
ATOM 30  C "C1'" . DA A 1 2  ? 0.54179   -13.50877 -5.58668  1.000 333.62132 ? 2  DA A "C1'" 1 
ATOM 31  N N9    . DA A 1 2  ? 1.98335   -13.32410 -5.70617  1.000 333.64040 ? 2  DA A N9    1 
ATOM 32  C C8    . DA A 1 2  ? 2.63864   -12.18081 -6.07071  1.000 320.74916 ? 2  DA A C8    1 
ATOM 33  N N7    . DA A 1 2  ? 3.94618   -12.29161 -6.05537  1.000 335.24043 ? 2  DA A N7    1 
ATOM 34  C C5    . DA A 1 2  ? 4.16486   -13.59201 -5.62649  1.000 339.23066 ? 2  DA A C5    1 
ATOM 35  C C6    . DA A 1 2  ? 5.34391   -14.33117 -5.39725  1.000 325.50000 ? 2  DA A C6    1 
ATOM 36  N N6    . DA A 1 2  ? 6.57319   -13.83319 -5.58285  1.000 318.85780 ? 2  DA A N6    1 
ATOM 37  N N1    . DA A 1 2  ? 5.20982   -15.60868 -4.97692  1.000 322.68270 ? 2  DA A N1    1 
ATOM 38  C C2    . DA A 1 2  ? 3.97777   -16.10425 -4.79829  1.000 323.61114 ? 2  DA A C2    1 
ATOM 39  N N3    . DA A 1 2  ? 2.79899   -15.50657 -4.97871  1.000 321.94891 ? 2  DA A N3    1 
ATOM 40  C C4    . DA A 1 2  ? 2.96494   -14.24047 -5.39903  1.000 329.49483 ? 2  DA A C4    1 
ATOM 41  P P     . DG A 1 3  ? -2.75010  -13.34279 -2.95119  1.000 415.14222 ? 3  DG A P     1 
ATOM 42  O OP1   . DG A 1 3  ? -4.22425  -13.33618 -3.03359  1.000 436.26008 ? 3  DG A OP1   1 
ATOM 43  O OP2   . DG A 1 3  ? -2.04478  -12.18127 -2.35679  1.000 329.75641 ? 3  DG A OP2   1 
ATOM 44  O "O5'" . DG A 1 3  ? -2.28509  -14.63936 -2.13914  1.000 382.63482 ? 3  DG A "O5'" 1 
ATOM 45  C "C5'" . DG A 1 3  ? -2.66730  -15.93944 -2.57754  1.000 371.96825 ? 3  DG A "C5'" 1 
ATOM 46  C "C4'" . DG A 1 3  ? -1.82374  -16.99792 -1.88871  1.000 369.16286 ? 3  DG A "C4'" 1 
ATOM 47  O "O4'" . DG A 1 3  ? -0.46453  -16.91307 -2.38570  1.000 360.43037 ? 3  DG A "O4'" 1 
ATOM 48  C "C3'" . DG A 1 3  ? -1.74577  -16.86015 -0.36552  1.000 350.61909 ? 3  DG A "C3'" 1 
ATOM 49  O "O3'" . DG A 1 3  ? -1.87526  -18.11969 0.27628   1.000 379.15325 ? 3  DG A "O3'" 1 
ATOM 50  C "C2'" . DG A 1 3  ? -0.37419  -16.25317 -0.11114  1.000 316.33649 ? 3  DG A "C2'" 1 
ATOM 51  C "C1'" . DG A 1 3  ? 0.44052   -16.68412 -1.32689  1.000 356.83626 ? 3  DG A "C1'" 1 
ATOM 52  N N9    . DG A 1 3  ? 1.37555   -15.64586 -1.72837  1.000 359.84713 ? 3  DG A N9    1 
ATOM 53  C C8    . DG A 1 3  ? 1.05655   -14.39959 -2.21102  1.000 352.04970 ? 3  DG A C8    1 
ATOM 54  N N7    . DG A 1 3  ? 2.09500   -13.65365 -2.45519  1.000 345.40232 ? 3  DG A N7    1 
ATOM 55  C C5    . DG A 1 3  ? 3.17626   -14.44966 -2.09434  1.000 339.10402 ? 3  DG A C5    1 
ATOM 56  C C6    . DG A 1 3  ? 4.56033   -14.17242 -2.14297  1.000 314.28770 ? 3  DG A C6    1 
ATOM 57  O O6    . DG A 1 3  ? 5.12303   -13.13851 -2.52192  1.000 299.31183 ? 3  DG A O6    1 
ATOM 58  N N1    . DG A 1 3  ? 5.31766   -15.25184 -1.69094  1.000 310.15978 ? 3  DG A N1    1 
ATOM 59  C C2    . DG A 1 3  ? 4.80140   -16.44743 -1.24923  1.000 312.43036 ? 3  DG A C2    1 
ATOM 60  N N2    . DG A 1 3  ? 5.69137   -17.37117 -0.84961  1.000 308.08544 ? 3  DG A N2    1 
ATOM 61  N N3    . DG A 1 3  ? 3.50067   -16.72085 -1.19976  1.000 331.81355 ? 3  DG A N3    1 
ATOM 62  C C4    . DG A 1 3  ? 2.74952   -15.67628 -1.64017  1.000 347.56165 ? 3  DG A C4    1 
ATOM 63  P P     . DA A 1 4  ? -1.91136  -18.18665 1.88342   1.000 401.37914 ? 4  DA A P     1 
ATOM 64  O OP1   . DA A 1 4  ? -2.63455  -19.42144 2.26247   1.000 438.79077 ? 4  DA A OP1   1 
ATOM 65  O OP2   . DA A 1 4  ? -2.35681  -16.86075 2.37913   1.000 308.95455 ? 4  DA A OP2   1 
ATOM 66  O "O5'" . DA A 1 4  ? -0.37737  -18.35663 2.30432   1.000 346.32526 ? 4  DA A "O5'" 1 
ATOM 67  C "C5'" . DA A 1 4  ? 0.30511   -19.58272 2.04480   1.000 322.80957 ? 4  DA A "C5'" 1 
ATOM 68  C "C4'" . DA A 1 4  ? 1.65641   -19.59566 2.73233   1.000 303.88397 ? 4  DA A "C4'" 1 
ATOM 69  O "O4'" . DA A 1 4  ? 2.55836   -18.70582 2.02584   1.000 314.67856 ? 4  DA A "O4'" 1 
ATOM 70  C "C3'" . DA A 1 4  ? 1.63573   -19.12327 4.18976   1.000 314.23899 ? 4  DA A "C3'" 1 
ATOM 71  O "O3'" . DA A 1 4  ? 2.40868   -19.99167 5.00350   1.000 332.81243 ? 4  DA A "O3'" 1 
ATOM 72  C "C2'" . DA A 1 4  ? 2.24700   -17.72781 4.12484   1.000 283.16909 ? 4  DA A "C2'" 1 
ATOM 73  C "C1'" . DA A 1 4  ? 3.19623   -17.85300 2.94441   1.000 309.57633 ? 4  DA A "C1'" 1 
ATOM 74  N N9    . DA A 1 4  ? 3.45218   -16.57242 2.29737   1.000 316.54633 ? 4  DA A N9    1 
ATOM 75  C C8    . DA A 1 4  ? 2.52342   -15.72415 1.76400   1.000 318.48727 ? 4  DA A C8    1 
ATOM 76  N N7    . DA A 1 4  ? 3.03594   -14.62737 1.26264   1.000 323.45258 ? 4  DA A N7    1 
ATOM 77  C C5    . DA A 1 4  ? 4.39526   -14.76235 1.48775   1.000 300.73969 ? 4  DA A C5    1 
ATOM 78  C C6    . DA A 1 4  ? 5.49025   -13.93287 1.18906   1.000 283.21275 ? 4  DA A C6    1 
ATOM 79  N N6    . DA A 1 4  ? 5.36833   -12.75688 0.57104   1.000 302.53266 ? 4  DA A N6    1 
ATOM 80  N N1    . DA A 1 4  ? 6.71747   -14.35956 1.54906   1.000 283.38806 ? 4  DA A N1    1 
ATOM 81  C C2    . DA A 1 4  ? 6.83383   -15.53952 2.16817   1.000 285.02274 ? 4  DA A C2    1 
ATOM 82  N N3    . DA A 1 4  ? 5.87818   -16.40694 2.50190   1.000 286.60868 ? 4  DA A N3    1 
ATOM 83  C C4    . DA A 1 4  ? 4.67064   -15.95391 2.12791   1.000 289.47628 ? 4  DA A C4    1 
ATOM 84  P P     . DC A 1 5  ? 2.63044   -19.65713 6.56136   1.000 334.71383 ? 5  DC A P     1 
ATOM 85  O OP1   . DC A 1 5  ? 2.89323   -20.94825 7.23444   1.000 339.11418 ? 5  DC A OP1   1 
ATOM 86  O OP2   . DC A 1 5  ? 1.52341   -18.78367 7.02439   1.000 272.78739 ? 5  DC A OP2   1 
ATOM 87  O "O5'" . DC A 1 5  ? 3.98284   -18.79950 6.58490   1.000 310.06753 ? 5  DC A "O5'" 1 
ATOM 88  C "C5'" . DC A 1 5  ? 5.17170   -19.33482 6.00684   1.000 316.25743 ? 5  DC A "C5'" 1 
ATOM 89  C "C4'" . DC A 1 5  ? 6.37603   -18.45822 6.31500   1.000 304.87095 ? 5  DC A "C4'" 1 
ATOM 90  O "O4'" . DC A 1 5  ? 6.37731   -17.29709 5.44401   1.000 309.41482 ? 5  DC A "O4'" 1 
ATOM 91  C "C3'" . DC A 1 5  ? 6.44413   -17.91440 7.74743   1.000 266.37554 ? 5  DC A "C3'" 1 
ATOM 92  O "O3'" . DC A 1 5  ? 7.76215   -18.04393 8.24754   1.000 264.82678 ? 5  DC A "O3'" 1 
ATOM 93  C "C2'" . DC A 1 5  ? 6.06533   -16.44637 7.58017   1.000 261.14153 ? 5  DC A "C2'" 1 
ATOM 94  C "C1'" . DC A 1 5  ? 6.65803   -16.15646 6.21478   1.000 274.12445 ? 5  DC A "C1'" 1 
ATOM 95  N N1    . DC A 1 5  ? 6.06506   -14.97799 5.55307   1.000 295.45284 ? 5  DC A N1    1 
ATOM 96  C C2    . DC A 1 5  ? 6.88678   -13.90329 5.21243   1.000 279.26284 ? 5  DC A C2    1 
ATOM 97  O O2    . DC A 1 5  ? 8.09317   -13.96597 5.48843   1.000 262.28016 ? 5  DC A O2    1 
ATOM 98  N N3    . DC A 1 5  ? 6.33318   -12.81917 4.61861   1.000 308.91462 ? 5  DC A N3    1 
ATOM 99  C C4    . DC A 1 5  ? 5.02165   -12.80041 4.35495   1.000 299.17901 ? 5  DC A C4    1 
ATOM 100 N N4    . DC A 1 5  ? 4.51811   -11.71431 3.76131   1.000 261.11193 ? 5  DC A N4    1 
ATOM 101 C C5    . DC A 1 5  ? 4.16959   -13.89426 4.69049   1.000 304.18977 ? 5  DC A C5    1 
ATOM 102 C C6    . DC A 1 5  ? 4.72895   -14.95226 5.28255   1.000 312.04967 ? 5  DC A C6    1 
ATOM 103 P P     . DC A 1 6  ? 8.01465   -18.17214 9.82833   1.000 320.97658 ? 6  DC A P     1 
ATOM 104 O OP1   . DC A 1 6  ? 8.35629   -19.58659 10.09763  1.000 328.54285 ? 6  DC A OP1   1 
ATOM 105 O OP2   . DC A 1 6  ? 6.86877   -17.54111 10.52666  1.000 285.72642 ? 6  DC A OP2   1 
ATOM 106 O "O5'" . DC A 1 6  ? 9.30698   -17.26732 10.08783  1.000 268.47043 ? 6  DC A "O5'" 1 
ATOM 107 C "C5'" . DC A 1 6  ? 9.15594   -15.89167 10.38899  1.000 246.22352 ? 6  DC A "C5'" 1 
ATOM 108 C "C4'" . DC A 1 6  ? 10.26846  -15.08363 9.75259   1.000 251.55863 ? 6  DC A "C4'" 1 
ATOM 109 O "O4'" . DC A 1 6  ? 9.75731   -14.37803 8.58844   1.000 252.02118 ? 6  DC A "O4'" 1 
ATOM 110 C "C3'" . DC A 1 6  ? 10.85933  -14.00515 10.64353  1.000 238.41707 ? 6  DC A "C3'" 1 
ATOM 111 O "O3'" . DC A 1 6  ? 12.20139  -13.75526 10.25968  1.000 240.80432 ? 6  DC A "O3'" 1 
ATOM 112 C "C2'" . DC A 1 6  ? 9.96617   -12.81792 10.32482  1.000 254.31092 ? 6  DC A "C2'" 1 
ATOM 113 C "C1'" . DC A 1 6  ? 9.81421   -12.98231 8.82160   1.000 268.39523 ? 6  DC A "C1'" 1 
ATOM 114 N N1    . DC A 1 6  ? 8.58208   -12.36763 8.28038   1.000 285.22803 ? 6  DC A N1    1 
ATOM 115 C C2    . DC A 1 6  ? 8.64438   -11.10410 7.68228   1.000 287.47757 ? 6  DC A C2    1 
ATOM 116 O O2    . DC A 1 6  ? 9.73358   -10.51886 7.62248   1.000 272.15575 ? 6  DC A O2    1 
ATOM 117 N N3    . DC A 1 6  ? 7.50475   -10.55722 7.18833   1.000 302.48671 ? 6  DC A N3    1 
ATOM 118 C C4    . DC A 1 6  ? 6.35119   -11.22518 7.27428   1.000 288.97646 ? 6  DC A C4    1 
ATOM 119 N N4    . DC A 1 6  ? 5.25256   -10.64830 6.77453   1.000 294.69449 ? 6  DC A N4    1 
ATOM 120 C C5    . DC A 1 6  ? 6.27014   -12.51197 7.88728   1.000 266.68392 ? 6  DC A C5    1 
ATOM 121 C C6    . DC A 1 6  ? 7.40012   -13.04186 8.36569   1.000 274.46474 ? 6  DC A C6    1 
ATOM 122 P P     . DT A 1 7  ? 13.25608  -13.18914 11.33224  1.000 292.53271 ? 7  DT A P     1 
ATOM 123 O OP1   . DT A 1 7  ? 14.35859  -14.17246 11.41229  1.000 285.04943 ? 7  DT A OP1   1 
ATOM 124 O OP2   . DT A 1 7  ? 12.51960  -12.80959 12.56434  1.000 227.66361 ? 7  DT A OP2   1 
ATOM 125 O "O5'" . DT A 1 7  ? 13.82748  -11.85882 10.64485  1.000 305.24787 ? 7  DT A "O5'" 1 
ATOM 126 C "C5'" . DT A 1 7  ? 12.93647  -10.91926 10.04932  1.000 288.19372 ? 7  DT A "C5'" 1 
ATOM 127 C "C4'" . DT A 1 7  ? 13.13874  -9.52965  10.63401  1.000 305.17239 ? 7  DT A "C4'" 1 
ATOM 128 O "O4'" . DT A 1 7  ? 12.17219  -8.61853  10.04436  1.000 288.16909 ? 7  DT A "O4'" 1 
ATOM 129 C "C3'" . DT A 1 7  ? 12.92414  -9.42327  12.14396  1.000 276.99310 ? 7  DT A "C3'" 1 
ATOM 130 O "O3'" . DT A 1 7  ? 13.69360  -8.34181  12.68114  1.000 265.76385 ? 7  DT A "O3'" 1 
ATOM 131 C "C2'" . DT A 1 7  ? 11.43614  -9.11901  12.21977  1.000 242.29345 ? 7  DT A "C2'" 1 
ATOM 132 C "C1'" . DT A 1 7  ? 11.29034  -8.15142  11.04820  1.000 257.04623 ? 7  DT A "C1'" 1 
ATOM 133 N N1    . DT A 1 7  ? 9.90350   -8.07686  10.47781  1.000 258.24500 ? 7  DT A N1    1 
ATOM 134 C C2    . DT A 1 7  ? 9.52889   -6.96044  9.76261   1.000 255.47810 ? 7  DT A C2    1 
ATOM 135 O O2    . DT A 1 7  ? 10.27149  -6.01620  9.55910   1.000 248.07309 ? 7  DT A O2    1 
ATOM 136 N N3    . DT A 1 7  ? 8.24474   -6.98925  9.28518   1.000 268.55901 ? 7  DT A N3    1 
ATOM 137 C C4    . DT A 1 7  ? 7.31409   -7.99643  9.44790   1.000 281.82719 ? 7  DT A C4    1 
ATOM 138 O O4    . DT A 1 7  ? 6.18136   -7.92584  8.97868   1.000 308.22844 ? 7  DT A O4    1 
ATOM 139 C C5    . DT A 1 7  ? 7.76812   -9.13713  10.20903  1.000 267.42860 ? 7  DT A C5    1 
ATOM 140 C C7    . DT A 1 7  ? 6.84496   -10.29104 10.45856  1.000 272.28113 ? 7  DT A C7    1 
ATOM 141 C C6    . DT A 1 7  ? 9.02584   -9.12265  10.68200  1.000 258.94891 ? 7  DT A C6    1 
ATOM 142 P P     . DG A 1 8  ? 15.28838  -8.29087  12.48182  1.000 284.72651 ? 8  DG A P     1 
ATOM 143 O OP1   . DG A 1 8  ? 15.56590  -7.49947  11.26178  1.000 236.43204 ? 8  DG A OP1   1 
ATOM 144 O OP2   . DG A 1 8  ? 15.79351  -9.67789  12.60269  1.000 252.19496 ? 8  DG A OP2   1 
ATOM 145 O "O5'" . DG A 1 8  ? 15.81913  -7.47035  13.75247  1.000 247.53739 ? 8  DG A "O5'" 1 
ATOM 146 C "C5'" . DG A 1 8  ? 15.00922  -6.45369  14.34864  1.000 225.18885 ? 8  DG A "C5'" 1 
ATOM 147 C "C4'" . DG A 1 8  ? 15.29884  -5.08816  13.73511  1.000 203.67409 ? 8  DG A "C4'" 1 
ATOM 148 O "O4'" . DG A 1 8  ? 14.26307  -4.75713  12.78234  1.000 196.89295 ? 8  DG A "O4'" 1 
ATOM 149 C "C3'" . DG A 1 8  ? 15.26601  -3.92952  14.71256  1.000 262.63011 ? 8  DG A "C3'" 1 
ATOM 150 O "O3'" . DG A 1 8  ? 15.94006  -2.79038  14.14579  1.000 252.75020 ? 8  DG A "O3'" 1 
ATOM 151 C "C2'" . DG A 1 8  ? 13.76277  -3.68998  14.84807  1.000 258.55001 ? 8  DG A "C2'" 1 
ATOM 152 C "C1'" . DG A 1 8  ? 13.26682  -3.96476  13.42465  1.000 238.49355 ? 8  DG A "C1'" 1 
ATOM 153 N N9    . DG A 1 8  ? 11.99256  -4.69018  13.36665  1.000 261.18235 ? 8  DG A N9    1 
ATOM 154 C C8    . DG A 1 8  ? 11.72282  -5.93783  13.88371  1.000 242.95654 ? 8  DG A C8    1 
ATOM 155 N N7    . DG A 1 8  ? 10.49989  -6.34034  13.66598  1.000 238.95157 ? 8  DG A N7    1 
ATOM 156 C C5    . DG A 1 8  ? 9.91923   -5.29749  12.95204  1.000 240.13570 ? 8  DG A C5    1 
ATOM 157 C C6    . DG A 1 8  ? 8.60616   -5.16306  12.43551  1.000 211.84315 ? 8  DG A C6    1 
ATOM 158 O O6    . DG A 1 8  ? 7.66592   -5.96312  12.50643  1.000 211.83544 ? 8  DG A O6    1 
ATOM 159 N N1    . DG A 1 8  ? 8.43178   -3.94868  11.78102  1.000 195.42615 ? 8  DG A N1    1 
ATOM 160 C C2    . DG A 1 8  ? 9.40191   -2.98406  11.63998  1.000 221.82439 ? 8  DG A C2    1 
ATOM 161 N N2    . DG A 1 8  ? 9.04606   -1.87595  10.97510  1.000 274.55257 ? 8  DG A N2    1 
ATOM 162 N N3    . DG A 1 8  ? 10.63565  -3.09532  12.11765  1.000 232.18252 ? 8  DG A N3    1 
ATOM 163 C C4    . DG A 1 8  ? 10.82425  -4.27457  12.75896  1.000 246.74661 ? 8  DG A C4    1 
ATOM 164 P P     . DT A 1 9  ? 16.23855  -1.48095  15.03788  1.000 291.09003 ? 9  DT A P     1 
ATOM 165 O OP1   . DT A 1 9  ? 17.44349  -0.82871  14.47208  1.000 246.88935 ? 9  DT A OP1   1 
ATOM 166 O OP2   . DT A 1 9  ? 16.17303  -1.83690  16.48389  1.000 183.59825 ? 9  DT A OP2   1 
ATOM 167 O "O5'" . DT A 1 9  ? 15.00774  -0.52202  14.71196  1.000 243.31997 ? 9  DT A "O5'" 1 
ATOM 168 C "C5'" . DT A 1 9  ? 13.98203  -0.34314  15.66025  1.000 221.00442 ? 9  DT A "C5'" 1 
ATOM 169 C "C4'" . DT A 1 9  ? 12.72432  0.14545   14.98042  1.000 226.14416 ? 9  DT A "C4'" 1 
ATOM 170 O "O4'" . DT A 1 9  ? 11.88102  -0.97110  14.66531  1.000 234.37675 ? 9  DT A "O4'" 1 
ATOM 171 C "C3'" . DT A 1 9  ? 11.87473  1.06524   15.83657  1.000 198.73262 ? 9  DT A "C3'" 1 
ATOM 172 O "O3'" . DT A 1 9  ? 12.09415  2.40612   15.43998  1.000 230.26505 ? 9  DT A "O3'" 1 
ATOM 173 C "C2'" . DT A 1 9  ? 10.42535  0.62804   15.56565  1.000 203.74240 ? 9  DT A "C2'" 1 
ATOM 174 C "C1'" . DT A 1 9  ? 10.56354  -0.51023  14.56116  1.000 238.52495 ? 9  DT A "C1'" 1 
ATOM 175 N N1    . DT A 1 9  ? 9.65837   -1.63905  14.84383  1.000 229.16003 ? 9  DT A N1    1 
ATOM 176 C C2    . DT A 1 9  ? 8.37355   -1.60931  14.35574  1.000 215.53062 ? 9  DT A C2    1 
ATOM 177 O O2    . DT A 1 9  ? 7.93407   -0.69111  13.68888  1.000 227.29614 ? 9  DT A O2    1 
ATOM 178 N N3    . DT A 1 9  ? 7.61480   -2.70197  14.67674  1.000 186.01077 ? 9  DT A N3    1 
ATOM 179 C C4    . DT A 1 9  ? 8.01016   -3.80107  15.41751  1.000 215.85268 ? 9  DT A C4    1 
ATOM 180 O O4    . DT A 1 9  ? 7.25421   -4.73757  15.65658  1.000 240.84968 ? 9  DT A O4    1 
ATOM 181 C C5    . DT A 1 9  ? 9.37258   -3.76320  15.89896  1.000 212.69797 ? 9  DT A C5    1 
ATOM 182 C C7    . DT A 1 9  ? 9.91289   -4.89377  16.71939  1.000 208.38632 ? 9  DT A C7    1 
ATOM 183 C C6    . DT A 1 9  ? 10.11915  -2.69509  15.59709  1.000 209.17909 ? 9  DT A C6    1 
ATOM 184 P P     . DA A 1 10 ? 12.99914  3.38417   16.34053  1.000 275.62948 ? 10 DA A P     1 
ATOM 185 O OP1   . DA A 1 10 ? 13.90049  4.10338   15.41619  1.000 265.67377 ? 10 DA A OP1   1 
ATOM 186 O OP2   . DA A 1 10 ? 13.59837  2.58783   17.44320  1.000 229.31436 ? 10 DA A OP2   1 
ATOM 187 O "O5'" . DA A 1 10 ? 11.93723  4.42193   16.95107  1.000 263.33508 ? 10 DA A "O5'" 1 
ATOM 188 C "C5'" . DA A 1 10 ? 10.81819  3.92891   17.69141  1.000 283.17368 ? 10 DA A "C5'" 1 
ATOM 189 C "C4'" . DA A 1 10 ? 9.52940   4.65812   17.33826  1.000 255.84276 ? 10 DA A "C4'" 1 
ATOM 190 O "O4'" . DA A 1 10 ? 8.56364   3.70786   16.82380  1.000 196.45291 ? 10 DA A "O4'" 1 
ATOM 191 C "C3'" . DA A 1 10 ? 8.83383   5.28461   18.53199  1.000 265.95402 ? 10 DA A "C3'" 1 
ATOM 192 O "O3'" . DA A 1 10 ? 7.94831   6.30946   18.10578  1.000 211.02319 ? 10 DA A "O3'" 1 
ATOM 193 C "C2'" . DA A 1 10 ? 8.08173   4.09388   19.12910  1.000 282.36891 ? 10 DA A "C2'" 1 
ATOM 194 C "C1'" . DA A 1 10 ? 7.76081   3.23215   17.89562  1.000 281.53382 ? 10 DA A "C1'" 1 
ATOM 195 N N9    . DA A 1 10 ? 8.02271   1.80014   18.09252  1.000 288.63260 ? 10 DA A N9    1 
ATOM 196 C C8    . DA A 1 10 ? 9.17093   1.22127   18.56791  1.000 278.70997 ? 10 DA A C8    1 
ATOM 197 N N7    . DA A 1 10 ? 9.11824   -0.08762  18.63543  1.000 236.32217 ? 10 DA A N7    1 
ATOM 198 C C5    . DA A 1 10 ? 7.85128   -0.39601  18.18655  1.000 243.05281 ? 10 DA A C5    1 
ATOM 199 C C6    . DA A 1 10 ? 7.17325   -1.61933  18.02233  1.000 260.93052 ? 10 DA A C6    1 
ATOM 200 N N6    . DA A 1 10 ? 7.71816   -2.80586  18.31387  1.000 253.37834 ? 10 DA A N6    1 
ATOM 201 N N1    . DA A 1 10 ? 5.91708   -1.58354  17.55323  1.000 294.21298 ? 10 DA A N1    1 
ATOM 202 C C2    . DA A 1 10 ? 5.37389   -0.39379  17.26718  1.000 286.76671 ? 10 DA A C2    1 
ATOM 203 N N3    . DA A 1 10 ? 5.90539   0.82560   17.37420  1.000 264.47602 ? 10 DA A N3    1 
ATOM 204 C C4    . DA A 1 10 ? 7.15713   0.75371   17.84570  1.000 262.97237 ? 10 DA A C4    1 
ATOM 205 O OP3   . DC B 2 1  ? 6.37321   12.98281  11.49353  1.000 292.91449 ? 1  DC B OP3   1 
ATOM 206 P P     . DC B 2 1  ? 7.75277   13.32626  11.07340  1.000 295.57335 ? 1  DC B P     1 
ATOM 207 O OP1   . DC B 2 1  ? 8.26629   12.11922  10.39065  1.000 226.59649 ? 1  DC B OP1   1 
ATOM 208 O OP2   . DC B 2 1  ? 8.47852   13.87301  12.24710  1.000 252.71871 ? 1  DC B OP2   1 
ATOM 209 O "O5'" . DC B 2 1  ? 7.66057   14.50025  9.98793   1.000 291.85782 ? 1  DC B "O5'" 1 
ATOM 210 C "C5'" . DC B 2 1  ? 6.48681   15.30052  9.90724   1.000 304.24326 ? 1  DC B "C5'" 1 
ATOM 211 C "C4'" . DC B 2 1  ? 5.94639   15.34387  8.48578   1.000 277.30618 ? 1  DC B "C4'" 1 
ATOM 212 O "O4'" . DC B 2 1  ? 6.88265   14.69777  7.57564   1.000 204.96561 ? 1  DC B "O4'" 1 
ATOM 213 C "C3'" . DC B 2 1  ? 4.61009   14.63239  8.27783   1.000 256.25889 ? 1  DC B "C3'" 1 
ATOM 214 O "O3'" . DC B 2 1  ? 3.86949   15.30292  7.25313   1.000 274.95718 ? 1  DC B "O3'" 1 
ATOM 215 C "C2'" . DC B 2 1  ? 5.05920   13.24493  7.82577   1.000 212.49673 ? 1  DC B "C2'" 1 
ATOM 216 C "C1'" . DC B 2 1  ? 6.23482   13.61595  6.93162   1.000 221.85224 ? 1  DC B "C1'" 1 
ATOM 217 N N1    . DC B 2 1  ? 7.22032   12.51623  6.73086   1.000 258.08589 ? 1  DC B N1    1 
ATOM 218 C C2    . DC B 2 1  ? 8.00935   12.50637  5.57988   1.000 268.59642 ? 1  DC B C2    1 
ATOM 219 O O2    . DC B 2 1  ? 7.87714   13.41394  4.75857   1.000 267.43938 ? 1  DC B O2    1 
ATOM 220 N N3    . DC B 2 1  ? 8.90381   11.49996  5.39823   1.000 254.69768 ? 1  DC B N3    1 
ATOM 221 C C4    . DC B 2 1  ? 9.01988   10.53741  6.30563   1.000 244.28540 ? 1  DC B C4    1 
ATOM 222 N N4    . DC B 2 1  ? 9.91806   9.56450   6.07703   1.000 218.52105 ? 1  DC B N4    1 
ATOM 223 C C5    . DC B 2 1  ? 8.21851   10.52738  7.49165   1.000 268.61302 ? 1  DC B C5    1 
ATOM 224 C C6    . DC B 2 1  ? 7.33650   11.52498  7.65708   1.000 255.69859 ? 1  DC B C6    1 
ATOM 225 P P     . DG B 2 2  ? 2.73131   16.38493  7.61863   1.000 331.26198 ? 2  DG B P     1 
ATOM 226 O OP1   . DG B 2 2  ? 3.05891   17.00603  8.92538   1.000 265.95247 ? 2  DG B OP1   1 
ATOM 227 O OP2   . DG B 2 2  ? 1.42256   15.71631  7.43238   1.000 285.94629 ? 2  DG B OP2   1 
ATOM 228 O "O5'" . DG B 2 2  ? 2.87955   17.49895  6.46950   1.000 326.35135 ? 2  DG B "O5'" 1 
ATOM 229 C "C5'" . DG B 2 2  ? 1.78100   17.79517  5.60095   1.000 288.22965 ? 2  DG B "C5'" 1 
ATOM 230 C "C4'" . DG B 2 2  ? 2.26102   18.06456  4.18150   1.000 262.21200 ? 2  DG B "C4'" 1 
ATOM 231 O "O4'" . DG B 2 2  ? 3.26632   17.08366  3.81456   1.000 233.32399 ? 2  DG B "O4'" 1 
ATOM 232 C "C3'" . DG B 2 2  ? 1.20117   17.89401  3.11931   1.000 237.27599 ? 2  DG B "C3'" 1 
ATOM 233 O "O3'" . DG B 2 2  ? 1.67275   18.46031  1.89910   1.000 283.95434 ? 2  DG B "O3'" 1 
ATOM 234 C "C2'" . DG B 2 2  ? 1.15317   16.37583  3.04269   1.000 223.39769 ? 2  DG B "C2'" 1 
ATOM 235 C "C1'" . DG B 2 2  ? 2.64952   16.04211  3.07410   1.000 214.50741 ? 2  DG B "C1'" 1 
ATOM 236 N N9    . DG B 2 2  ? 2.99230   14.76664  3.71584   1.000 219.68465 ? 2  DG B N9    1 
ATOM 237 C C8    . DG B 2 2  ? 2.52680   14.28121  4.91578   1.000 227.85747 ? 2  DG B C8    1 
ATOM 238 N N7    . DG B 2 2  ? 3.03918   13.12362  5.24789   1.000 235.38363 ? 2  DG B N7    1 
ATOM 239 C C5    . DG B 2 2  ? 3.90812   12.82514  4.20386   1.000 259.71690 ? 2  DG B C5    1 
ATOM 240 C C6    . DG B 2 2  ? 4.74898   11.69630  3.99874   1.000 240.11972 ? 2  DG B C6    1 
ATOM 241 O O6    . DG B 2 2  ? 4.89797   10.70069  4.72305   1.000 193.38465 ? 2  DG B O6    1 
ATOM 242 N N1    . DG B 2 2  ? 5.46093   11.79616  2.80340   1.000 249.35070 ? 2  DG B N1    1 
ATOM 243 C C2    . DG B 2 2  ? 5.37440   12.85294  1.92179   1.000 266.23900 ? 2  DG B C2    1 
ATOM 244 N N2    . DG B 2 2  ? 6.13565   12.78119  0.81979   1.000 277.00333 ? 2  DG B N2    1 
ATOM 245 N N3    . DG B 2 2  ? 4.59508   13.91141  2.10393   1.000 249.94818 ? 2  DG B N3    1 
ATOM 246 C C4    . DG B 2 2  ? 3.89464   13.83203  3.25842   1.000 250.77180 ? 2  DG B C4    1 
ATOM 247 P P     . DG B 2 3  ? 0.67766   18.74215  0.66765   1.000 325.57903 ? 3  DG B P     1 
ATOM 248 O OP1   . DG B 2 3  ? 0.26653   20.16079  0.73815   1.000 314.52644 ? 3  DG B OP1   1 
ATOM 249 O OP2   . DG B 2 3  ? -0.36179  17.68914  0.64631   1.000 308.77198 ? 3  DG B OP2   1 
ATOM 250 O "O5'" . DG B 2 3  ? 1.62233   18.55525  -0.60962  1.000 234.28327 ? 3  DG B "O5'" 1 
ATOM 251 C "C5'" . DG B 2 3  ? 2.82515   17.79643  -0.48641  1.000 219.51294 ? 3  DG B "C5'" 1 
ATOM 252 C "C4'" . DG B 2 3  ? 2.70736   16.46853  -1.21496  1.000 218.16607 ? 3  DG B "C4'" 1 
ATOM 253 O "O4'" . DG B 2 3  ? 2.88397   15.36355  -0.28472  1.000 206.50144 ? 3  DG B "O4'" 1 
ATOM 254 C "C3'" . DG B 2 3  ? 1.35618   16.21961  -1.90879  1.000 227.30606 ? 3  DG B "C3'" 1 
ATOM 255 O "O3'" . DG B 2 3  ? 1.57664   15.66437  -3.19666  1.000 224.68775 ? 3  DG B "O3'" 1 
ATOM 256 C "C2'" . DG B 2 3  ? 0.69585   15.19281  -0.98813  1.000 221.86968 ? 3  DG B "C2'" 1 
ATOM 257 C "C1'" . DG B 2 3  ? 1.92054   14.39157  -0.60012  1.000 207.47726 ? 3  DG B "C1'" 1 
ATOM 258 N N9    . DG B 2 3  ? 1.73904   13.47833  0.52927   1.000 228.40371 ? 3  DG B N9    1 
ATOM 259 C C8    . DG B 2 3  ? 0.92603   13.64190  1.61898   1.000 226.73483 ? 3  DG B C8    1 
ATOM 260 N N7    . DG B 2 3  ? 0.98477   12.65381  2.46794   1.000 246.89141 ? 3  DG B N7    1 
ATOM 261 C C5    . DG B 2 3  ? 1.87307   11.76242  1.88621   1.000 247.94807 ? 3  DG B C5    1 
ATOM 262 C C6    . DG B 2 3  ? 2.33096   10.49883  2.33298   1.000 213.86775 ? 3  DG B C6    1 
ATOM 263 O O6    . DG B 2 3  ? 2.02545   9.89823   3.37247   1.000 220.82168 ? 3  DG B O6    1 
ATOM 264 N N1    . DG B 2 3  ? 3.23326   9.93109   1.43971   1.000 200.79514 ? 3  DG B N1    1 
ATOM 265 C C2    . DG B 2 3  ? 3.64186   10.51316  0.25729   1.000 230.74990 ? 3  DG B C2    1 
ATOM 266 N N2    . DG B 2 3  ? 4.51538   9.81911   -0.48299  1.000 278.56014 ? 3  DG B N2    1 
ATOM 267 N N3    . DG B 2 3  ? 3.22274   11.69352  -0.16911  1.000 213.83243 ? 3  DG B N3    1 
ATOM 268 C C4    . DG B 2 3  ? 2.34691   12.25700  0.68885   1.000 236.73726 ? 3  DG B C4    1 
ATOM 269 P P     . DA B 2 4  ? 1.99041   16.59060  -4.44472  1.000 270.57029 ? 4  DA B P     1 
ATOM 270 O OP1   . DA B 2 4  ? 2.78775   17.75101  -3.98345  1.000 230.68850 ? 4  DA B OP1   1 
ATOM 271 O OP2   . DA B 2 4  ? 0.75385   16.81230  -5.22782  1.000 254.96959 ? 4  DA B OP2   1 
ATOM 272 O "O5'" . DA B 2 4  ? 2.94128   15.63681  -5.30932  1.000 245.32838 ? 4  DA B "O5'" 1 
ATOM 273 C "C5'" . DA B 2 4  ? 3.70853   14.61506  -4.66533  1.000 222.14391 ? 4  DA B "C5'" 1 
ATOM 274 C "C4'" . DA B 2 4  ? 3.60902   13.31256  -5.43936  1.000 217.45788 ? 4  DA B "C4'" 1 
ATOM 275 O "O4'" . DA B 2 4  ? 3.41734   12.20456  -4.51661  1.000 225.96843 ? 4  DA B "O4'" 1 
ATOM 276 C "C3'" . DA B 2 4  ? 2.44215   13.24652  -6.41730  1.000 200.65560 ? 4  DA B "C3'" 1 
ATOM 277 O "O3'" . DA B 2 4  ? 2.80897   12.48817  -7.55523  1.000 197.23663 ? 4  DA B "O3'" 1 
ATOM 278 C "C2'" . DA B 2 4  ? 1.35034   12.55904  -5.60145  1.000 203.00396 ? 4  DA B "C2'" 1 
ATOM 279 C "C1'" . DA B 2 4  ? 2.15339   11.59774  -4.73473  1.000 226.92868 ? 4  DA B "C1'" 1 
ATOM 280 N N9    . DA B 2 4  ? 1.52678   11.34030  -3.43635  1.000 241.36802 ? 4  DA B N9    1 
ATOM 281 C C8    . DA B 2 4  ? 0.77346   12.21171  -2.70239  1.000 233.49914 ? 4  DA B C8    1 
ATOM 282 N N7    . DA B 2 4  ? 0.33207   11.71462  -1.56898  1.000 220.13683 ? 4  DA B N7    1 
ATOM 283 C C5    . DA B 2 4  ? 0.82261   10.42087  -1.56083  1.000 231.50672 ? 4  DA B C5    1 
ATOM 284 C C6    . DA B 2 4  ? 0.70569   9.36570   -0.62892  1.000 237.05490 ? 4  DA B C6    1 
ATOM 285 N N6    . DA B 2 4  ? 0.02393   9.46678   0.52003   1.000 227.97083 ? 4  DA B N6    1 
ATOM 286 N N1    . DA B 2 4  ? 1.31930   8.19843   -0.92701  1.000 268.02702 ? 4  DA B N1    1 
ATOM 287 C C2    . DA B 2 4  ? 1.99974   8.10551   -2.08075  1.000 284.56400 ? 4  DA B C2    1 
ATOM 288 N N3    . DA B 2 4  ? 2.18024   9.02642   -3.03093  1.000 274.19537 ? 4  DA B N3    1 
ATOM 289 C C4    . DA B 2 4  ? 1.56293   10.17163  -2.70637  1.000 246.70209 ? 4  DA B C4    1 
ATOM 290 P P     . DC B 2 5  ? 1.77945   12.28720  -8.77444  1.000 256.52065 ? 5  DC B P     1 
ATOM 291 O OP1   . DC B 2 5  ? 2.49324   12.67883  -10.01052 1.000 276.87969 ? 5  DC B OP1   1 
ATOM 292 O OP2   . DC B 2 5  ? 0.47643   12.92314  -8.45802  1.000 212.61798 ? 5  DC B OP2   1 
ATOM 293 O "O5'" . DC B 2 5  ? 1.57155   10.70678  -8.80159  1.000 287.69693 ? 5  DC B "O5'" 1 
ATOM 294 C "C5'" . DC B 2 5  ? 2.70813   9.85620   -8.72375  1.000 257.15303 ? 5  DC B "C5'" 1 
ATOM 295 C "C4'" . DC B 2 5  ? 2.31134   8.45676   -8.29876  1.000 266.63054 ? 5  DC B "C4'" 1 
ATOM 296 O "O4'" . DC B 2 5  ? 1.86359   8.46836   -6.91562  1.000 246.10026 ? 5  DC B "O4'" 1 
ATOM 297 C "C3'" . DC B 2 5  ? 1.16383   7.83029   -9.09936  1.000 261.75289 ? 5  DC B "C3'" 1 
ATOM 298 O "O3'" . DC B 2 5  ? 1.43839   6.45253   -9.30161  1.000 266.62201 ? 5  DC B "O3'" 1 
ATOM 299 C "C2'" . DC B 2 5  ? -0.03269  8.02085   -8.16872  1.000 226.78565 ? 5  DC B "C2'" 1 
ATOM 300 C "C1'" . DC B 2 5  ? 0.64570   7.76175   -6.83936  1.000 246.11102 ? 5  DC B "C1'" 1 
ATOM 301 N N1    . DC B 2 5  ? -0.12089  8.21467   -5.63557  1.000 225.43682 ? 5  DC B N1    1 
ATOM 302 C C2    . DC B 2 5  ? -0.37571  7.29780   -4.60555  1.000 256.55636 ? 5  DC B C2    1 
ATOM 303 O O2    . DC B 2 5  ? 0.03435   6.13780   -4.72824  1.000 309.12325 ? 5  DC B O2    1 
ATOM 304 N N3    . DC B 2 5  ? -1.06469  7.70742   -3.50740  1.000 231.66949 ? 5  DC B N3    1 
ATOM 305 C C4    . DC B 2 5  ? -1.48670  8.97117   -3.42214  1.000 245.31156 ? 5  DC B C4    1 
ATOM 306 N N4    . DC B 2 5  ? -2.16291  9.33466   -2.32031  1.000 274.23333 ? 5  DC B N4    1 
ATOM 307 C C5    . DC B 2 5  ? -1.23397  9.92094   -4.46437  1.000 245.07897 ? 5  DC B C5    1 
ATOM 308 C C6    . DC B 2 5  ? -0.55395  9.50263   -5.54150  1.000 222.23451 ? 5  DC B C6    1 
ATOM 309 P P     . DA B 2 6  ? 0.89000   5.69563   -10.60668 1.000 268.33550 ? 6  DA B P     1 
ATOM 310 O OP1   . DA B 2 6  ? 2.00373   5.64583   -11.58285 1.000 281.00548 ? 6  DA B OP1   1 
ATOM 311 O OP2   . DA B 2 6  ? -0.39759  6.33238   -10.97554 1.000 256.52656 ? 6  DA B OP2   1 
ATOM 312 O "O5'" . DA B 2 6  ? 0.58642   4.20686   -10.08815 1.000 310.95569 ? 6  DA B "O5'" 1 
ATOM 313 C "C5'" . DA B 2 6  ? 1.65626   3.36902   -9.63270  1.000 300.38411 ? 6  DA B "C5'" 1 
ATOM 314 C "C4'" . DA B 2 6  ? 1.13940   2.20564   -8.79019  1.000 286.12291 ? 6  DA B "C4'" 1 
ATOM 315 O "O4'" . DA B 2 6  ? 0.50375   2.70739   -7.58739  1.000 276.37572 ? 6  DA B "O4'" 1 
ATOM 316 C "C3'" . DA B 2 6  ? 0.10235   1.31157   -9.45742  1.000 260.92783 ? 6  DA B "C3'" 1 
ATOM 317 O "O3'" . DA B 2 6  ? 0.23618   -0.01714  -8.96289  1.000 246.16708 ? 6  DA B "O3'" 1 
ATOM 318 C "C2'" . DA B 2 6  ? -1.22022  1.94631   -9.02316  1.000 266.37019 ? 6  DA B "C2'" 1 
ATOM 319 C "C1'" . DA B 2 6  ? -0.89096  2.43924   -7.61707  1.000 276.56129 ? 6  DA B "C1'" 1 
ATOM 320 N N9    . DA B 2 6  ? -1.58981  3.66756   -7.23526  1.000 305.50162 ? 6  DA B N9    1 
ATOM 321 C C8    . DA B 2 6  ? -1.67140  4.83204   -7.95214  1.000 309.77331 ? 6  DA B C8    1 
ATOM 322 N N7    . DA B 2 6  ? -2.34764  5.78223   -7.34601  1.000 302.89876 ? 6  DA B N7    1 
ATOM 323 C C5    . DA B 2 6  ? -2.72802  5.20517   -6.14390  1.000 295.38721 ? 6  DA B C5    1 
ATOM 324 C C6    . DA B 2 6  ? -3.47026  5.69182   -5.04411  1.000 270.52954 ? 6  DA B C6    1 
ATOM 325 N N6    . DA B 2 6  ? -3.98100  6.92899   -4.98615  1.000 264.43415 ? 6  DA B N6    1 
ATOM 326 N N1    . DA B 2 6  ? -3.66887  4.85291   -4.00250  1.000 270.08929 ? 6  DA B N1    1 
ATOM 327 C C2    . DA B 2 6  ? -3.15498  3.61643   -4.06352  1.000 276.28544 ? 6  DA B C2    1 
ATOM 328 N N3    . DA B 2 6  ? -2.44593  3.04776   -5.03926  1.000 282.57773 ? 6  DA B N3    1 
ATOM 329 C C4    . DA B 2 6  ? -2.26456  3.90288   -6.05833  1.000 296.32089 ? 6  DA B C4    1 
ATOM 330 P P     . DG B 2 7  ? -0.72540  -1.19118  -9.49251  1.000 288.45516 ? 7  DG B P     1 
ATOM 331 O OP1   . DG B 2 7  ? 0.10824   -2.40926  -9.60130  1.000 330.02658 ? 7  DG B OP1   1 
ATOM 332 O OP2   . DG B 2 7  ? -1.42005  -0.70360  -10.70297 1.000 309.31602 ? 7  DG B OP2   1 
ATOM 333 O "O5'" . DG B 2 7  ? -1.81620  -1.36029  -8.32196  1.000 310.64990 ? 7  DG B "O5'" 1 
ATOM 334 C "C5'" . DG B 2 7  ? -1.39631  -1.44796  -6.95665  1.000 296.33075 ? 7  DG B "C5'" 1 
ATOM 335 C "C4'" . DG B 2 7  ? -2.57924  -1.63766  -6.01010  1.000 270.22571 ? 7  DG B "C4'" 1 
ATOM 336 O "O4'" . DG B 2 7  ? -3.11934  -0.34798  -5.62202  1.000 231.44347 ? 7  DG B "O4'" 1 
ATOM 337 C "C3'" . DG B 2 7  ? -3.76164  -2.44067  -6.55930  1.000 271.05197 ? 7  DG B "C3'" 1 
ATOM 338 O "O3'" . DG B 2 7  ? -4.31135  -3.24304  -5.51195  1.000 236.05123 ? 7  DG B "O3'" 1 
ATOM 339 C "C2'" . DG B 2 7  ? -4.73283  -1.34503  -6.99071  1.000 261.56417 ? 7  DG B "C2'" 1 
ATOM 340 C "C1'" . DG B 2 7  ? -4.50581  -0.31708  -5.89518  1.000 265.42536 ? 7  DG B "C1'" 1 
ATOM 341 N N9    . DG B 2 7  ? -4.86148  1.04960   -6.26518  1.000 284.55150 ? 7  DG B N9    1 
ATOM 342 C C8    . DG B 2 7  ? -4.53817  1.71368   -7.42582  1.000 286.15272 ? 7  DG B C8    1 
ATOM 343 N N7    . DG B 2 7  ? -4.97913  2.94352   -7.46180  1.000 272.95652 ? 7  DG B N7    1 
ATOM 344 C C5    . DG B 2 7  ? -5.62757  3.10638   -6.24300  1.000 275.80507 ? 7  DG B C5    1 
ATOM 345 C C6    . DG B 2 7  ? -6.30392  4.23293   -5.70909  1.000 273.69029 ? 7  DG B C6    1 
ATOM 346 O O6    . DG B 2 7  ? -6.46979  5.34951   -6.22346  1.000 270.07924 ? 7  DG B O6    1 
ATOM 347 N N1    . DG B 2 7  ? -6.81757  3.96945   -4.43906  1.000 286.36536 ? 7  DG B N1    1 
ATOM 348 C C2    . DG B 2 7  ? -6.69220  2.76815   -3.77486  1.000 289.15906 ? 7  DG B C2    1 
ATOM 349 N N2    . DG B 2 7  ? -7.24943  2.69340   -2.55741  1.000 322.89908 ? 7  DG B N2    1 
ATOM 350 N N3    . DG B 2 7  ? -6.06093  1.71034   -4.26551  1.000 265.77150 ? 7  DG B N3    1 
ATOM 351 C C4    . DG B 2 7  ? -5.55836  1.94952   -5.49757  1.000 274.11801 ? 7  DG B C4    1 
ATOM 352 P P     . DT B 2 8  ? -5.44483  -4.34352  -5.81819  1.000 269.28466 ? 8  DT B P     1 
ATOM 353 O OP1   . DT B 2 8  ? -4.94672  -5.64430  -5.31674  1.000 280.70398 ? 8  DT B OP1   1 
ATOM 354 O OP2   . DT B 2 8  ? -5.85723  -4.22691  -7.23723  1.000 208.92394 ? 8  DT B OP2   1 
ATOM 355 O "O5'" . DT B 2 8  ? -6.67230  -3.87718  -4.90065  1.000 296.38383 ? 8  DT B "O5'" 1 
ATOM 356 C "C5'" . DT B 2 8  ? -6.44108  -3.47027  -3.54830  1.000 231.89678 ? 8  DT B "C5'" 1 
ATOM 357 C "C4'" . DT B 2 8  ? -7.72689  -2.98940  -2.88915  1.000 234.38673 ? 8  DT B "C4'" 1 
ATOM 358 O "O4'" . DT B 2 8  ? -7.93734  -1.58042  -3.18295  1.000 215.02641 ? 8  DT B "O4'" 1 
ATOM 359 C "C3'" . DT B 2 8  ? -9.00252  -3.70432  -3.33442  1.000 273.76066 ? 8  DT B "C3'" 1 
ATOM 360 O "O3'" . DT B 2 8  ? -9.89012  -3.82463  -2.22398  1.000 251.88096 ? 8  DT B "O3'" 1 
ATOM 361 C "C2'" . DT B 2 8  ? -9.55827  -2.75279  -4.39214  1.000 288.68040 ? 8  DT B "C2'" 1 
ATOM 362 C "C1'" . DT B 2 8  ? -9.20719  -1.40530  -3.77755  1.000 268.76259 ? 8  DT B "C1'" 1 
ATOM 363 N N1    . DT B 2 8  ? -9.11600  -0.27977  -4.76888  1.000 280.46717 ? 8  DT B N1    1 
ATOM 364 C C2    . DT B 2 8  ? -9.64347  0.95108   -4.44446  1.000 274.38325 ? 8  DT B C2    1 
ATOM 365 O O2    . DT B 2 8  ? -10.19701 1.18335   -3.38411  1.000 268.08790 ? 8  DT B O2    1 
ATOM 366 N N3    . DT B 2 8  ? -9.49907  1.91084   -5.41462  1.000 269.37627 ? 8  DT B N3    1 
ATOM 367 C C4    . DT B 2 8  ? -8.89781  1.77360   -6.64692  1.000 248.07398 ? 8  DT B C4    1 
ATOM 368 O O4    . DT B 2 8  ? -8.82196  2.70362   -7.45016  1.000 232.51544 ? 8  DT B O4    1 
ATOM 369 C C5    . DT B 2 8  ? -8.36370  0.46182   -6.92488  1.000 245.71734 ? 8  DT B C5    1 
ATOM 370 C C7    . DT B 2 8  ? -7.68653  0.19187   -8.23194  1.000 256.58892 ? 8  DT B C7    1 
ATOM 371 C C6    . DT B 2 8  ? -8.49544  -0.49107  -5.98364  1.000 270.42935 ? 8  DT B C6    1 
ATOM 372 P P     . DG B 2 9  ? -11.08529 -4.90197  -2.23776  1.000 270.11818 ? 9  DG B P     1 
ATOM 373 O OP1   . DG B 2 9  ? -10.64014 -6.08045  -1.46307  1.000 254.28296 ? 9  DG B OP1   1 
ATOM 374 O OP2   . DG B 2 9  ? -11.52973 -5.08922  -3.63653  1.000 251.74706 ? 9  DG B OP2   1 
ATOM 375 O "O5'" . DG B 2 9  ? -12.26726 -4.16619  -1.44453  1.000 289.91256 ? 9  DG B "O5'" 1 
ATOM 376 C "C5'" . DG B 2 9  ? -11.98463 -3.03550  -0.61081  1.000 239.93766 ? 9  DG B "C5'" 1 
ATOM 377 C "C4'" . DG B 2 9  ? -13.22560 -2.17289  -0.43120  1.000 239.00255 ? 9  DG B "C4'" 1 
ATOM 378 O "O4'" . DG B 2 9  ? -13.13080 -0.99873  -1.27667  1.000 232.75846 ? 9  DG B "O4'" 1 
ATOM 379 C "C3'" . DG B 2 9  ? -14.53938 -2.84846  -0.80826  1.000 290.13398 ? 9  DG B "C3'" 1 
ATOM 380 O "O3'" . DG B 2 9  ? -15.59676 -2.36531  0.01464   1.000 289.12924 ? 9  DG B "O3'" 1 
ATOM 381 C "C2'" . DG B 2 9  ? -14.72668 -2.43978  -2.26588  1.000 272.44347 ? 9  DG B "C2'" 1 
ATOM 382 C "C1'" . DG B 2 9  ? -14.11984 -1.04416  -2.29310  1.000 251.75050 ? 9  DG B "C1'" 1 
ATOM 383 N N9    . DG B 2 9  ? -13.47780 -0.73817  -3.56347  1.000 268.04387 ? 9  DG B N9    1 
ATOM 384 C C8    . DG B 2 9  ? -12.66404 -1.56589  -4.29618  1.000 264.49086 ? 9  DG B C8    1 
ATOM 385 N N7    . DG B 2 9  ? -12.22542 -1.02421  -5.39780  1.000 256.81049 ? 9  DG B N7    1 
ATOM 386 C C5    . DG B 2 9  ? -12.78772 0.24286   -5.39673  1.000 264.74587 ? 9  DG B C5    1 
ATOM 387 C C6    . DG B 2 9  ? -12.67268 1.29022   -6.33828  1.000 247.94017 ? 9  DG B C6    1 
ATOM 388 O O6    . DG B 2 9  ? -12.02640 1.30295   -7.39655  1.000 247.08766 ? 9  DG B O6    1 
ATOM 389 N N1    . DG B 2 9  ? -13.40672 2.40766   -5.95414  1.000 254.57196 ? 9  DG B N1    1 
ATOM 390 C C2    . DG B 2 9  ? -14.15934 2.50131   -4.80320  1.000 257.95636 ? 9  DG B C2    1 
ATOM 391 N N2    . DG B 2 9  ? -14.79862 3.65969   -4.59621  1.000 264.09943 ? 9  DG B N2    1 
ATOM 392 N N3    . DG B 2 9  ? -14.27311 1.52718   -3.91173  1.000 261.94815 ? 9  DG B N3    1 
ATOM 393 C C4    . DG B 2 9  ? -13.56062 0.43594   -4.26925  1.000 268.47758 ? 9  DG B C4    1 
ATOM 394 P P     . DC B 2 10 ? -17.12286 -2.76247  -0.30591  1.000 319.87973 ? 10 DC B P     1 
ATOM 395 O OP1   . DC B 2 10 ? -17.82717 -2.87413  0.98982   1.000 348.57062 ? 10 DC B OP1   1 
ATOM 396 O OP2   . DC B 2 10 ? -17.13987 -3.92445  -1.22685  1.000 264.79759 ? 10 DC B OP2   1 
ATOM 397 O "O5'" . DC B 2 10 ? -17.69034 -1.47334  -1.06528  1.000 270.86189 ? 10 DC B "O5'" 1 
ATOM 398 C "C5'" . DC B 2 10 ? -17.74341 -0.21739  -0.38012  1.000 262.32890 ? 10 DC B "C5'" 1 
ATOM 399 C "C4'" . DC B 2 10 ? -18.51041 0.81974   -1.18523  1.000 296.85803 ? 10 DC B "C4'" 1 
ATOM 400 O "O4'" . DC B 2 10 ? -17.71983 1.22759   -2.33479  1.000 292.26338 ? 10 DC B "O4'" 1 
ATOM 401 C "C3'" . DC B 2 10 ? -19.85577 0.34637   -1.73950  1.000 299.45273 ? 10 DC B "C3'" 1 
ATOM 402 O "O3'" . DC B 2 10 ? -20.82222 1.40076   -1.66277  1.000 291.88305 ? 10 DC B "O3'" 1 
ATOM 403 C "C2'" . DC B 2 10 ? -19.51613 -0.00652  -3.18385  1.000 281.82497 ? 10 DC B "C2'" 1 
ATOM 404 C "C1'" . DC B 2 10 ? -18.47599 1.05392   -3.51408  1.000 290.18395 ? 10 DC B "C1'" 1 
ATOM 405 N N1    . DC B 2 10 ? -17.54253 0.67179   -4.62316  1.000 288.26206 ? 10 DC B N1    1 
ATOM 406 C C2    . DC B 2 10 ? -17.30581 1.57209   -5.66740  1.000 285.66437 ? 10 DC B C2    1 
ATOM 407 O O2    . DC B 2 10 ? -17.88329 2.66472   -5.65294  1.000 294.78108 ? 10 DC B O2    1 
ATOM 408 N N3    . DC B 2 10 ? -16.45190 1.21713   -6.66166  1.000 274.15295 ? 10 DC B N3    1 
ATOM 409 C C4    . DC B 2 10 ? -15.85317 0.02473   -6.63329  1.000 266.85489 ? 10 DC B C4    1 
ATOM 410 N N4    . DC B 2 10 ? -15.02092 -0.28433  -7.63304  1.000 263.94944 ? 10 DC B N4    1 
ATOM 411 C C5    . DC B 2 10 ? -16.08495 -0.90650  -5.57855  1.000 262.78886 ? 10 DC B C5    1 
ATOM 412 C C6    . DC B 2 10 ? -16.92350 -0.54270  -4.60154  1.000 276.68866 ? 10 DC B C6    1 
ATOM 413 P P     . DA B 2 11 ? -22.36163 1.07446   -1.32825  1.000 301.38298 ? 11 DA B P     1 
ATOM 414 O OP1   . DA B 2 11 ? -22.71683 1.77461   -0.07324  1.000 303.80893 ? 11 DA B OP1   1 
ATOM 415 O OP2   . DA B 2 11 ? -22.55222 -0.38874  -1.44949  1.000 298.19814 ? 11 DA B OP2   1 
ATOM 416 O "O5'" . DA B 2 11 ? -23.15985 1.77265   -2.51895  1.000 313.02925 ? 11 DA B "O5'" 1 
ATOM 417 C "C5'" . DA B 2 11 ? -22.97553 3.15541   -2.77402  1.000 317.51245 ? 11 DA B "C5'" 1 
ATOM 418 C "C4'" . DA B 2 11 ? -23.01592 3.43201   -4.26482  1.000 323.11525 ? 11 DA B "C4'" 1 
ATOM 419 O "O4'" . DA B 2 11 ? -21.81974 2.91137   -4.89034  1.000 313.61930 ? 11 DA B "O4'" 1 
ATOM 420 C "C3'" . DA B 2 11 ? -24.19535 2.79082   -5.00481  1.000 336.51140 ? 11 DA B "C3'" 1 
ATOM 421 O "O3'" . DA B 2 11 ? -25.04161 3.80012   -5.54169  1.000 345.24287 ? 11 DA B "O3'" 1 
ATOM 422 C "C2'" . DA B 2 11 ? -23.54429 1.94398   -6.11211  1.000 329.52781 ? 11 DA B "C2'" 1 
ATOM 423 C "C1'" . DA B 2 11 ? -22.14015 2.52136   -6.19717  1.000 319.04973 ? 11 DA B "C1'" 1 
ATOM 424 N N9    . DA B 2 11 ? -21.14524 1.56221   -6.66306  1.000 309.74250 ? 11 DA B N9    1 
ATOM 425 C C8    . DA B 2 11 ? -20.81497 0.37450   -6.08233  1.000 301.56829 ? 11 DA B C8    1 
ATOM 426 N N7    . DA B 2 11 ? -19.88162 -0.28779  -6.72074  1.000 307.16112 ? 11 DA B N7    1 
ATOM 427 C C5    . DA B 2 11 ? -19.58770 0.51789   -7.80612  1.000 319.74961 ? 11 DA B C5    1 
ATOM 428 C C6    . DA B 2 11 ? -18.67940 0.37874   -8.87478  1.000 341.38993 ? 11 DA B C6    1 
ATOM 429 N N6    . DA B 2 11 ? -17.86692 -0.67481  -9.02316  1.000 375.81706 ? 11 DA B N6    1 
ATOM 430 N N1    . DA B 2 11 ? -18.63782 1.36734   -9.78812  1.000 311.81479 ? 11 DA B N1    1 
ATOM 431 C C2    . DA B 2 11 ? -19.45092 2.42025   -9.63997  1.000 310.79208 ? 11 DA B C2    1 
ATOM 432 N N3    . DA B 2 11 ? -20.34261 2.66176   -8.68098  1.000 314.59306 ? 11 DA B N3    1 
ATOM 433 C C4    . DA B 2 11 ? -20.35877 1.66386   -7.78556  1.000 308.14611 ? 11 DA B C4    1 
ATOM 434 O "O5'" . DT C 3 1  ? -17.88995 -9.34152  -15.83014 1.000 308.64282 ? 1  DT C "O5'" 1 
ATOM 435 C "C5'" . DT C 3 1  ? -18.18130 -9.32257  -17.23485 1.000 355.04824 ? 1  DT C "C5'" 1 
ATOM 436 C "C4'" . DT C 3 1  ? -18.11894 -7.91145  -17.78221 1.000 350.33465 ? 1  DT C "C4'" 1 
ATOM 437 O "O4'" . DT C 3 1  ? -19.19502 -7.12384  -17.20726 1.000 338.37684 ? 1  DT C "O4'" 1 
ATOM 438 C "C3'" . DT C 3 1  ? -16.82991 -7.15524  -17.46493 1.000 344.48975 ? 1  DT C "C3'" 1 
ATOM 439 O "O3'" . DT C 3 1  ? -16.49230 -6.30572  -18.54749 1.000 355.67949 ? 1  DT C "O3'" 1 
ATOM 440 C "C2'" . DT C 3 1  ? -17.21241 -6.34983  -16.23208 1.000 294.03662 ? 1  DT C "C2'" 1 
ATOM 441 C "C1'" . DT C 3 1  ? -18.65446 -5.99604  -16.55248 1.000 329.49927 ? 1  DT C "C1'" 1 
ATOM 442 N N1    . DT C 3 1  ? -19.46695 -5.70664  -15.34391 1.000 319.52942 ? 1  DT C N1    1 
ATOM 443 C C2    . DT C 3 1  ? -20.29264 -4.60566  -15.33928 1.000 331.04359 ? 1  DT C C2    1 
ATOM 444 O O2    . DT C 3 1  ? -20.40965 -3.85196  -16.29135 1.000 325.21238 ? 1  DT C O2    1 
ATOM 445 N N3    . DT C 3 1  ? -20.98956 -4.42008  -14.17609 1.000 340.62295 ? 1  DT C N3    1 
ATOM 446 C C4    . DT C 3 1  ? -20.93995 -5.20422  -13.03792 1.000 315.15511 ? 1  DT C C4    1 
ATOM 447 O O4    . DT C 3 1  ? -21.60624 -4.95331  -12.03843 1.000 318.30739 ? 1  DT C O4    1 
ATOM 448 C C5    . DT C 3 1  ? -20.04979 -6.33857  -13.10609 1.000 287.80898 ? 1  DT C C5    1 
ATOM 449 C C7    . DT C 3 1  ? -19.91215 -7.25424  -11.92838 1.000 284.61749 ? 1  DT C C7    1 
ATOM 450 C C6    . DT C 3 1  ? -19.36002 -6.53225  -14.24091 1.000 291.25729 ? 1  DT C C6    1 
ATOM 451 P P     . DC C 3 2  ? -15.09214 -5.51667  -18.55227 1.000 363.22259 ? 2  DC C P     1 
ATOM 452 O OP1   . DC C 3 2  ? -14.42043 -5.87287  -19.82214 1.000 360.36820 ? 2  DC C OP1   1 
ATOM 453 O OP2   . DC C 3 2  ? -14.40558 -5.74586  -17.25471 1.000 290.35397 ? 2  DC C OP2   1 
ATOM 454 O "O5'" . DC C 3 2  ? -15.51934 -3.97469  -18.62718 1.000 351.25225 ? 2  DC C "O5'" 1 
ATOM 455 C "C5'" . DC C 3 2  ? -16.12038 -3.45599  -19.81673 1.000 303.91186 ? 2  DC C "C5'" 1 
ATOM 456 C "C4'" . DC C 3 2  ? -16.51898 -1.99682  -19.64240 1.000 319.74962 ? 2  DC C "C4'" 1 
ATOM 457 O "O4'" . DC C 3 2  ? -17.44211 -1.86905  -18.52948 1.000 352.48104 ? 2  DC C "O4'" 1 
ATOM 458 C "C3'" . DC C 3 2  ? -15.37597 -1.03160  -19.33801 1.000 336.70442 ? 2  DC C "C3'" 1 
ATOM 459 O "O3'" . DC C 3 2  ? -15.66196 0.23472   -19.92750 1.000 349.12830 ? 2  DC C "O3'" 1 
ATOM 460 C "C2'" . DC C 3 2  ? -15.39642 -0.96266  -17.81152 1.000 286.06746 ? 2  DC C "C2'" 1 
ATOM 461 C "C1'" . DC C 3 2  ? -16.89015 -1.01954  -17.53656 1.000 308.90402 ? 2  DC C "C1'" 1 
ATOM 462 N N1    . DC C 3 2  ? -17.23945 -1.58531  -16.20654 1.000 301.48152 ? 2  DC C N1    1 
ATOM 463 C C2    . DC C 3 2  ? -18.17016 -0.92404  -15.39644 1.000 306.25926 ? 2  DC C C2    1 
ATOM 464 O O2    . DC C 3 2  ? -18.67177 0.13453   -15.79411 1.000 288.48367 ? 2  DC C O2    1 
ATOM 465 N N3    . DC C 3 2  ? -18.49236 -1.46140  -14.19423 1.000 324.61660 ? 2  DC C N3    1 
ATOM 466 C C4    . DC C 3 2  ? -17.92882 -2.60503  -13.80117 1.000 317.02494 ? 2  DC C C4    1 
ATOM 467 N N4    . DC C 3 2  ? -18.27819 -3.09589  -12.60674 1.000 281.49000 ? 2  DC C N4    1 
ATOM 468 C C5    . DC C 3 2  ? -16.98178 -3.29598  -14.61552 1.000 323.34963 ? 2  DC C C5    1 
ATOM 469 C C6    . DC C 3 2  ? -16.67394 -2.75856  -15.80082 1.000 311.85066 ? 2  DC C C6    1 
ATOM 470 P P     . DT C 3 3  ? -14.83361 1.54990   -19.51469 1.000 374.45137 ? 3  DT C P     1 
ATOM 471 O OP1   . DT C 3 3  ? -14.98160 2.49672   -20.64389 1.000 359.80182 ? 3  DT C OP1   1 
ATOM 472 O OP2   . DT C 3 3  ? -13.48442 1.15158   -19.04799 1.000 325.67934 ? 3  DT C OP2   1 
ATOM 473 O "O5'" . DT C 3 3  ? -15.63694 2.13990   -18.26119 1.000 298.82989 ? 3  DT C "O5'" 1 
ATOM 474 C "C5'" . DT C 3 3  ? -16.92591 2.72788   -18.45002 1.000 290.87393 ? 3  DT C "C5'" 1 
ATOM 475 C "C4'" . DT C 3 3  ? -17.22665 3.72885   -17.34938 1.000 283.84097 ? 3  DT C "C4'" 1 
ATOM 476 O "O4'" . DT C 3 3  ? -17.65961 3.02208   -16.15821 1.000 277.93913 ? 3  DT C "O4'" 1 
ATOM 477 C "C3'" . DT C 3 3  ? -16.03090 4.58346   -16.92203 1.000 311.69514 ? 3  DT C "C3'" 1 
ATOM 478 O "O3'" . DT C 3 3  ? -16.43736 5.91815   -16.67277 1.000 300.15339 ? 3  DT C "O3'" 1 
ATOM 479 C "C2'" . DT C 3 3  ? -15.56183 3.90365   -15.64576 1.000 273.09795 ? 3  DT C "C2'" 1 
ATOM 480 C "C1'" . DT C 3 3  ? -16.88262 3.44241   -15.06156 1.000 270.30102 ? 3  DT C "C1'" 1 
ATOM 481 N N1    . DT C 3 3  ? -16.73302 2.31469   -14.13100 1.000 275.76156 ? 3  DT C N1    1 
ATOM 482 C C2    . DT C 3 3  ? -17.50759 2.27508   -13.00156 1.000 264.00037 ? 3  DT C C2    1 
ATOM 483 O O2    . DT C 3 3  ? -18.33248 3.12677   -12.72759 1.000 264.24276 ? 3  DT C O2    1 
ATOM 484 N N3    . DT C 3 3  ? -17.28991 1.19670   -12.19581 1.000 267.09211 ? 3  DT C N3    1 
ATOM 485 C C4    . DT C 3 3  ? -16.38596 0.17022   -12.40204 1.000 312.54044 ? 3  DT C C4    1 
ATOM 486 O O4    . DT C 3 3  ? -16.26565 -0.76163  -11.61240 1.000 341.02638 ? 3  DT C O4    1 
ATOM 487 C C5    . DT C 3 3  ? -15.59596 0.27637   -13.60919 1.000 324.19722 ? 3  DT C C5    1 
ATOM 488 C C7    . DT C 3 3  ? -14.57727 -0.77194  -13.94333 1.000 353.51952 ? 3  DT C C7    1 
ATOM 489 C C6    . DT C 3 3  ? -15.80468 1.33406   -14.40429 1.000 292.01527 ? 3  DT C C6    1 
ATOM 490 P P     . DG C 3 4  ? -15.44232 7.12995   -17.02115 1.000 363.42897 ? 4  DG C P     1 
ATOM 491 O OP1   . DG C 3 4  ? -15.88559 7.72168   -18.30406 1.000 357.00774 ? 4  DG C OP1   1 
ATOM 492 O OP2   . DG C 3 4  ? -14.05788 6.61999   -16.88391 1.000 327.85289 ? 4  DG C OP2   1 
ATOM 493 O "O5'" . DG C 3 4  ? -15.67849 8.17770   -15.83806 1.000 282.23712 ? 4  DG C "O5'" 1 
ATOM 494 C "C5'" . DG C 3 4  ? -16.92452 8.22868   -15.16428 1.000 268.22900 ? 4  DG C "C5'" 1 
ATOM 495 C "C4'" . DG C 3 4  ? -16.70144 8.37061   -13.67335 1.000 261.19168 ? 4  DG C "C4'" 1 
ATOM 496 O "O4'" . DG C 3 4  ? -16.75695 7.06976   -13.06221 1.000 259.03768 ? 4  DG C "O4'" 1 
ATOM 497 C "C3'" . DG C 3 4  ? -15.34122 8.96005   -13.28958 1.000 279.28762 ? 4  DG C "C3'" 1 
ATOM 498 O "O3'" . DG C 3 4  ? -15.51152 10.26380  -12.73868 1.000 285.00766 ? 4  DG C "O3'" 1 
ATOM 499 C "C2'" . DG C 3 4  ? -14.75280 7.97240   -12.26683 1.000 279.79294 ? 4  DG C "C2'" 1 
ATOM 500 C "C1'" . DG C 3 4  ? -15.91794 7.05519   -11.93891 1.000 252.55147 ? 4  DG C "C1'" 1 
ATOM 501 N N9    . DG C 3 4  ? -15.51052 5.67579   -11.69959 1.000 265.14026 ? 4  DG C N9    1 
ATOM 502 C C8    . DG C 3 4  ? -14.71395 4.89615   -12.50183 1.000 267.48321 ? 4  DG C C8    1 
ATOM 503 N N7    . DG C 3 4  ? -14.52664 3.69318   -12.03466 1.000 264.49641 ? 4  DG C N7    1 
ATOM 504 C C5    . DG C 3 4  ? -15.24613 3.67554   -10.84803 1.000 268.24751 ? 4  DG C C5    1 
ATOM 505 C C6    . DG C 3 4  ? -15.41652 2.64129   -9.89896  1.000 276.18635 ? 4  DG C C6    1 
ATOM 506 O O6    . DG C 3 4  ? -14.95072 1.49481   -9.92364  1.000 278.16809 ? 4  DG C O6    1 
ATOM 507 N N1    . DG C 3 4  ? -16.22245 3.04309   -8.83849  1.000 287.19135 ? 4  DG C N1    1 
ATOM 508 C C2    . DG C 3 4  ? -16.79098 4.28917   -8.70902  1.000 285.20821 ? 4  DG C C2    1 
ATOM 509 N N2    . DG C 3 4  ? -17.53808 4.49948   -7.61779  1.000 280.22188 ? 4  DG C N2    1 
ATOM 510 N N3    . DG C 3 4  ? -16.63678 5.26596   -9.58972  1.000 277.74079 ? 4  DG C N3    1 
ATOM 511 C C4    . DG C 3 4  ? -15.85653 4.89053   -10.62764 1.000 270.28010 ? 4  DG C C4    1 
ATOM 512 P P     . DC C 3 5  ? -14.32015 10.98031  -11.92814 1.000 365.65842 ? 5  DC C P     1 
ATOM 513 O OP1   . DC C 3 5  ? -14.54188 12.43714  -12.03952 1.000 350.47937 ? 5  DC C OP1   1 
ATOM 514 O OP2   . DC C 3 5  ? -13.01077 10.42782  -12.34850 1.000 392.31743 ? 5  DC C OP2   1 
ATOM 515 O "O5'" . DC C 3 5  ? -14.58827 10.54036  -10.41854 1.000 270.99237 ? 5  DC C "O5'" 1 
ATOM 516 C "C5'" . DC C 3 5  ? -15.91939 10.49237  -9.92580  1.000 245.53307 ? 5  DC C "C5'" 1 
ATOM 517 C "C4'" . DC C 3 5  ? -15.94806 9.88537   -8.53986  1.000 267.29559 ? 5  DC C "C4'" 1 
ATOM 518 O "O4'" . DC C 3 5  ? -15.72827 8.45161   -8.63013  1.000 263.24050 ? 5  DC C "O4'" 1 
ATOM 519 C "C3'" . DC C 3 5  ? -14.87411 10.41824  -7.58398  1.000 297.97554 ? 5  DC C "C3'" 1 
ATOM 520 O "O3'" . DC C 3 5  ? -15.43921 10.62894  -6.29464  1.000 331.60355 ? 5  DC C "O3'" 1 
ATOM 521 C "C2'" . DC C 3 5  ? -13.84071 9.29350   -7.56425  1.000 288.83680 ? 5  DC C "C2'" 1 
ATOM 522 C "C1'" . DC C 3 5  ? -14.74792 8.08366   -7.68631  1.000 306.02447 ? 5  DC C "C1'" 1 
ATOM 523 N N1    . DC C 3 5  ? -14.05650 6.85013   -8.15521  1.000 297.13279 ? 5  DC C N1    1 
ATOM 524 C C2    . DC C 3 5  ? -14.19651 5.66595   -7.42176  1.000 272.35876 ? 5  DC C C2    1 
ATOM 525 O O2    . DC C 3 5  ? -14.90297 5.67097   -6.40397  1.000 232.06428 ? 5  DC C O2    1 
ATOM 526 N N3    . DC C 3 5  ? -13.56517 4.54821   -7.85493  1.000 256.47976 ? 5  DC C N3    1 
ATOM 527 C C4    . DC C 3 5  ? -12.81627 4.59105   -8.96165  1.000 261.97292 ? 5  DC C C4    1 
ATOM 528 N N4    . DC C 3 5  ? -12.21196 3.46472   -9.34985  1.000 256.79295 ? 5  DC C N4    1 
ATOM 529 C C5    . DC C 3 5  ? -12.65863 5.79066   -9.72080  1.000 250.19603 ? 5  DC C C5    1 
ATOM 530 C C6    . DC C 3 5  ? -13.28835 6.88591   -9.28349  1.000 264.48952 ? 5  DC C C6    1 
ATOM 531 P P     . DA C 3 6  ? -14.77970 11.69004  -5.28395  1.000 325.35420 ? 6  DA C P     1 
ATOM 532 O OP1   . DA C 3 6  ? -15.78213 12.75053  -5.03540  1.000 308.14927 ? 6  DA C OP1   1 
ATOM 533 O OP2   . DA C 3 6  ? -13.43768 12.03224  -5.81020  1.000 277.31508 ? 6  DA C OP2   1 
ATOM 534 O "O5'" . DA C 3 6  ? -14.59148 10.86310  -3.92843  1.000 300.30773 ? 6  DA C "O5'" 1 
ATOM 535 C "C5'" . DA C 3 6  ? -15.72146 10.26047  -3.30026  1.000 293.84363 ? 6  DA C "C5'" 1 
ATOM 536 C "C4'" . DA C 3 6  ? -15.29295 9.26144   -2.23502  1.000 282.52199 ? 6  DA C "C4'" 1 
ATOM 537 O "O4'" . DA C 3 6  ? -14.66153 8.11270   -2.85754  1.000 281.37492 ? 6  DA C "O4'" 1 
ATOM 538 C "C3'" . DA C 3 6  ? -14.28711 9.77997   -1.21636  1.000 278.26603 ? 6  DA C "C3'" 1 
ATOM 539 O "O3'" . DA C 3 6  ? -14.51167 9.13603   0.03836   1.000 279.30419 ? 6  DA C "O3'" 1 
ATOM 540 C "C2'" . DA C 3 6  ? -12.94660 9.37239   -1.83294  1.000 243.51932 ? 6  DA C "C2'" 1 
ATOM 541 C "C1'" . DA C 3 6  ? -13.30154 8.02647   -2.45941  1.000 283.99778 ? 6  DA C "C1'" 1 
ATOM 542 N N9    . DA C 3 6  ? -12.50501 7.67875   -3.64288  1.000 299.18333 ? 6  DA C N9    1 
ATOM 543 C C8    . DA C 3 6  ? -12.14185 8.50395   -4.67239  1.000 274.51474 ? 6  DA C C8    1 
ATOM 544 N N7    . DA C 3 6  ? -11.44275 7.90366   -5.61375  1.000 236.71982 ? 6  DA C N7    1 
ATOM 545 C C5    . DA C 3 6  ? -11.34773 6.59326   -5.17424  1.000 265.08198 ? 6  DA C C5    1 
ATOM 546 C C6    . DA C 3 6  ? -10.73058 5.44203   -5.71662  1.000 254.41058 ? 6  DA C C6    1 
ATOM 547 N N6    . DA C 3 6  ? -10.06277 5.43877   -6.87945  1.000 225.52708 ? 6  DA C N6    1 
ATOM 548 N N1    . DA C 3 6  ? -10.82747 4.29133   -5.01415  1.000 274.05378 ? 6  DA C N1    1 
ATOM 549 C C2    . DA C 3 6  ? -11.49612 4.29944   -3.85567  1.000 282.71005 ? 6  DA C C2    1 
ATOM 550 N N3    . DA C 3 6  ? -12.11245 5.30855   -3.24755  1.000 290.06082 ? 6  DA C N3    1 
ATOM 551 C C4    . DA C 3 6  ? -12.00187 6.43594   -3.96095  1.000 290.69778 ? 6  DA C C4    1 
ATOM 552 P P     . DC C 3 7  ? -14.41360 9.97101   1.40814   1.000 325.85180 ? 7  DC C P     1 
ATOM 553 O OP1   . DC C 3 7  ? -15.68083 9.77712   2.15585   1.000 253.92297 ? 7  DC C OP1   1 
ATOM 554 O OP2   . DC C 3 7  ? -13.94233 11.33419  1.05918   1.000 270.94450 ? 7  DC C OP2   1 
ATOM 555 O "O5'" . DC C 3 7  ? -13.23463 9.24477   2.20595   1.000 308.45418 ? 7  DC C "O5'" 1 
ATOM 556 C "C5'" . DC C 3 7  ? -11.98757 9.01045   1.56491   1.000 280.05430 ? 7  DC C "C5'" 1 
ATOM 557 C "C4'" . DC C 3 7  ? -11.64153 7.53368   1.59177   1.000 300.16452 ? 7  DC C "C4'" 1 
ATOM 558 O "O4'" . DC C 3 7  ? -11.41426 7.06246   0.23562   1.000 286.12144 ? 7  DC C "O4'" 1 
ATOM 559 C "C3'" . DC C 3 7  ? -10.38401 7.18845   2.38656   1.000 305.80409 ? 7  DC C "C3'" 1 
ATOM 560 O "O3'" . DC C 3 7  ? -10.58653 5.99445   3.14358   1.000 315.10832 ? 7  DC C "O3'" 1 
ATOM 561 C "C2'" . DC C 3 7  ? -9.32551  7.00627   1.30202   1.000 273.01435 ? 7  DC C "C2'" 1 
ATOM 562 C "C1'" . DC C 3 7  ? -10.14529 6.45422   0.14368   1.000 275.34058 ? 7  DC C "C1'" 1 
ATOM 563 N N1    . DC C 3 7  ? -9.56687  6.76724   -1.20317  1.000 262.63962 ? 7  DC C N1    1 
ATOM 564 C C2    . DC C 3 7  ? -9.00764  5.74070   -1.97642  1.000 274.43973 ? 7  DC C C2    1 
ATOM 565 O O2    . DC C 3 7  ? -9.00171  4.58865   -1.53255  1.000 284.35477 ? 7  DC C O2    1 
ATOM 566 N N3    . DC C 3 7  ? -8.48720  6.04057   -3.19617  1.000 274.52425 ? 7  DC C N3    1 
ATOM 567 C C4    . DC C 3 7  ? -8.51345  7.29864   -3.64079  1.000 265.48817 ? 7  DC C C4    1 
ATOM 568 N N4    . DC C 3 7  ? -7.98966  7.54981   -4.84897  1.000 267.22127 ? 7  DC C N4    1 
ATOM 569 C C5    . DC C 3 7  ? -9.08011  8.35682   -2.86632  1.000 260.10495 ? 7  DC C C5    1 
ATOM 570 C C6    . DC C 3 7  ? -9.58888  8.04889   -1.66682  1.000 247.50426 ? 7  DC C C6    1 
ATOM 571 P P     . DT C 3 8  ? -9.72638  5.72441   4.47617   1.000 325.75369 ? 8  DT C P     1 
ATOM 572 O OP1   . DT C 3 8  ? -10.66564 5.69158   5.62490   1.000 234.86189 ? 8  DT C OP1   1 
ATOM 573 O OP2   . DT C 3 8  ? -8.59623  6.68524   4.48850   1.000 270.92260 ? 8  DT C OP2   1 
ATOM 574 O "O5'" . DT C 3 8  ? -9.12879  4.25704   4.23578   1.000 320.05316 ? 8  DT C "O5'" 1 
ATOM 575 C "C5'" . DT C 3 8  ? -9.10060  3.70731   2.91514   1.000 251.69179 ? 8  DT C "C5'" 1 
ATOM 576 C "C4'" . DT C 3 8  ? -7.82522  2.91303   2.67984   1.000 253.23138 ? 8  DT C "C4'" 1 
ATOM 577 O "O4'" . DT C 3 8  ? -7.26762  3.26736   1.38399   1.000 252.75792 ? 8  DT C "O4'" 1 
ATOM 578 C "C3'" . DT C 3 8  ? -6.69666  3.16099   3.68481   1.000 281.95282 ? 8  DT C "C3'" 1 
ATOM 579 O "O3'" . DT C 3 8  ? -5.91275  1.97060   3.81239   1.000 264.92679 ? 8  DT C "O3'" 1 
ATOM 580 C "C2'" . DT C 3 8  ? -5.90632  4.27088   3.00012   1.000 243.69955 ? 8  DT C "C2'" 1 
ATOM 581 C "C1'" . DT C 3 8  ? -5.96039  3.78219   1.56198   1.000 246.19343 ? 8  DT C "C1'" 1 
ATOM 582 N N1    . DT C 3 8  ? -5.71320  4.84127   0.53962   1.000 252.99181 ? 8  DT C N1    1 
ATOM 583 C C2    . DT C 3 8  ? -5.11041  4.49285   -0.64949  1.000 289.95741 ? 8  DT C C2    1 
ATOM 584 O O2    . DT C 3 8  ? -4.76393  3.35383   -0.91446  1.000 294.33514 ? 8  DT C O2    1 
ATOM 585 N N3    . DT C 3 8  ? -4.92692  5.52963   -1.52679  1.000 300.78390 ? 8  DT C N3    1 
ATOM 586 C C4    . DT C 3 8  ? -5.27608  6.85373   -1.33885  1.000 283.28477 ? 8  DT C C4    1 
ATOM 587 O O4    . DT C 3 8  ? -5.06821  7.71395   -2.19330  1.000 271.52097 ? 8  DT C O4    1 
ATOM 588 C C5    . DT C 3 8  ? -5.90272  7.15339   -0.06884  1.000 245.56659 ? 8  DT C C5    1 
ATOM 589 C C7    . DT C 3 8  ? -6.32373  8.55634   0.24874   1.000 237.46912 ? 8  DT C C7    1 
ATOM 590 C C6    . DT C 3 8  ? -6.08566  6.14424   0.80076   1.000 225.59474 ? 8  DT C C6    1 
ATOM 591 P P     . DG C 3 9  ? -4.91914  1.75208   5.05936   1.000 271.72927 ? 9  DG C P     1 
ATOM 592 O OP1   . DG C 3 9  ? -5.60925  0.87549   6.03173   1.000 299.46762 ? 9  DG C OP1   1 
ATOM 593 O OP2   . DG C 3 9  ? -4.41385  3.07255   5.49957   1.000 254.43116 ? 9  DG C OP2   1 
ATOM 594 O "O5'" . DG C 3 9  ? -3.69779  0.93438   4.42169   1.000 246.13276 ? 9  DG C "O5'" 1 
ATOM 595 C "C5'" . DG C 3 9  ? -3.95069  -0.15305  3.52826   1.000 202.30303 ? 9  DG C "C5'" 1 
ATOM 596 C "C4'" . DG C 3 9  ? -2.84172  -0.27714  2.48993   1.000 219.82144 ? 9  DG C "C4'" 1 
ATOM 597 O "O4'" . DG C 3 9  ? -2.88162  0.86252   1.58784   1.000 224.39032 ? 9  DG C "O4'" 1 
ATOM 598 C "C3'" . DG C 3 9  ? -1.41727  -0.31020  3.04541   1.000 243.32198 ? 9  DG C "C3'" 1 
ATOM 599 O "O3'" . DG C 3 9  ? -0.60089  -1.14348  2.21816   1.000 246.79259 ? 9  DG C "O3'" 1 
ATOM 600 C "C2'" . DG C 3 9  ? -0.98972  1.15822   2.96076   1.000 225.68505 ? 9  DG C "C2'" 1 
ATOM 601 C "C1'" . DG C 3 9  ? -1.65245  1.57486   1.65155   1.000 235.69439 ? 9  DG C "C1'" 1 
ATOM 602 N N9    . DG C 3 9  ? -1.94528  3.01313   1.53150   1.000 243.62295 ? 9  DG C N9    1 
ATOM 603 C C8    . DG C 3 9  ? -2.59824  3.81120   2.44212   1.000 233.71802 ? 9  DG C C8    1 
ATOM 604 N N7    . DG C 3 9  ? -2.73918  5.05168   2.04591   1.000 233.16626 ? 9  DG C N7    1 
ATOM 605 C C5    . DG C 3 9  ? -2.14807  5.07890   0.78599   1.000 256.55379 ? 9  DG C C5    1 
ATOM 606 C C6    . DG C 3 9  ? -1.99222  6.15361   -0.13962  1.000 273.76283 ? 9  DG C C6    1 
ATOM 607 O O6    . DG C 3 9  ? -2.36090  7.33512   -0.02288  1.000 297.94981 ? 9  DG C O6    1 
ATOM 608 N N1    . DG C 3 9  ? -1.33261  5.74501   -1.30202  1.000 242.96057 ? 9  DG C N1    1 
ATOM 609 C C2    . DG C 3 9  ? -0.88208  4.46351   -1.53708  1.000 236.35008 ? 9  DG C C2    1 
ATOM 610 N N2    . DG C 3 9  ? -0.26666  4.24706   -2.70833  1.000 270.64928 ? 9  DG C N2    1 
ATOM 611 N N3    . DG C 3 9  ? -1.02168  3.45525   -0.68102  1.000 244.76873 ? 9  DG C N3    1 
ATOM 612 C C4    . DG C 3 9  ? -1.65930  3.83086   0.45239   1.000 249.38286 ? 9  DG C C4    1 
ATOM 613 P P     . DT C 3 10 ? 0.68070   -1.89228  2.83300   1.000 282.14047 ? 10 DT C P     1 
ATOM 614 O OP1   . DT C 3 10 ? 0.60875   -3.29913  2.35822   1.000 215.58635 ? 10 DT C OP1   1 
ATOM 615 O OP2   . DT C 3 10 ? 0.76781   -1.53494  4.27906   1.000 191.05162 ? 10 DT C OP2   1 
ATOM 616 O "O5'" . DT C 3 10 ? 1.91362   -1.19062  2.10013   1.000 244.67054 ? 10 DT C "O5'" 1 
ATOM 617 C "C5'" . DT C 3 10 ? 1.85798   -0.94000  0.70935   1.000 203.73170 ? 10 DT C "C5'" 1 
ATOM 618 C "C4'" . DT C 3 10 ? 2.77596   0.21348   0.34129   1.000 245.60721 ? 10 DT C "C4'" 1 
ATOM 619 O "O4'" . DT C 3 10 ? 2.04909   1.46747   0.38154   1.000 252.07911 ? 10 DT C "O4'" 1 
ATOM 620 C "C3'" . DT C 3 10 ? 4.00027   0.40493   1.25965   1.000 211.70080 ? 10 DT C "C3'" 1 
ATOM 621 O "O3'" . DT C 3 10 ? 5.19373   0.40617   0.47237   1.000 218.78339 ? 10 DT C "O3'" 1 
ATOM 622 C "C2'" . DT C 3 10 ? 3.75288   1.77913   1.90679   1.000 191.77488 ? 10 DT C "C2'" 1 
ATOM 623 C "C1'" . DT C 3 10 ? 2.94534   2.45577   0.81270   1.000 232.11785 ? 10 DT C "C1'" 1 
ATOM 624 N N1    . DT C 3 10 ? 2.18590   3.69488   1.23282   1.000 231.01388 ? 10 DT C N1    1 
ATOM 625 C C2    . DT C 3 10 ? 2.12587   4.75956   0.35892   1.000 241.74826 ? 10 DT C C2    1 
ATOM 626 O O2    . DT C 3 10 ? 2.65323   4.74682   -0.73886  1.000 289.14386 ? 10 DT C O2    1 
ATOM 627 N N3    . DT C 3 10 ? 1.42336   5.84847   0.81694   1.000 225.15961 ? 10 DT C N3    1 
ATOM 628 C C4    . DT C 3 10 ? 0.78306   5.97688   2.03513   1.000 216.35766 ? 10 DT C C4    1 
ATOM 629 O O4    . DT C 3 10 ? 0.17690   6.99983   2.35706   1.000 202.95085 ? 10 DT C O4    1 
ATOM 630 C C5    . DT C 3 10 ? 0.88483   4.82815   2.90947   1.000 223.54295 ? 10 DT C C5    1 
ATOM 631 C C7    . DT C 3 10 ? 0.23167   4.85659   4.25939   1.000 217.19848 ? 10 DT C C7    1 
ATOM 632 C C6    . DT C 3 10 ? 1.57392   3.75179   2.47231   1.000 226.81542 ? 10 DT C C6    1 
ATOM 633 P P     . DG C 3 11 ? 5.89573   -0.97738  0.04664   1.000 267.06272 ? 11 DG C P     1 
ATOM 634 O OP1   . DG C 3 11 ? 6.78602   -0.70086  -1.10594  1.000 228.90353 ? 11 DG C OP1   1 
ATOM 635 O OP2   . DG C 3 11 ? 4.86366   -2.02912  -0.07803  1.000 291.31707 ? 11 DG C OP2   1 
ATOM 636 O "O5'" . DG C 3 11 ? 6.77356   -1.36299  1.32028   1.000 193.34070 ? 11 DG C "O5'" 1 
ATOM 637 C "C5'" . DG C 3 11 ? 7.60497   -2.50210  1.26643   1.000 204.13383 ? 11 DG C "C5'" 1 
ATOM 638 C "C4'" . DG C 3 11 ? 8.81091   -2.32274  2.16019   1.000 218.18034 ? 11 DG C "C4'" 1 
ATOM 639 O "O4'" . DG C 3 11 ? 8.36714   -2.18696  3.53674   1.000 204.14121 ? 11 DG C "O4'" 1 
ATOM 640 C "C3'" . DG C 3 11 ? 9.80401   -3.48315  2.12511   1.000 230.59766 ? 11 DG C "C3'" 1 
ATOM 641 O "O3'" . DG C 3 11 ? 10.95352  -3.12102  1.33377   1.000 195.81421 ? 11 DG C "O3'" 1 
ATOM 642 C "C2'" . DG C 3 11 ? 10.16750  -3.68860  3.60041   1.000 240.41395 ? 11 DG C "C2'" 1 
ATOM 643 C "C1'" . DG C 3 11 ? 8.90205   -3.22674  4.31957   1.000 235.70483 ? 11 DG C "C1'" 1 
ATOM 644 N N9    . DG C 3 11 ? 7.86859   -4.25714  4.47546   1.000 254.91092 ? 11 DG C N9    1 
ATOM 645 C C8    . DG C 3 11 ? 6.56295   -4.17916  4.04709   1.000 245.94034 ? 11 DG C C8    1 
ATOM 646 N N7    . DG C 3 11 ? 5.85639   -5.23638  4.32507   1.000 260.41337 ? 11 DG C N7    1 
ATOM 647 C C5    . DG C 3 11 ? 6.74140   -6.07194  4.98836   1.000 268.08747 ? 11 DG C C5    1 
ATOM 648 C C6    . DG C 3 11 ? 6.53473   -7.35942  5.52793   1.000 280.01799 ? 11 DG C C6    1 
ATOM 649 O O6    . DG C 3 11 ? 5.49342   -8.03158  5.52306   1.000 289.50781 ? 11 DG C O6    1 
ATOM 650 N N1    . DG C 3 11 ? 7.69071   -7.86313  6.11748   1.000 287.44999 ? 11 DG C N1    1 
ATOM 651 C C2    . DG C 3 11 ? 8.89844   -7.20309  6.17906   1.000 262.28389 ? 11 DG C C2    1 
ATOM 652 N N2    . DG C 3 11 ? 9.90287   -7.85176  6.78691   1.000 253.74959 ? 11 DG C N2    1 
ATOM 653 N N3    . DG C 3 11 ? 9.10771   -5.98987  5.67611   1.000 243.82102 ? 11 DG C N3    1 
ATOM 654 C C4    . DG C 3 11 ? 7.98702   -5.48460  5.09874   1.000 262.10075 ? 11 DG C C4    1 
ATOM 655 P P     . DG C 3 12 ? 11.26273  -3.85517  -0.06845  1.000 253.83358 ? 12 DG C P     1 
ATOM 656 O OP1   . DG C 3 12 ? 12.25534  -3.01985  -0.78464  1.000 260.48319 ? 12 DG C OP1   1 
ATOM 657 O OP2   . DG C 3 12 ? 9.97725   -4.18854  -0.72704  1.000 230.22362 ? 12 DG C OP2   1 
ATOM 658 O "O5'" . DG C 3 12 ? 11.96781  -5.22840  0.36280   1.000 264.99489 ? 12 DG C "O5'" 1 
ATOM 659 C "C5'" . DG C 3 12 ? 13.29505  -5.21069  0.89017   1.000 246.51887 ? 12 DG C "C5'" 1 
ATOM 660 C "C4'" . DG C 3 12 ? 13.41250  -6.10687  2.11562   1.000 228.54908 ? 12 DG C "C4'" 1 
ATOM 661 O "O4'" . DG C 3 12 ? 12.21596  -5.99279  2.91491   1.000 224.43185 ? 12 DG C "O4'" 1 
ATOM 662 C "C3'" . DG C 3 12 ? 13.56475  -7.58624  1.81238   1.000 269.62512 ? 12 DG C "C3'" 1 
ATOM 663 O "O3'" . DG C 3 12 ? 14.95200  -7.90489  1.72195   1.000 259.65901 ? 12 DG C "O3'" 1 
ATOM 664 C "C2'" . DG C 3 12 ? 12.91917  -8.26665  3.02430   1.000 256.78764 ? 12 DG C "C2'" 1 
ATOM 665 C "C1'" . DG C 3 12 ? 11.91521  -7.23009  3.53323   1.000 252.84616 ? 12 DG C "C1'" 1 
ATOM 666 N N9    . DG C 3 12 ? 10.50952  -7.56243  3.26305   1.000 291.60750 ? 12 DG C N9    1 
ATOM 667 C C8    . DG C 3 12 ? 9.56746   -6.74539  2.68467   1.000 281.53392 ? 12 DG C C8    1 
ATOM 668 N N7    . DG C 3 12 ? 8.38785   -7.28864  2.57992   1.000 270.26566 ? 12 DG C N7    1 
ATOM 669 C C5    . DG C 3 12 ? 8.54876   -8.55311  3.12580   1.000 296.45160 ? 12 DG C C5    1 
ATOM 670 C C6    . DG C 3 12 ? 7.61250   -9.60225  3.27088   1.000 306.82874 ? 12 DG C C6    1 
ATOM 671 O O6    . DG C 3 12 ? 6.41464   -9.61531  2.94723   1.000 312.36796 ? 12 DG C O6    1 
ATOM 672 N N1    . DG C 3 12 ? 8.18642   -10.72176 3.86370   1.000 305.72058 ? 12 DG C N1    1 
ATOM 673 C C2    . DG C 3 12 ? 9.50056   -10.81749 4.26328   1.000 273.63761 ? 12 DG C C2    1 
ATOM 674 N N2    . DG C 3 12 ? 9.87047   -11.97959 4.81589   1.000 229.34902 ? 12 DG C N2    1 
ATOM 675 N N3    . DG C 3 12 ? 10.39306  -9.84201  4.12893   1.000 275.75507 ? 12 DG C N3    1 
ATOM 676 C C4    . DG C 3 12 ? 9.85050   -8.74142  3.55135   1.000 294.00840 ? 12 DG C C4    1 
ATOM 677 P P     . DT C 3 13 ? 15.49361  -8.88854  0.57277   1.000 276.97220 ? 13 DT C P     1 
ATOM 678 O OP1   . DT C 3 13 ? 16.95934  -8.69497  0.47806   1.000 224.75435 ? 13 DT C OP1   1 
ATOM 679 O OP2   . DT C 3 13 ? 14.65710  -8.66513  -0.62698  1.000 240.91526 ? 13 DT C OP2   1 
ATOM 680 O "O5'" . DT C 3 13 ? 15.17067  -10.35623 1.13862   1.000 309.45347 ? 13 DT C "O5'" 1 
ATOM 681 C "C5'" . DT C 3 13 ? 15.31869  -10.63979 2.53623   1.000 255.96918 ? 13 DT C "C5'" 1 
ATOM 682 C "C4'" . DT C 3 13 ? 14.65933  -11.96273 2.90369   1.000 273.98867 ? 13 DT C "C4'" 1 
ATOM 683 O "O4'" . DT C 3 13 ? 13.21151  -11.81529 2.95637   1.000 281.04323 ? 13 DT C "O4'" 1 
ATOM 684 C "C3'" . DT C 3 13 ? 14.91932  -13.11093 1.92622   1.000 317.44448 ? 13 DT C "C3'" 1 
ATOM 685 O "O3'" . DT C 3 13 ? 15.11300  -14.31457 2.64732   1.000 323.64648 ? 13 DT C "O3'" 1 
ATOM 686 C "C2'" . DT C 3 13 ? 13.62706  -13.16341 1.11649   1.000 297.72087 ? 13 DT C "C2'" 1 
ATOM 687 C "C1'" . DT C 3 13 ? 12.62374  -12.86203 2.20853   1.000 305.16368 ? 13 DT C "C1'" 1 
ATOM 688 N N1    . DT C 3 13 ? 11.30178  -12.40825 1.71211   1.000 288.04745 ? 13 DT C N1    1 
ATOM 689 C C2    . DT C 3 13 ? 10.22757  -13.27421 1.75225   1.000 278.89398 ? 13 DT C C2    1 
ATOM 690 O O2    . DT C 3 13 ? 10.30353  -14.42059 2.16038   1.000 267.93500 ? 13 DT C O2    1 
ATOM 691 N N3    . DT C 3 13 ? 9.05372   -12.74684 1.28343   1.000 286.56188 ? 13 DT C N3    1 
ATOM 692 C C4    . DT C 3 13 ? 8.84982   -11.46784 0.79388   1.000 306.51881 ? 13 DT C C4    1 
ATOM 693 O O4    . DT C 3 13 ? 7.75570   -11.08483 0.39243   1.000 341.01545 ? 13 DT C O4    1 
ATOM 694 C C5    . DT C 3 13 ? 10.01649  -10.61406 0.78574   1.000 291.21245 ? 13 DT C C5    1 
ATOM 695 C C7    . DT C 3 13 ? 9.92075   -9.20818  0.26897   1.000 313.56645 ? 13 DT C C7    1 
ATOM 696 C C6    . DT C 3 13 ? 11.17011  -11.11979 1.24177   1.000 277.51483 ? 13 DT C C6    1 
ATOM 697 P P     . DC C 3 14 ? 15.78066  -15.58448 1.92297   1.000 331.29959 ? 14 DC C P     1 
ATOM 698 O OP1   . DC C 3 14 ? 17.04192  -15.86725 2.64662   1.000 286.73977 ? 14 DC C OP1   1 
ATOM 699 O OP2   . DC C 3 14 ? 15.80163  -15.32821 0.45833   1.000 219.24334 ? 14 DC C OP2   1 
ATOM 700 O "O5'" . DC C 3 14 ? 14.75389  -16.78676 2.20585   1.000 303.04824 ? 14 DC C "O5'" 1 
ATOM 701 C "C5'" . DC C 3 14 ? 13.34159  -16.57002 2.11513   1.000 273.66707 ? 14 DC C "C5'" 1 
ATOM 702 C "C4'" . DC C 3 14 ? 12.73545  -17.38465 0.98855   1.000 254.08829 ? 14 DC C "C4'" 1 
ATOM 703 O "O4'" . DC C 3 14 ? 11.42432  -16.85491 0.67097   1.000 269.88254 ? 14 DC C "O4'" 1 
ATOM 704 C "C3'" . DC C 3 14 ? 13.54463  -17.36317 -0.31034  1.000 272.39213 ? 14 DC C "C3'" 1 
ATOM 705 O "O3'" . DC C 3 14 ? 13.87726  -18.68032 -0.70811  1.000 292.35386 ? 14 DC C "O3'" 1 
ATOM 706 C "C2'" . DC C 3 14 ? 12.63401  -16.67825 -1.32807  1.000 247.69583 ? 14 DC C "C2'" 1 
ATOM 707 C "C1'" . DC C 3 14 ? 11.24456  -16.83556 -0.72406  1.000 283.63498 ? 14 DC C "C1'" 1 
ATOM 708 N N1    . DC C 3 14 ? 10.34377  -15.69239 -1.07153  1.000 301.31421 ? 14 DC C N1    1 
ATOM 709 C C2    . DC C 3 14 ? 8.96328   -15.89666 -1.25716  1.000 304.49500 ? 14 DC C C2    1 
ATOM 710 O O2    . DC C 3 14 ? 8.48790   -17.02953 -1.11624  1.000 279.62794 ? 14 DC C O2    1 
ATOM 711 N N3    . DC C 3 14 ? 8.18248   -14.83137 -1.58068  1.000 314.78494 ? 14 DC C N3    1 
ATOM 712 C C4    . DC C 3 14 ? 8.72593   -13.62167 -1.72529  1.000 314.88419 ? 14 DC C C4    1 
ATOM 713 N N4    . DC C 3 14 ? 7.91868   -12.60178 -2.04429  1.000 316.88088 ? 14 DC C N4    1 
ATOM 714 C C5    . DC C 3 14 ? 10.12472  -13.40087 -1.55072  1.000 293.87193 ? 14 DC C C5    1 
ATOM 715 C C6    . DC C 3 14 ? 10.88463  -14.45046 -1.22686  1.000 277.24175 ? 14 DC C C6    1 
ATOM 716 O OP3   . DA D 4 1  ? -3.91138  2.00114   10.41619  1.000 248.83783 ? 1  DA D OP3   1 
ATOM 717 P P     . DA D 4 1  ? -4.77453  1.17806   11.29473  1.000 350.69772 ? 1  DA D P     1 
ATOM 718 O OP1   . DA D 4 1  ? -4.88612  -0.14819  10.65320  1.000 285.01095 ? 1  DA D OP1   1 
ATOM 719 O OP2   . DA D 4 1  ? -6.01016  1.95458   11.55298  1.000 326.12227 ? 1  DA D OP2   1 
ATOM 720 O "O5'" . DA D 4 1  ? -4.02781  0.98774   12.70203  1.000 330.82627 ? 1  DA D "O5'" 1 
ATOM 721 C "C5'" . DA D 4 1  ? -3.24518  -0.18894  12.96021  1.000 255.99626 ? 1  DA D "C5'" 1 
ATOM 722 C "C4'" . DA D 4 1  ? -1.81034  0.00694   12.49789  1.000 258.54746 ? 1  DA D "C4'" 1 
ATOM 723 O "O4'" . DA D 4 1  ? -0.90078  -0.67445  13.38786  1.000 250.40624 ? 1  DA D "O4'" 1 
ATOM 724 C "C3'" . DA D 4 1  ? -1.49546  -0.52764  11.09327  1.000 216.30347 ? 1  DA D "C3'" 1 
ATOM 725 O "O3'" . DA D 4 1  ? -1.24993  0.55815   10.14626  1.000 227.80484 ? 1  DA D "O3'" 1 
ATOM 726 C "C2'" . DA D 4 1  ? -0.27233  -1.45009  11.28717  1.000 216.84768 ? 1  DA D "C2'" 1 
ATOM 727 C "C1'" . DA D 4 1  ? 0.24431   -1.00861  12.64864  1.000 225.99639 ? 1  DA D "C1'" 1 
ATOM 728 N N9    . DA D 4 1  ? 1.00016   -2.01929  13.38095  1.000 230.29813 ? 1  DA D N9    1 
ATOM 729 C C8    . DA D 4 1  ? 0.55033   -3.22891  13.83049  1.000 216.14249 ? 1  DA D C8    1 
ATOM 730 N N7    . DA D 4 1  ? 1.46058   -3.92255  14.47730  1.000 208.53344 ? 1  DA D N7    1 
ATOM 731 C C5    . DA D 4 1  ? 2.57768   -3.09917  14.46600  1.000 236.01230 ? 1  DA D C5    1 
ATOM 732 C C6    . DA D 4 1  ? 3.88150   -3.25347  14.99120  1.000 238.83863 ? 1  DA D C6    1 
ATOM 733 N N6    . DA D 4 1  ? 4.27999   -4.33906  15.66374  1.000 217.73006 ? 1  DA D N6    1 
ATOM 734 N N1    . DA D 4 1  ? 4.76220   -2.24410  14.78823  1.000 227.90774 ? 1  DA D N1    1 
ATOM 735 C C2    . DA D 4 1  ? 4.35059   -1.15750  14.12052  1.000 201.30298 ? 1  DA D C2    1 
ATOM 736 N N3    . DA D 4 1  ? 3.15679   -0.90317  13.58359  1.000 188.74035 ? 1  DA D N3    1 
ATOM 737 C C4    . DA D 4 1  ? 2.30994   -1.92335  13.79391  1.000 216.08223 ? 1  DA D C4    1 
ATOM 738 P P     . DC D 4 2  ? -0.30142  1.82685   10.47430  1.000 288.09680 ? 2  DC D P     1 
ATOM 739 O OP1   . DC D 4 2  ? -0.77497  2.60965   11.63807  1.000 238.31138 ? 2  DC D OP1   1 
ATOM 740 O OP2   . DC D 4 2  ? -0.17704  2.54397   9.19003   1.000 304.01121 ? 2  DC D OP2   1 
ATOM 741 O "O5'" . DC D 4 2  ? 1.13110   1.19162   10.79496  1.000 225.58777 ? 2  DC D "O5'" 1 
ATOM 742 C "C5'" . DC D 4 2  ? 2.31102   1.98567   10.69332  1.000 252.74606 ? 2  DC D "C5'" 1 
ATOM 743 C "C4'" . DC D 4 2  ? 3.18229   1.50145   9.54843   1.000 222.98043 ? 2  DC D "C4'" 1 
ATOM 744 O "O4'" . DC D 4 2  ? 4.10194   0.48948   10.03531  1.000 213.37124 ? 2  DC D "O4'" 1 
ATOM 745 C "C3'" . DC D 4 2  ? 2.40858   0.86735   8.38537   1.000 216.96229 ? 2  DC D "C3'" 1 
ATOM 746 O "O3'" . DC D 4 2  ? 2.92504   1.28144   7.10385   1.000 226.90327 ? 2  DC D "O3'" 1 
ATOM 747 C "C2'" . DC D 4 2  ? 2.61566   -0.62777  8.61165   1.000 216.34347 ? 2  DC D "C2'" 1 
ATOM 748 C "C1'" . DC D 4 2  ? 4.01161   -0.65805  9.22541   1.000 234.74960 ? 2  DC D "C1'" 1 
ATOM 749 N N1    . DC D 4 2  ? 4.25093   -1.85639  10.07510  1.000 233.92765 ? 2  DC D N1    1 
ATOM 750 C C2    . DC D 4 2  ? 5.47784   -2.01996  10.74039  1.000 215.23569 ? 2  DC D C2    1 
ATOM 751 O O2    . DC D 4 2  ? 6.36166   -1.16531  10.61175  1.000 197.21479 ? 2  DC D O2    1 
ATOM 752 N N3    . DC D 4 2  ? 5.66604   -3.12254  11.50297  1.000 204.74351 ? 2  DC D N3    1 
ATOM 753 C C4    . DC D 4 2  ? 4.68994   -4.02621  11.61962  1.000 224.71334 ? 2  DC D C4    1 
ATOM 754 N N4    . DC D 4 2  ? 4.92243   -5.09678  12.38156  1.000 245.02148 ? 2  DC D N4    1 
ATOM 755 C C5    . DC D 4 2  ? 3.43865   -3.87657  10.95127  1.000 223.49762 ? 2  DC D C5    1 
ATOM 756 C C6    . DC D 4 2  ? 3.26565   -2.78862  10.19984  1.000 208.95509 ? 2  DC D C6    1 
ATOM 757 P P     . DA D 4 3  ? 3.54875   2.74703   6.85740   1.000 221.53177 ? 3  DA D P     1 
ATOM 758 O OP1   . DA D 4 3  ? 2.88268   3.78341   7.68005   1.000 222.81508 ? 3  DA D OP1   1 
ATOM 759 O OP2   . DA D 4 3  ? 3.55853   2.93843   5.39225   1.000 261.78600 ? 3  DA D OP2   1 
ATOM 760 O "O5'" . DA D 4 3  ? 5.07612   2.57581   7.30567   1.000 238.79929 ? 3  DA D "O5'" 1 
ATOM 761 C "C5'" . DA D 4 3  ? 6.11659   3.19481   6.54684   1.000 290.23290 ? 3  DA D "C5'" 1 
ATOM 762 C "C4'" . DA D 4 3  ? 7.23593   2.21207   6.21874   1.000 243.45454 ? 3  DA D "C4'" 1 
ATOM 763 O "O4'" . DA D 4 3  ? 6.96692   0.92574   6.83541   1.000 216.71961 ? 3  DA D "O4'" 1 
ATOM 764 C "C3'" . DA D 4 3  ? 7.43483   1.93644   4.72062   1.000 227.44288 ? 3  DA D "C3'" 1 
ATOM 765 O "O3'" . DA D 4 3  ? 8.81860   2.07287   4.36028   1.000 230.57495 ? 3  DA D "O3'" 1 
ATOM 766 C "C2'" . DA D 4 3  ? 6.95311   0.49448   4.55611   1.000 221.96648 ? 3  DA D "C2'" 1 
ATOM 767 C "C1'" . DA D 4 3  ? 7.28787   -0.08706  5.91810   1.000 215.89481 ? 3  DA D "C1'" 1 
ATOM 768 N N9    . DA D 4 3  ? 6.51902   -1.27993  6.25011   1.000 230.85019 ? 3  DA D N9    1 
ATOM 769 C C8    . DA D 4 3  ? 5.24972   -1.58575  5.84546   1.000 254.94508 ? 3  DA D C8    1 
ATOM 770 N N7    . DA D 4 3  ? 4.81239   -2.73654  6.30004   1.000 237.94210 ? 3  DA D N7    1 
ATOM 771 C C5    . DA D 4 3  ? 5.87010   -3.21436  7.05493   1.000 243.55482 ? 3  DA D C5    1 
ATOM 772 C C6    . DA D 4 3  ? 6.04728   -4.39053  7.80317   1.000 246.70806 ? 3  DA D C6    1 
ATOM 773 N N6    . DA D 4 3  ? 5.11453   -5.33743  7.91531   1.000 240.79732 ? 3  DA D N6    1 
ATOM 774 N N1    . DA D 4 3  ? 7.22721   -4.55728  8.43366   1.000 234.02363 ? 3  DA D N1    1 
ATOM 775 C C2    . DA D 4 3  ? 8.15559   -3.60619  8.32021   1.000 198.82894 ? 3  DA D C2    1 
ATOM 776 N N3    . DA D 4 3  ? 8.10616   -2.46474  7.64653   1.000 202.36136 ? 3  DA D N3    1 
ATOM 777 C C4    . DA D 4 3  ? 6.92679   -2.32749  7.03258   1.000 215.06301 ? 3  DA D C4    1 
ATOM 778 P P     . DC D 4 4  ? 9.31273   3.29910   3.43857   1.000 238.89265 ? 4  DC D P     1 
ATOM 779 O OP1   . DC D 4 4  ? 10.69834  3.61258   3.84948   1.000 240.79999 ? 4  DC D OP1   1 
ATOM 780 O OP2   . DC D 4 4  ? 8.28629   4.36076   3.48776   1.000 241.63464 ? 4  DC D OP2   1 
ATOM 781 O "O5'" . DC D 4 4  ? 9.34966   2.70515   1.94515   1.000 331.82244 ? 4  DC D "O5'" 1 
ATOM 782 C "C5'" . DC D 4 4  ? 8.19028   2.09300   1.37221   1.000 271.98200 ? 4  DC D "C5'" 1 
ATOM 783 C "C4'" . DC D 4 4  ? 7.68667   2.88253   0.17871   1.000 246.36833 ? 4  DC D "C4'" 1 
ATOM 784 O "O4'" . DC D 4 4  ? 6.37811   3.43158   0.47863   1.000 245.39574 ? 4  DC D "O4'" 1 
ATOM 785 C "C3'" . DC D 4 4  ? 8.56085   4.06089   -0.23092  1.000 253.17044 ? 4  DC D "C3'" 1 
ATOM 786 O "O3'" . DC D 4 4  ? 8.63842   4.12870   -1.65038  1.000 259.13018 ? 4  DC D "O3'" 1 
ATOM 787 C "C2'" . DC D 4 4  ? 7.83010   5.26760   0.36880   1.000 263.84753 ? 4  DC D "C2'" 1 
ATOM 788 C "C1'" . DC D 4 4  ? 6.37892   4.82764   0.26961   1.000 257.06944 ? 4  DC D "C1'" 1 
ATOM 789 N N1    . DC D 4 4  ? 5.44604   5.45921   1.28354   1.000 263.15660 ? 4  DC D N1    1 
ATOM 790 C C2    . DC D 4 4  ? 4.70504   6.59797   0.93848   1.000 258.65850 ? 4  DC D C2    1 
ATOM 791 O O2    . DC D 4 4  ? 4.84914   7.09779   -0.17990  1.000 284.02889 ? 4  DC D O2    1 
ATOM 792 N N3    . DC D 4 4  ? 3.85730   7.13833   1.85225   1.000 253.36407 ? 4  DC D N3    1 
ATOM 793 C C4    . DC D 4 4  ? 3.72819   6.57860   3.05463   1.000 247.47341 ? 4  DC D C4    1 
ATOM 794 N N4    . DC D 4 4  ? 2.87971   7.14293   3.92086   1.000 255.90364 ? 4  DC D N4    1 
ATOM 795 C C5    . DC D 4 4  ? 4.46114   5.41232   3.42133   1.000 249.21323 ? 4  DC D C5    1 
ATOM 796 C C6    . DC D 4 4  ? 5.29643   4.88945   2.51420   1.000 247.02213 ? 4  DC D C6    1 
ATOM 797 P P     . DC D 4 5  ? 10.07303  4.21281   -2.36925  1.000 264.57061 ? 5  DC D P     1 
ATOM 798 O OP1   . DC D 4 5  ? 10.15326  3.09345   -3.33457  1.000 264.30232 ? 5  DC D OP1   1 
ATOM 799 O OP2   . DC D 4 5  ? 11.10035  4.32931   -1.30623  1.000 265.37629 ? 5  DC D OP2   1 
ATOM 800 O "O5'" . DC D 4 5  ? 10.01671  5.60381   -3.16062  1.000 293.16890 ? 5  DC D "O5'" 1 
ATOM 801 C "C5'" . DC D 4 5  ? 9.09467   6.60791   -2.75209  1.000 302.02801 ? 5  DC D "C5'" 1 
ATOM 802 C "C4'" . DC D 4 5  ? 9.77642   7.95617   -2.59951  1.000 284.85748 ? 5  DC D "C4'" 1 
ATOM 803 O "O4'" . DC D 4 5  ? 9.06589   8.73306   -1.59337  1.000 348.92424 ? 5  DC D "O4'" 1 
ATOM 804 C "C3'" . DC D 4 5  ? 11.22309  7.90332   -2.11833  1.000 281.01531 ? 5  DC D "C3'" 1 
ATOM 805 O "O3'" . DC D 4 5  ? 11.92358  9.05014   -2.58562  1.000 292.01734 ? 5  DC D "O3'" 1 
ATOM 806 C "C2'" . DC D 4 5  ? 11.04634  7.95388   -0.60692  1.000 274.89848 ? 5  DC D "C2'" 1 
ATOM 807 C "C1'" . DC D 4 5  ? 9.92222   8.97611   -0.49261  1.000 312.65920 ? 5  DC D "C1'" 1 
ATOM 808 N N1    . DC D 4 5  ? 9.13439   8.88474   0.79579   1.000 329.57226 ? 5  DC D N1    1 
ATOM 809 C C2    . DC D 4 5  ? 8.06539   9.76841   1.03425   1.000 339.08141 ? 5  DC D C2    1 
ATOM 810 O O2    . DC D 4 5  ? 7.77048   10.60678  0.17534   1.000 386.24789 ? 5  DC D O2    1 
ATOM 811 N N3    . DC D 4 5  ? 7.37751   9.67186   2.20450   1.000 296.98116 ? 5  DC D N3    1 
ATOM 812 C C4    . DC D 4 5  ? 7.72278   8.75569   3.10905   1.000 266.16117 ? 5  DC D C4    1 
ATOM 813 N N4    . DC D 4 5  ? 7.01643   8.69712   4.24591   1.000 255.01148 ? 5  DC D N4    1 
ATOM 814 C C5    . DC D 4 5  ? 8.81018   7.85470   2.88883   1.000 258.70956 ? 5  DC D C5    1 
ATOM 815 C C6    . DC D 4 5  ? 9.48164   7.95562   1.73414   1.000 281.50999 ? 5  DC D C6    1 
ATOM 816 P P     . DG D 4 6  ? 12.95585  8.94602   -3.81369  1.000 296.16229 ? 6  DG D P     1 
ATOM 817 O OP1   . DG D 4 6  ? 12.33518  8.10040   -4.85821  1.000 295.51778 ? 6  DG D OP1   1 
ATOM 818 O OP2   . DG D 4 6  ? 14.29386  8.60409   -3.27355  1.000 299.52844 ? 6  DG D OP2   1 
ATOM 819 O "O5'" . DG D 4 6  ? 13.05918  10.45304  -4.33854  1.000 305.45733 ? 6  DG D "O5'" 1 
ATOM 820 C "C5'" . DG D 4 6  ? 11.88171  11.16707  -4.70032  1.000 307.70971 ? 6  DG D "C5'" 1 
ATOM 821 C "C4'" . DG D 4 6  ? 11.70171  12.40953  -3.83843  1.000 309.61254 ? 6  DG D "C4'" 1 
ATOM 822 O "O4'" . DG D 4 6  ? 11.33141  12.02674  -2.48692  1.000 313.87791 ? 6  DG D "O4'" 1 
ATOM 823 C "C3'" . DG D 4 6  ? 12.93962  13.29078  -3.68522  1.000 329.32783 ? 6  DG D "C3'" 1 
ATOM 824 O "O3'" . DG D 4 6  ? 12.53538  14.65341  -3.60182  1.000 336.60927 ? 6  DG D "O3'" 1 
ATOM 825 C "C2'" . DG D 4 6  ? 13.52631  12.80138  -2.36046  1.000 351.31328 ? 6  DG D "C2'" 1 
ATOM 826 C "C1'" . DG D 4 6  ? 12.24923  12.59925  -1.57061  1.000 336.52676 ? 6  DG D "C1'" 1 
ATOM 827 N N9    . DG D 4 6  ? 12.35647  11.70658  -0.41349  1.000 306.66480 ? 6  DG D N9    1 
ATOM 828 C C8    . DG D 4 6  ? 13.24897  10.68159  -0.20487  1.000 290.12980 ? 6  DG D C8    1 
ATOM 829 N N7    . DG D 4 6  ? 13.05647  10.05388  0.93061   1.000 282.38657 ? 6  DG D N7    1 
ATOM 830 C C5    . DG D 4 6  ? 11.96494  10.70238  1.49570   1.000 281.11281 ? 6  DG D C5    1 
ATOM 831 C C6    . DG D 4 6  ? 11.27946  10.47809  2.72059   1.000 274.28700 ? 6  DG D C6    1 
ATOM 832 O O6    . DG D 4 6  ? 11.50902  9.62667   3.59283   1.000 267.57304 ? 6  DG D O6    1 
ATOM 833 N N1    . DG D 4 6  ? 10.22383  11.37101  2.88958   1.000 276.11827 ? 6  DG D N1    1 
ATOM 834 C C2    . DG D 4 6  ? 9.87473   12.35633  1.99464   1.000 283.49207 ? 6  DG D C2    1 
ATOM 835 N N2    . DG D 4 6  ? 8.82609   13.12418  2.31623   1.000 298.94348 ? 6  DG D N2    1 
ATOM 836 N N3    . DG D 4 6  ? 10.49969  12.56917  0.85547   1.000 289.74174 ? 6  DG D N3    1 
ATOM 837 C C4    . DG D 4 6  ? 11.52108  11.71426  0.66917   1.000 288.17902 ? 6  DG D C4    1 
ATOM 838 P P     . DT D 4 7  ? 13.50876  15.82450  -4.11874  1.000 372.59166 ? 7  DT D P     1 
ATOM 839 O OP1   . DT D 4 7  ? 12.68229  16.96239  -4.57423  1.000 337.61375 ? 7  DT D OP1   1 
ATOM 840 O OP2   . DT D 4 7  ? 14.48175  15.21200  -5.05223  1.000 337.79519 ? 7  DT D OP2   1 
ATOM 841 O "O5'" . DT D 4 7  ? 14.29975  16.28100  -2.80193  1.000 345.68513 ? 7  DT D "O5'" 1 
ATOM 842 C "C5'" . DT D 4 7  ? 14.14010  17.61160  -2.28570  1.000 335.31996 ? 7  DT D "C5'" 1 
ATOM 843 C "C4'" . DT D 4 7  ? 12.82562  17.73586  -1.54952  1.000 381.41659 ? 7  DT D "C4'" 1 
ATOM 844 O "O4'" . DT D 4 7  ? 12.44597  16.43470  -1.04827  1.000 423.70863 ? 7  DT D "O4'" 1 
ATOM 845 C "C3'" . DT D 4 7  ? 12.85457  18.64055  -0.33813  1.000 333.91120 ? 7  DT D "C3'" 1 
ATOM 846 O "O3'" . DT D 4 7  ? 11.55446  19.19050  -0.11583  1.000 375.23295 ? 7  DT D "O3'" 1 
ATOM 847 C "C2'" . DT D 4 7  ? 13.27736  17.68585  0.77804   1.000 333.02468 ? 7  DT D "C2'" 1 
ATOM 848 C "C1'" . DT D 4 7  ? 12.65692  16.36651  0.35169   1.000 393.11302 ? 7  DT D "C1'" 1 
ATOM 849 N N1    . DT D 4 7  ? 13.52322  15.18094  0.64178   1.000 364.85366 ? 7  DT D N1    1 
ATOM 850 C C2    . DT D 4 7  ? 13.15015  14.29920  1.61847   1.000 328.14049 ? 7  DT D C2    1 
ATOM 851 O O2    . DT D 4 7  ? 12.13557  14.42737  2.26573   1.000 296.91998 ? 7  DT D O2    1 
ATOM 852 N N3    . DT D 4 7  ? 14.00054  13.23628  1.80495   1.000 296.54333 ? 7  DT D N3    1 
ATOM 853 C C4    . DT D 4 7  ? 15.17251  12.98058  1.13172   1.000 300.55460 ? 7  DT D C4    1 
ATOM 854 O O4    . DT D 4 7  ? 15.87533  11.98956  1.36583   1.000 296.48359 ? 7  DT D O4    1 
ATOM 855 C C5    . DT D 4 7  ? 15.51304  13.95154  0.12871   1.000 310.16549 ? 7  DT D C5    1 
ATOM 856 C C7    . DT D 4 7  ? 16.75452  13.77987  -0.66725  1.000 315.71541 ? 7  DT D C7    1 
ATOM 857 C C6    . DT D 4 7  ? 14.68790  14.99869  -0.06256  1.000 314.21225 ? 7  DT D C6    1 
# 
loop_
_atom_site_anisotrop.id 
_atom_site_anisotrop.type_symbol 
_atom_site_anisotrop.pdbx_label_atom_id 
_atom_site_anisotrop.pdbx_label_alt_id 
_atom_site_anisotrop.pdbx_label_comp_id 
_atom_site_anisotrop.pdbx_label_asym_id 
_atom_site_anisotrop.pdbx_label_seq_id 
_atom_site_anisotrop.pdbx_PDB_ins_code 
_atom_site_anisotrop.U[1][1] 
_atom_site_anisotrop.U[2][2] 
_atom_site_anisotrop.U[3][3] 
_atom_site_anisotrop.U[1][2] 
_atom_site_anisotrop.U[1][3] 
_atom_site_anisotrop.U[2][3] 
_atom_site_anisotrop.pdbx_auth_seq_id 
_atom_site_anisotrop.pdbx_auth_comp_id 
_atom_site_anisotrop.pdbx_auth_asym_id 
_atom_site_anisotrop.pdbx_auth_atom_id 
1   O "O5'" . DG A 1  ? 5.97873 5.77412 3.17177 0.08934  -0.52863 -1.81014 1  DG A "O5'" 
2   C "C5'" . DG A 1  ? 5.53936 5.31440 2.74224 0.14177  -0.47311 -1.85144 1  DG A "C5'" 
3   C "C4'" . DG A 1  ? 5.71614 5.45994 3.03414 0.15373  -0.46795 -1.86542 1  DG A "C4'" 
4   O "O4'" . DG A 1  ? 5.62289 5.34967 2.95203 0.20904  -0.40665 -1.89791 1  DG A "O4'" 
5   C "C3'" . DG A 1  ? 5.59114 5.39257 3.00266 0.14546  -0.47503 -1.79761 1  DG A "C3'" 
6   O "O3'" . DG A 1  ? 5.95179 5.70713 3.46058 0.13276  -0.49848 -1.81607 1  DG A "O3'" 
7   C "C2'" . DG A 1  ? 5.46163 5.30942 2.88775 0.19889  -0.40985 -1.77798 1  DG A "C2'" 
8   C "C1'" . DG A 1  ? 5.53974 5.31575 2.95570 0.23328  -0.37749 -1.85189 1  DG A "C1'" 
9   N N9    . DG A 1  ? 5.39251 5.19408 2.78346 0.28627  -0.31066 -1.85271 1  DG A N9    
10  C C8    . DG A 1  ? 5.11468 4.99438 2.46421 0.30317  -0.27990 -1.80291 1  DG A C8    
11  N N7    . DG A 1  ? 5.13977 5.02560 2.47879 0.35176  -0.21905 -1.81473 1  DG A N7    
12  C C5    . DG A 1  ? 5.30313 5.10609 2.67781 0.36860  -0.20796 -1.87629 1  DG A C5    
13  C C6    . DG A 1  ? 5.48284 5.24808 2.86576 0.41728  -0.14895 -1.91223 1  DG A C6    
14  O O6    . DG A 1  ? 5.37364 5.17673 2.73404 0.45657  -0.09291 -1.89543 1  DG A O6    
15  N N1    . DG A 1  ? 5.89406 5.56671 3.32066 0.41662  -0.15850 -1.96977 1  DG A N1    
16  C C2    . DG A 1  ? 5.84006 5.46599 3.29952 0.37374  -0.21872 -1.99025 1  DG A C2    
17  N N2    . DG A 1  ? 6.06900 5.60436 3.57264 0.37893  -0.21862 -2.04484 1  DG A N2    
18  N N3    . DG A 1  ? 5.69274 5.35644 3.14502 0.32785  -0.27419 -1.95663 1  DG A N3    
19  C C4    . DG A 1  ? 5.52535 5.27550 2.93337 0.32838  -0.26468 -1.90068 1  DG A C4    
20  P P     . DA A 2  ? 5.74194 5.53781 3.35775 0.11490  -0.51794 -1.75526 2  DA A P     
21  O OP1   . DA A 2  ? 5.75472 5.54473 3.36544 0.05645  -0.58100 -1.73410 2  DA A OP1   
22  O OP2   . DA A 2  ? 4.73748 4.61078 2.36631 0.14397  -0.47675 -1.69796 2  DA A OP2   
23  O "O5'" . DA A 2  ? 5.46659 5.20238 3.18305 0.13405  -0.50793 -1.79687 2  DA A "O5'" 
24  C "C5'" . DA A 2  ? 5.53748 5.18758 3.23926 0.13588  -0.51352 -1.87041 2  DA A "C5'" 
25  C "C4'" . DA A 2  ? 5.30914 4.91901 3.07196 0.18431  -0.46435 -1.90483 2  DA A "C4'" 
26  O "O4'" . DA A 2  ? 5.20958 4.84294 2.90607 0.23038  -0.40598 -1.91171 2  DA A "O4'" 
27  C "C3'" . DA A 2  ? 5.27844 4.91667 3.15846 0.19760  -0.45176 -1.86381 2  DA A "C3'" 
28  O "O3'" . DA A 2  ? 5.46956 5.03365 3.43180 0.21260  -0.44254 -1.90571 2  DA A "O3'" 
29  C "C2'" . DA A 2  ? 4.76910 4.47237 2.62626 0.24237  -0.39313 -1.83089 2  DA A "C2'" 
30  C "C1'" . DA A 2  ? 5.08119 4.74401 2.85090 0.27016  -0.35935 -1.88510 2  DA A "C1'" 
31  N N9    . DA A 2  ? 5.07972 4.80758 2.78950 0.30393  -0.31044 -1.85613 2  DA A N9    
32  C C8    . DA A 2  ? 4.90533 4.71492 2.56677 0.29051  -0.31702 -1.79974 2  DA A C8    
33  N N7    . DA A 2  ? 5.08676 4.94316 2.70769 0.32787  -0.26467 -1.78117 2  DA A N7    
34  C C5    . DA A 2  ? 5.14764 4.94967 2.79190 0.36932  -0.21925 -1.82759 2  DA A C5    
35  C C6    . DA A 2  ? 4.97660 4.78955 2.60136 0.41974  -0.15223 -1.83232 2  DA A C6    
36  N N6    . DA A 2  ? 4.88305 4.77248 2.45961 0.43702  -0.12009 -1.78858 2  DA A N6    
37  N N1    . DA A 2  ? 4.95374 4.69355 2.61318 0.45043  -0.11873 -1.88115 2  DA A N1    
38  C C2    . DA A 2  ? 4.97421 4.63564 2.68591 0.43139  -0.15157 -1.92259 2  DA A C2    
39  N N3    . DA A 2  ? 4.94980 4.59601 2.68678 0.38441  -0.21561 -1.92311 2  DA A N3    
40  C C4    . DA A 2  ? 5.03316 4.75350 2.73265 0.35524  -0.24648 -1.87395 2  DA A C4    
41  P P     . DG A 3  ? 6.03524 5.60596 4.13231 0.21641  -0.44279 -1.87294 3  DG A P     
42  O OP1   . DG A 3  ? 6.30180 5.81898 4.45512 0.17298  -0.49846 -1.88973 3  DG A OP1   
43  O OP2   . DG A 3  ? 4.91888 4.58299 3.02737 0.22110  -0.43146 -1.80298 3  DG A OP2   
44  O "O5'" . DG A 3  ? 5.62427 5.14557 3.76854 0.26941  -0.38301 -1.90672 3  DG A "O5'" 
45  C "C5'" . DG A 3  ? 5.52450 4.95262 3.65599 0.27757  -0.37549 -1.97312 3  DG A "C5'" 
46  C "C4'" . DG A 3  ? 5.49070 4.89172 3.64409 0.33331  -0.30584 -1.98981 3  DG A "C4'" 
47  O "O4'" . DG A 3  ? 5.39354 4.84847 3.45270 0.36244  -0.26403 -1.97883 3  DG A "O4'" 
48  C "C3'" . DG A 3  ? 5.21061 4.63312 3.47819 0.35642  -0.27841 -1.94977 3  DG A "C3'" 
49  O "O3'" . DG A 3  ? 5.57776 4.92155 3.90679 0.38636  -0.24007 -1.98219 3  DG A "O3'" 
50  C "C2'" . DG A 3  ? 4.75910 4.27350 2.98674 0.38635  -0.23578 -1.90221 3  DG A "C2'" 
51  C "C1'" . DG A 3  ? 5.31379 4.82620 3.41815 0.39896  -0.21545 -1.93302 3  DG A "C1'" 
52  N N9    . DG A 3  ? 5.34297 4.95202 3.37757 0.39715  -0.21197 -1.88590 3  DG A N9    
53  C C8    . DG A 3  ? 5.23524 4.89957 3.24146 0.35523  -0.26276 -1.85052 3  DG A C8    
54  N N7    . DG A 3  ? 5.14310 4.88894 3.09167 0.36298  -0.24485 -1.80647 3  DG A N7    
55  C C5    . DG A 3  ? 5.06527 4.81410 3.00504 0.41367  -0.17814 -1.81281 3  DG A C5    
56  C C6    . DG A 3  ? 4.74322 4.56485 2.63344 0.44190  -0.13263 -1.77510 3  DG A C6    
57  O O6    . DG A 3  ? 4.54351 4.44173 2.38724 0.42730  -0.14294 -1.72763 3  DG A O6    
58  N N1    . DG A 3  ? 4.69542 4.49176 2.59747 0.49050  -0.06845 -1.79366 3  DG A N1    
59  C C2    . DG A 3  ? 4.73631 4.44399 2.69063 0.50924  -0.04962 -1.84177 3  DG A C2    
60  N N2    . DG A 3  ? 4.68455 4.37760 2.64370 0.55563  0.01702  -1.84834 3  DG A N2    
61  N N3    . DG A 3  ? 4.98955 4.62617 2.99168 0.48271  -0.09246 -1.87749 3  DG A N3    
62  C C4    . DG A 3  ? 5.18329 4.84748 3.17499 0.43535  -0.15632 -1.86089 3  DG A C4    
63  P P     . DA A 4  ? 5.81581 5.16310 4.27167 0.41049  -0.20896 -1.94557 4  DA A P     
64  O OP1   . DA A 4  ? 6.30139 5.54517 4.82549 0.41784  -0.19763 -1.98512 4  DA A OP1   
65  O OP2   . DA A 4  ? 4.60649 4.02087 3.11150 0.38108  -0.25021 -1.89408 4  DA A OP2   
66  O "O5'" . DA A 4  ? 5.11169 4.51077 3.53633 0.46170  -0.13650 -1.91902 4  DA A "O5'" 
67  C "C5'" . DA A 4  ? 4.84491 4.19173 3.22867 0.49881  -0.08177 -1.95499 4  DA A "C5'" 
68  C "C4'" . DA A 4  ? 4.58583 3.99073 2.96965 0.54402  -0.01420 -1.91395 4  DA A "C4'" 
69  O "O4'" . DA A 4  ? 4.72342 4.21909 3.01384 0.54150  -0.01679 -1.88772 4  DA A "O4'" 
70  C "C3'" . DA A 4  ? 4.66809 4.10999 3.16157 0.55381  0.00074  -1.85930 4  DA A "C3'" 
71  O "O3'" . DA A 4  ? 4.89720 4.31895 3.42920 0.59865  0.07225  -1.84694 4  DA A "O3'" 
72  C "C2'" . DA A 4  ? 4.24946 3.80505 2.70462 0.54270  -0.01520 -1.80650 4  DA A "C2'" 
73  C "C1'" . DA A 4  ? 4.61627 4.19807 2.94814 0.55326  0.00244  -1.82313 4  DA A "C1'" 
74  N N9    . DA A 4  ? 4.69769 4.36581 2.96382 0.52602  -0.03466 -1.79061 4  DA A N9    
75  C C8    . DA A 4  ? 4.72325 4.39989 2.97792 0.47868  -0.10287 -1.79112 4  DA A C8    
76  N N7    . DA A 4  ? 4.77910 4.53834 2.97228 0.46166  -0.12046 -1.75146 4  DA A N7    
77  C C5    . DA A 4  ? 4.48404 4.29471 2.64798 0.50056  -0.06099 -1.72381 4  DA A C5    
78  C C6    . DA A 4  ? 4.25155 4.15427 2.35498 0.50422  -0.04617 -1.67454 4  DA A C6    
79  N N6    . DA A 4  ? 4.49304 4.45033 2.55149 0.46681  -0.09129 -1.64344 4  DA A N6    
80  N N1    . DA A 4  ? 4.24620 4.18052 2.34074 0.54599  0.01757  -1.65458 4  DA A N1    
81  C C2    . DA A 4  ? 4.27083 4.14632 2.41241 0.58169  0.06475  -1.68145 4  DA A C2    
82  N N3    . DA A 4  ? 4.30202 4.08612 2.50167 0.58249  0.05823  -1.72704 4  DA A N3    
83  C C4    . DA A 4  ? 4.34464 4.10126 2.55289 0.54050  -0.00734 -1.74711 4  DA A C4    
84  P P     . DC A 5  ? 4.87300 4.33206 3.51252 0.61646  0.10331  -1.78611 5  DC A P     
85  O OP1   . DC A 5  ? 4.93547 4.32350 3.62582 0.65199  0.16539  -1.79322 5  DC A OP1   
86  O OP2   . DC A 5  ? 4.06145 3.53167 2.77156 0.58006  0.04465  -1.76916 5  DC A OP2   
87  O "O5'" . DC A 5  ? 4.54138 4.11362 3.12615 0.63321  0.13178  -1.73403 5  DC A "O5'" 
88  C "C5'" . DC A 5  ? 4.64133 4.22876 3.14626 0.66312  0.18188  -1.74062 5  DC A "C5'" 
89  C "C4'" . DC A 5  ? 4.46789 4.16595 2.94987 0.67633  0.20848  -1.67783 5  DC A "C4'" 
90  O "O4'" . DC A 5  ? 4.52706 4.29456 2.93473 0.64534  0.15768  -1.66743 5  DC A "O4'" 
91  C "C3'" . DC A 5  ? 3.93319 3.67366 2.51422 0.68202  0.22342  -1.61725 5  DC A "C3'" 
92  O "O3'" . DC A 5  ? 3.89661 3.68929 2.47631 0.71441  0.28630  -1.57243 5  DC A "O3'" 
93  C "C2'" . DC A 5  ? 3.84710 3.66159 2.41349 0.64547  0.16305  -1.58843 5  DC A "C2'" 
94  C "C1'" . DC A 5  ? 4.03872 3.89209 2.48467 0.63732  0.15032  -1.60297 5  DC A "C1'" 
95  N N1    . DC A 5  ? 4.30822 4.20303 2.71461 0.59388  0.08250  -1.59620 5  DC A N1    
96  C C2    . DC A 5  ? 4.09010 4.08164 2.43898 0.58428  0.07709  -1.54700 5  DC A C2    
97  O O2    . DC A 5  ? 3.86269 3.90510 2.19765 0.61264  0.12788  -1.51122 5  DC A O2    
98  N N3    . DC A 5  ? 4.46559 4.49042 2.78134 0.54206  0.01691  -1.53532 5  DC A N3    
99  C C4    . DC A 5  ? 4.35414 4.32155 2.69175 0.51031  -0.03676 -1.57172 5  DC A C4    
100 N N4    . DC A 5  ? 3.87171 3.87255 2.17680 0.46703  -0.09357 -1.55409 5  DC A N4    
101 C C5    . DC A 5  ? 4.42974 4.30064 2.82744 0.51935  -0.03390 -1.62339 5  DC A C5    
102 C C6    . DC A 5  ? 4.52999 4.36658 2.95989 0.56132  0.02656  -1.63359 5  DC A C6    
103 P P     . DC A 6  ? 4.56881 4.36813 3.25870 0.73411  0.33095  -1.51895 6  DC A P     
104 O OP1   . DC A 6  ? 4.68088 4.40568 3.39656 0.76595  0.39251  -1.53786 6  DC A OP1   
105 O OP2   . DC A 6  ? 4.10018 3.88869 2.86743 0.70834  0.28431  -1.50884 6  DC A OP2   
106 O "O5'" . DC A 6  ? 3.87401 3.78881 2.53783 0.74164  0.35455  -1.45146 6  DC A "O5'" 
107 C "C5'" . DC A 6  ? 3.56318 3.55574 2.23645 0.71638  0.31347  -1.40724 6  DC A "C5'" 
108 C "C4'" . DC A 6  ? 3.62582 3.71526 2.21701 0.71342  0.31530  -1.37099 6  DC A "C4'" 
109 O "O4'" . DC A 6  ? 3.65218 3.75731 2.16618 0.68181  0.25537  -1.39705 6  DC A "O4'" 
110 C "C3'" . DC A 6  ? 3.41701 3.59673 2.04502 0.70730  0.31939  -1.29419 6  DC A "C3'" 
111 O "O3'" . DC A 6  ? 3.44228 3.69431 2.01288 0.71776  0.34830  -1.25742 6  DC A "O3'" 
112 C "C2'" . DC A 6  ? 3.61402 3.82139 2.22725 0.66782  0.24930  -1.29209 6  DC A "C2'" 
113 C "C1'" . DC A 6  ? 3.83159 4.01930 2.34692 0.65569  0.22135  -1.34310 6  DC A "C1'" 
114 N N1    . DC A 6  ? 4.05609 4.22218 2.55910 0.61683  0.15182  -1.37141 6  DC A N1    
115 C C2    . DC A 6  ? 4.07951 4.31369 2.52963 0.58326  0.10862  -1.33956 6  DC A C2    
116 O O2    . DC A 6  ? 3.87125 4.18211 2.28731 0.58727  0.12898  -1.28860 6  DC A O2    
117 N N3    . DC A 6  ? 4.27996 4.49087 2.72229 0.54478  0.04564  -1.36191 6  DC A N3    
118 C C4    . DC A 6  ? 4.12246 4.24879 2.60853 0.53948  0.02379  -1.41496 6  DC A C4    
119 N N4    . DC A 6  ? 4.20329 4.30977 2.68399 0.49837  -0.03964 -1.43188 6  DC A N4    
120 C C5    . DC A 6  ? 3.84499 3.90034 2.38743 0.57357  0.06652  -1.44827 6  DC A C5    
121 C C6    . DC A 6  ? 3.93464 4.01163 2.48214 0.61136  0.13053  -1.42453 6  DC A C6    
122 P P     . DT A 7  ? 4.05520 4.38561 2.67410 0.72560  0.38253  -1.17590 7  DT A P     
123 O OP1   . DT A 7  ? 3.96332 4.28702 2.58024 0.75801  0.44653  -1.17081 7  DT A OP1   
124 O OP2   . DT A 7  ? 3.20604 3.52614 1.91800 0.71620  0.37036  -1.15011 7  DT A OP2   
125 O "O5'" . DT A 7  ? 4.20776 4.63280 2.75748 0.70008  0.34837  -1.13428 7  DT A "O5'" 
126 C "C5'" . DT A 7  ? 3.99936 4.43444 2.51624 0.66446  0.28447  -1.14591 7  DT A "C5'" 
127 C "C4'" . DT A 7  ? 4.17989 4.69367 2.72160 0.63905  0.26068  -1.07527 7  DT A "C4'" 
128 O "O4'" . DT A 7  ? 3.97316 4.48903 2.48692 0.60047  0.19687  -1.08683 7  DT A "O4'" 
129 C "C3'" . DT A 7  ? 3.79003 4.30305 2.43139 0.64512  0.27615  -1.03840 7  DT A "C3'" 
130 O "O3'" . DT A 7  ? 3.61568 4.21106 2.27108 0.63139  0.27595  -0.96235 7  DT A "O3'" 
131 C "C2'" . DT A 7  ? 3.35642 3.82399 2.02564 0.62181  0.22498  -1.07220 7  DT A "C2'" 
132 C "C1'" . DT A 7  ? 3.55728 4.06248 2.14683 0.58684  0.17407  -1.07180 7  DT A "C1'" 
133 N N1    . DT A 7  ? 3.59416 4.04396 2.17402 0.56092  0.11904  -1.12460 7  DT A N1    
134 C C2    . DT A 7  ? 3.56337 4.04488 2.09876 0.51993  0.06603  -1.10896 7  DT A C2    
135 O O2    . DT A 7  ? 3.45718 4.00733 1.96115 0.50395  0.06253  -1.05420 7  DT A O2    
136 N N3    . DT A 7  ? 3.74858 4.17304 2.28240 0.49550  0.01677  -1.15701 7  DT A N3    
137 C C4    . DT A 7  ? 3.93119 4.27144 2.50553 0.50739  0.01358  -1.21903 7  DT A C4    
138 O O4    . DT A 7  ? 4.28133 4.57414 2.85582 0.48014  -0.03530 -1.25652 7  DT A O4    
139 C C5    . DT A 7  ? 3.74393 4.05145 2.36569 0.55118  0.07198  -1.23226 7  DT A C5    
140 C C7    . DT A 7  ? 3.82020 4.02936 2.49588 0.56510  0.07563  -1.29314 7  DT A C7    
141 C C6    . DT A 7  ? 3.61811 3.98152 2.23925 0.57547  0.12201  -1.18421 7  DT A C6    
142 P P     . DG A 8  ? 3.84550 4.50457 2.46824 0.64408  0.31415  -0.91591 8  DG A P     
143 O OP1   . DG A 8  ? 3.24691 3.94912 1.78730 0.62003  0.28129  -0.91066 8  DG A OP1   
144 O OP2   . DG A 8  ? 3.44457 4.05938 2.07831 0.68167  0.36924  -0.94472 8  DG A OP2   
145 O "O5'" . DG A 8  ? 3.33299 4.04793 2.02437 0.63554  0.32260  -0.83705 8  DG A "O5'" 
146 C "C5'" . DG A 8  ? 3.03273 3.76055 1.76287 0.60745  0.28266  -0.81109 8  DG A "C5'" 
147 C "C4'" . DG A 8  ? 2.75370 3.54534 1.43964 0.57155  0.24356  -0.76919 8  DG A "C4'" 
148 O "O4'" . DG A 8  ? 2.69242 3.45765 1.33097 0.54716  0.19521  -0.81183 8  DG A "O4'" 
149 C "C3'" . DG A 8  ? 3.46848 4.30076 2.20951 0.54692  0.22537  -0.70406 8  DG A "C3'" 
150 O "O3'" . DG A 8  ? 3.33587 4.22655 2.04094 0.51786  0.20384  -0.65652 8  DG A "O3'" 
151 C "C2'" . DG A 8  ? 3.42469 4.21366 2.18537 0.52957  0.18489  -0.73742 8  DG A "C2'" 
152 C "C1'" . DG A 8  ? 3.20601 3.96518 1.89048 0.52149  0.15829  -0.79681 8  DG A "C1'" 
153 N N9    . DG A 8  ? 3.51305 4.19899 2.21170 0.52777  0.14155  -0.86463 8  DG A N9    
154 C C8    . DG A 8  ? 3.28799 3.91482 2.02843 0.56184  0.17491  -0.90718 8  DG A C8    
155 N N7    . DG A 8  ? 3.25550 3.81703 2.00654 0.55693  0.14670  -0.96542 8  DG A N7    
156 C C5    . DG A 8  ? 3.27752 3.85850 1.98806 0.51650  0.09025  -0.96090 8  DG A C5    
157 C C6    . DG A 8  ? 2.93750 3.46946 1.64211 0.49050  0.03770  -1.00640 8  DG A C6    
158 O O6    . DG A 8  ? 2.95071 3.41046 1.68760 0.49886  0.02887  -1.06371 8  DG A O6    
159 N N1    . DG A 8  ? 2.73161 3.30029 1.39341 0.44799  -0.00810 -0.97585 8  DG A N1    
160 C C2    . DG A 8  ? 3.05242 3.69168 1.68421 0.43291  -0.00289 -0.91069 8  DG A C2    
161 N N2    . DG A 8  ? 3.72663 4.38075 2.32437 0.38911  -0.04897 -0.88607 8  DG A N2    
162 N N3    . DG A 8  ? 3.16532 3.85116 1.80541 0.45690  0.04394  -0.87001 8  DG A N3    
163 C C4    . DG A 8  ? 3.34730 4.00252 2.02543 0.49811  0.08818  -0.89796 8  DG A C4    
164 P P     . DT A 9  ? 3.78845 4.72585 2.54578 0.48942  0.18864  -0.57958 9  DT A P     
165 O OP1   . DT A 9  ? 3.22138 4.21148 1.94782 0.47679  0.19139  -0.53637 9  DT A OP1   
166 O OP2   . DT A 9  ? 2.40467 3.33053 1.24070 0.50718  0.21380  -0.55966 9  DT A OP2   
167 O "O5'" . DT A 9  ? 3.19224 4.11263 1.94018 0.45057  0.13420  -0.58631 9  DT A "O5'" 
168 C "C5'" . DT A 9  ? 2.89946 3.79355 1.70415 0.44428  0.11892  -0.58684 9  DT A "C5'" 
169 C "C4'" . DT A 9  ? 2.98471 3.84608 1.76165 0.41382  0.06844  -0.61824 9  DT A "C4'" 
170 O "O4'" . DT A 9  ? 3.11154 3.91716 1.87655 0.43556  0.06787  -0.69316 9  DT A "O4'" 
171 C "C3'" . DT A 9  ? 2.62181 3.47684 1.45228 0.38682  0.03936  -0.58708 9  DT A "C3'" 
172 O "O3'" . DT A 9  ? 3.01867 3.89799 1.83236 0.34508  0.01130  -0.53618 9  DT A "O3'" 
173 C "C2'" . DT A 9  ? 2.70565 3.50224 1.53339 0.38349  0.00754  -0.65058 9  DT A "C2'" 
174 C "C1'" . DT A 9  ? 3.17314 3.94362 1.94610 0.40796  0.02077  -0.71445 9  DT A "C1'" 
175 N N1    . DT A 9  ? 3.06541 3.77391 1.86773 0.43396  0.02553  -0.78130 9  DT A N1    
176 C C2    . DT A 9  ? 2.91153 3.57010 1.70755 0.41277  -0.02057 -0.82756 9  DT A C2    
177 O O2    . DT A 9  ? 3.06969 3.73306 1.83347 0.37266  -0.06467 -0.81330 9  DT A O2    
178 N N3    . DT A 9  ? 2.54593 3.14062 1.38102 0.43806  -0.01313 -0.88888 9  DT A N3    
179 C C4    . DT A 9  ? 2.91700 3.48870 1.79572 0.48149  0.03836  -0.90535 9  DT A C4    
180 O O4    . DT A 9  ? 3.24268 3.74532 2.16319 0.49937  0.04276  -0.95878 9  DT A O4    
181 C C5    . DT A 9  ? 2.85820 3.48576 1.73760 0.50077  0.08626  -0.85087 9  DT A C5    
182 C C7    . DT A 9  ? 2.79553 3.39798 1.72422 0.54300  0.14509  -0.85555 9  DT A C7    
183 C C6    . DT A 9  ? 2.80380 3.49807 1.64598 0.47635  0.07586  -0.79340 9  DT A C6    
184 P P     . DA A 10 ? 3.56277 4.48455 2.42535 0.33167  0.02506  -0.45721 10 DA A P     
185 O OP1   . DA A 10 ? 3.44247 4.39056 2.26135 0.31081  0.01964  -0.42760 10 DA A OP1   
186 O OP2   . DA A 10 ? 2.95429 3.89158 1.86703 0.36916  0.06848  -0.44875 10 DA A OP2   
187 O "O5'" . DA A 10 ? 3.40169 4.29891 2.30494 0.29645  -0.01099 -0.43101 10 DA A "O5'" 
188 C "C5'" . DA A 10 ? 3.65090 4.51589 2.59253 0.30848  -0.01805 -0.46259 10 DA A "C5'" 
189 C "C4'" . DA A 10 ? 3.32084 4.14486 2.25516 0.27068  -0.06823 -0.47139 10 DA A "C4'" 
190 O "O4'" . DA A 10 ? 2.58894 3.37268 1.50270 0.28463  -0.08422 -0.54495 10 DA A "O4'" 
191 C "C3'" . DA A 10 ? 3.43164 4.24264 2.43076 0.25713  -0.07937 -0.43936 10 DA A "C3'" 
192 O "O3'" . DA A 10 ? 2.75163 3.52636 1.73992 0.21216  -0.12524 -0.42440 10 DA A "O3'" 
193 C "C2'" . DA A 10 ? 3.63693 4.42408 2.66772 0.29428  -0.06903 -0.49695 10 DA A "C2'" 
194 C "C1'" . DA A 10 ? 3.65414 4.41424 2.62862 0.30361  -0.08100 -0.56627 10 DA A "C1'" 
195 N N9    . DA A 10 ? 3.74479 4.49413 2.72781 0.35304  -0.04260 -0.61773 10 DA A N9    
196 C C8    . DA A 10 ? 3.60516 4.38479 2.59976 0.38658  0.00831  -0.59933 10 DA A C8    
197 N N7    . DA A 10 ? 3.07639 3.82224 2.08054 0.42573  0.03730  -0.65268 10 DA A N7    
198 C C5    . DA A 10 ? 3.18100 3.87119 2.18272 0.41828  0.00178  -0.71370 10 DA A C5    
199 C C6    . DA A 10 ? 3.42422 4.04850 2.44144 0.44428  0.00766  -0.78788 10 DA A C6    
200 N N6    . DA A 10 ? 3.32965 3.93127 2.36629 0.48521  0.05800  -0.81019 10 DA A N6    
201 N N1    . DA A 10 ? 3.86181 4.43604 2.88091 0.42328  -0.04003 -0.83463 10 DA A N1    
202 C C2    . DA A 10 ? 3.76740 4.35773 2.77070 0.37878  -0.08903 -0.80553 10 DA A C2    
203 N N3    . DA A 10 ? 3.47218 4.11783 2.45887 0.35062  -0.09647 -0.73433 10 DA A N3    
204 C C4    . DA A 10 ? 3.43655 4.13069 2.42451 0.37307  -0.04949 -0.69274 10 DA A C4    
205 O OP3   . DC B 1  ? 4.63459 3.05162 3.44321 -0.85481 1.11196  -0.92684 1  DC B OP3   
206 P P     . DC B 1  ? 4.69323 3.13217 3.40503 -0.85672 1.04029  -0.90038 1  DC B P     
207 O OP1   . DC B 1  ? 3.79161 2.35395 2.46409 -0.78961 0.87722  -0.87733 1  DC B OP1   
208 O OP2   . DC B 1  ? 4.21557 2.58290 2.80369 -0.96495 1.09146  -0.88701 1  DC B OP2   
209 O "O5'" . DC B 1  ? 4.61992 3.02430 3.44504 -0.80389 1.11332  -0.91566 1  DC B "O5'" 
210 C "C5'" . DC B 1  ? 4.74284 3.07622 3.74080 -0.78797 1.26349  -0.94118 1  DC B "C5'" 
211 C "C4'" . DC B 1  ? 4.32640 2.71739 3.49260 -0.67220 1.25982  -0.94743 1  DC B "C4'" 
212 O "O4'" . DC B 1  ? 3.40657 1.90450 2.47668 -0.61763 1.10991  -0.93583 1  DC B "O4'" 
213 C "C3'" . DC B 1  ? 3.99898 2.43403 3.30367 -0.62031 1.27433  -0.96373 1  DC B "C3'" 
214 O "O3'" . DC B 1  ? 4.15282 2.60112 3.69318 -0.52761 1.36449  -0.96021 1  DC B "O3'" 
215 C "C2'" . DC B 1  ? 3.44234 2.00012 2.63146 -0.58354 1.09877  -0.96312 1  DC B "C2'" 
216 C "C1'" . DC B 1  ? 3.56761 2.17099 2.69078 -0.54574 1.03346  -0.94849 1  DC B "C1'" 
217 N N1    . DC B 1  ? 4.04566 2.75580 3.00463 -0.53675 0.85930  -0.92904 1  DC B N1    
218 C C2    . DC B 1  ? 4.15980 2.96527 3.08038 -0.47144 0.77848  -0.91943 1  DC B C2    
219 O O2    . DC B 1  ? 4.08968 2.92773 3.14407 -0.41127 0.83652  -0.89899 1  DC B O2    
220 N N3    . DC B 1  ? 3.99023 2.90242 2.78470 -0.45724 0.62211  -0.88938 1  DC B N3    
221 C C4    . DC B 1  ? 3.87571 2.79485 2.61118 -0.49568 0.55761  -0.86871 1  DC B C4    
222 N N4    . DC B 1  ? 3.53813 2.56461 2.20007 -0.46341 0.41883  -0.82999 1  DC B N4    
223 C C5    . DC B 1  ? 4.20575 3.02908 2.97125 -0.56229 0.64316  -0.88252 1  DC B C5    
224 C C6    . DC B 1  ? 4.04136 2.76621 2.90782 -0.58360 0.78823  -0.91340 1  DC B C6    
225 P P     . DG B 2  ? 4.82051 3.17608 4.58985 -0.53176 1.55705  -0.94792 2  DG B P     
226 O OP1   . DG B 2  ? 4.07264 2.31297 3.71937 -0.65029 1.63340  -0.95579 2  DG B OP1   
227 O OP2   . DG B 2  ? 4.17681 2.58685 4.10101 -0.48205 1.57413  -0.95248 2  DG B OP2   
228 O "O5'" . DG B 2  ? 4.68110 3.05705 4.66171 -0.43292 1.63124  -0.90763 2  DG B "O5'" 
229 C "C5'" . DG B 2  ? 4.05295 2.54085 4.35761 -0.31809 1.69123  -0.84256 2  DG B "C5'" 
230 C "C4'" . DG B 2  ? 3.59340 2.33163 4.03783 -0.20519 1.56784  -0.71858 2  DG B "C4'" 
231 O "O4'" . DG B 2  ? 3.26738 2.11579 3.48209 -0.20679 1.37659  -0.72995 2  DG B "O4'" 
232 C "C3'" . DG B 2  ? 3.10100 2.07361 3.84079 -0.08855 1.52997  -0.61531 2  DG B "C3'" 
233 O "O3'" . DG B 2  ? 3.57504 2.75436 4.45957 0.00374  1.45286  -0.49578 2  DG B "O3'" 
234 C "C2'" . DG B 2  ? 2.94938 2.01399 3.52473 -0.09551 1.37788  -0.66221 2  DG B "C2'" 
235 C "C1'" . DG B 2  ? 2.93732 1.98613 3.22686 -0.13658 1.25723  -0.69720 2  DG B "C1'" 
236 N N9    . DG B 2  ? 3.11459 2.09823 3.13420 -0.20605 1.17010  -0.79197 2  DG B N9    
237 C C8    . DG B 2  ? 3.32240 2.11651 3.21863 -0.29787 1.24761  -0.89272 2  DG B C8    
238 N N7    . DG B 2  ? 3.49800 2.28286 3.16264 -0.34370 1.13786  -0.95143 2  DG B N7    
239 C C5    . DG B 2  ? 3.75504 2.72707 3.38595 -0.27715 0.98276  -0.89032 2  DG B C5    
240 C C6    . DG B 2  ? 3.54886 2.59501 2.97959 -0.28222 0.82646  -0.90972 2  DG B C6    
241 O O6    . DG B 2  ? 3.04686 2.00981 2.29107 -0.34788 0.78940  -0.98119 2  DG B O6    
242 N N1    . DG B 2  ? 3.58722 2.82764 3.05933 -0.19881 0.71092  -0.83051 2  DG B N1    
243 C C2    . DG B 2  ? 3.69331 3.05051 3.37204 -0.12240 0.73681  -0.73928 2  DG B C2    
244 N N2    . DG B 2  ? 3.76503 3.31207 3.44776 -0.05081 0.61231  -0.67052 2  DG B N2    
245 N N3    . DG B 2  ? 3.44215 2.73620 3.31854 -0.11570 0.87982  -0.71308 2  DG B N3    
246 C C4    . DG B 2  ? 3.53028 2.62723 3.37068 -0.19430 0.99931  -0.79398 2  DG B C4    
247 P P     . DG B 3  ? 3.89434 3.33724 5.13894 0.12692  1.43663  -0.35264 3  DG B P     
248 O OP1   . DG B 3  ? 3.69286 3.06209 5.19562 0.15053  1.61229  -0.28653 3  DG B OP1   
249 O OP2   . DG B 3  ? 3.64012 3.16444 4.92737 0.13784  1.39356  -0.37186 3  DG B OP2   
250 O "O5'" . DG B 3  ? 2.66554 2.36028 3.87587 0.19791  1.25190  -0.26851 3  DG B "O5'" 
251 C "C5'" . DG B 3  ? 2.59151 2.26228 3.48670 0.15375  1.12059  -0.33834 3  DG B "C5'" 
252 C "C4'" . DG B 3  ? 2.52887 2.40320 3.35725 0.19222  0.94818  -0.33673 3  DG B "C4'" 
253 O "O4'" . DG B 3  ? 2.51983 2.24304 3.08324 0.10948  0.91611  -0.46334 3  DG B "O4'" 
254 C "C3'" . DG B 3  ? 2.49344 2.55790 3.58525 0.25959  0.94298  -0.26529 3  DG B "C3'" 
255 O "O3'" . DG B 3  ? 2.35843 2.70288 3.47580 0.32984  0.77807  -0.19525 3  DG B "O3'" 
256 C "C2'" . DG B 3  ? 2.51029 2.43922 3.48053 0.19392  0.96323  -0.37632 3  DG B "C2'" 
257 C "C1'" . DG B 3  ? 2.46874 2.31150 3.10294 0.13614  0.85991  -0.46791 3  DG B "C1'" 
258 N N9    . DG B 3  ? 2.86139 2.51838 3.29853 0.04962  0.88076  -0.58959 3  DG B N9    
259 C C8    . DG B 3  ? 2.89636 2.35731 3.36121 -0.01149 1.02476  -0.65105 3  DG B C8    
260 N N7    . DG B 3  ? 3.26366 2.59950 3.51759 -0.08518 1.00249  -0.75263 3  DG B N7    
261 C C5    . DG B 3  ? 3.29210 2.74849 3.38031 -0.06773 0.83489  -0.75641 3  DG B C5    
262 C C6    . DG B 3  ? 2.95633 2.36423 2.80544 -0.11928 0.74249  -0.83682 3  DG B C6    
263 O O6    . DG B 3  ? 3.13701 2.38725 2.86596 -0.19534 0.78669  -0.92094 3  DG B O6    
264 N N1    . DG B 3  ? 2.76861 2.33475 2.52593 -0.07400 0.58891  -0.80807 3  DG B N1    
265 C C2    . DG B 3  ? 3.04747 2.80116 2.91883 0.00796  0.52840  -0.71530 3  DG B C2    
266 N N2    . DG B 3  ? 3.64820 3.53375 3.40206 0.04081  0.38519  -0.70425 3  DG B N2    
267 N N3    . DG B 3  ? 2.74098 2.55042 2.83326 0.05481  0.60743  -0.63536 3  DG B N3    
268 C C4    . DG B 3  ? 3.04957 2.70182 3.24355 0.01464  0.76007  -0.66018 3  DG B C4    
269 P P     . DA B 4  ? 2.80340 3.37360 4.10343 0.41666  0.73421  -0.05186 4  DA B P     
270 O OP1   . DA B 4  ? 2.35809 2.76746 3.63956 0.39593  0.83118  -0.04363 4  DA B OP1   
271 O OP2   . DA B 4  ? 2.43025 3.21319 4.04424 0.48320  0.74960  0.06003  4  DA B OP2   
272 O "O5'" . DA B 4  ? 2.49113 3.23675 3.59348 0.43920  0.53964  -0.06048 4  DA B "O5'" 
273 C "C5'" . DA B 4  ? 2.34780 2.95496 3.13770 0.37549  0.47311  -0.18347 4  DA B "C5'" 
274 C "C4'" . DA B 4  ? 2.25166 3.04626 2.96449 0.39976  0.32114  -0.20115 4  DA B "C4'" 
275 O "O4'" . DA B 4  ? 2.47567 3.10752 3.00258 0.33089  0.31760  -0.32486 4  DA B "O4'" 
276 C "C3'" . DA B 4  ? 1.87222 2.91437 2.83740 0.45969  0.29260  -0.11339 4  DA B "C3'" 
277 O "O3'" . DA B 4  ? 1.77117 3.04705 2.67587 0.49893  0.13747  -0.09091 4  DA B "O3'" 
278 C "C2'" . DA B 4  ? 1.93807 2.86153 2.91363 0.41148  0.35091  -0.19006 4  DA B "C2'" 
279 C "C1'" . DA B 4  ? 2.41105 3.13900 3.07221 0.34208  0.31234  -0.32409 4  DA B "C1'" 
280 N N9    . DA B 4  ? 2.68837 3.18199 3.30053 0.27116  0.41807  -0.41402 4  DA B N9    
281 C C8    . DA B 4  ? 2.58410 2.94010 3.34770 0.25144  0.57467  -0.40246 4  DA B C8    
282 N N7    . DA B 4  ? 2.51377 2.66979 3.18062 0.18109  0.64438  -0.49923 4  DA B N7    
283 C C5    . DA B 4  ? 2.72809 2.89479 3.17331 0.15458  0.52221  -0.57407 4  DA B C5    
284 C C6    . DA B 4  ? 2.90922 2.92383 3.17396 0.08414  0.51820  -0.68311 4  DA B C6    
285 N N6    . DA B 4  ? 2.85818 2.67627 3.12741 0.02250  0.64321  -0.74055 4  DA B N6    
286 N N1    . DA B 4  ? 3.34209 3.41521 3.42650 0.07940  0.38516  -0.72875 4  DA B N1    
287 C C2    . DA B 4  ? 3.48932 3.75594 3.56686 0.13958  0.26824  -0.67521 4  DA B C2    
288 N N3    . DA B 4  ? 3.25517 3.68241 3.48058 0.20564  0.25576  -0.57495 4  DA B N3    
289 C C4    . DA B 4  ? 2.86490 3.23349 3.27517 0.21022  0.38557  -0.52529 4  DA B C4    
290 P P     . DC B 5  ? 2.34519 3.92908 3.47235 0.55299  0.07097  0.00347  5  DC B P     
291 O OP1   . DC B 5  ? 2.51297 4.33195 3.67525 0.61302  -0.02242 0.09934  5  DC B OP1   
292 O OP2   . DC B 5  ? 1.70399 3.27794 3.09657 0.55836  0.18975  0.06272  5  DC B OP2   
293 O "O5'" . DC B 5  ? 2.79203 4.39505 3.74409 0.51696  -0.02900 -0.10255 5  DC B "O5'" 
294 C "C5'" . DC B 5  ? 2.52107 4.05464 3.19494 0.49463  -0.11602 -0.19291 5  DC B "C5'" 
295 C "C4'" . DC B 5  ? 2.71248 4.17227 3.24601 0.44561  -0.15685 -0.30760 5  DC B "C4'" 
296 O "O4'" . DC B 5  ? 2.54860 3.74847 3.05361 0.38770  -0.04371 -0.37757 5  DC B "O4'" 
297 C "C3'" . DC B 5  ? 2.53340 4.20760 3.20442 0.45773  -0.21379 -0.28327 5  DC B "C3'" 
298 O "O3'" . DC B 5  ? 2.65346 4.34191 3.13505 0.43213  -0.31279 -0.37908 5  DC B "O3'" 
299 C "C2'" . DC B 5  ? 2.08881 3.63074 2.89727 0.42513  -0.09803 -0.29489 5  DC B "C2'" 
300 C "C1'" . DC B 5  ? 2.50741 3.74444 3.09925 0.36855  -0.04003 -0.40510 5  DC B "C1'" 
301 N N1    . DC B 5  ? 2.28851 3.31735 2.95970 0.32792  0.10300  -0.42928 5  DC B N1    
302 C C2    . DC B 5  ? 2.79332 3.63180 3.32286 0.26289  0.12782  -0.54139 5  DC B C2    
303 O O2    . DC B 5  ? 3.51447 4.36185 3.86896 0.24381  0.03122  -0.61327 5  DC B O2    
304 N N3    . DC B 5  ? 2.51975 3.16980 3.11285 0.22242  0.26184  -0.56657 5  DC B N3    
305 C C4    . DC B 5  ? 2.62952 3.26834 3.42287 0.24646  0.37406  -0.48807 5  DC B C4    
306 N N4    . DC B 5  ? 3.04315 3.48542 3.89104 0.20317  0.51472  -0.52217 5  DC B N4    
307 C C5    . DC B 5  ? 2.51033 3.33895 3.46260 0.31566  0.35230  -0.36916 5  DC B C5    
308 C C6    . DC B 5  ? 2.17969 3.20266 3.06155 0.35333  0.21300  -0.34239 5  DC B C6    
309 P P     . DA B 6  ? 2.56182 4.53432 3.09938 0.44895  -0.42728 -0.35806 6  DA B P     
310 O OP1   . DA B 6  ? 2.71182 4.82486 3.14024 0.48519  -0.52260 -0.33780 6  DA B OP1   
311 O OP2   . DA B 6  ? 2.26687 4.39954 3.08043 0.46566  -0.38741 -0.25598 6  DA B OP2   
312 O "O5'" . DA B 6  ? 3.19249 5.04787 3.57454 0.39180  -0.45854 -0.49183 6  DA B "O5'" 
313 C "C5'" . DA B 6  ? 3.19670 4.89003 3.32649 0.36822  -0.49296 -0.59496 6  DA B "C5'" 
314 C "C4'" . DA B 6  ? 3.10040 4.63269 3.13827 0.30968  -0.47951 -0.70631 6  DA B "C4'" 
315 O "O4'" . DA B 6  ? 3.01527 4.35920 3.12655 0.27868  -0.36392 -0.70969 6  DA B "O4'" 
316 C "C3'" . DA B 6  ? 2.70455 4.39631 2.81321 0.29298  -0.53814 -0.72966 6  DA B "C3'" 
317 O "O3'" . DA B 6  ? 2.61828 4.17453 2.56041 0.24783  -0.56455 -0.84882 6  DA B "O3'" 
318 C "C2'" . DA B 6  ? 2.69958 4.39370 3.02757 0.28354  -0.45335 -0.67283 6  DA B "C2'" 
319 C "C1'" . DA B 6  ? 2.94179 4.35526 3.21103 0.26128  -0.34375 -0.70275 6  DA B "C1'" 
320 N N9    . DA B 6  ? 3.24669 4.64036 3.72062 0.27572  -0.23600 -0.61817 6  DA B N9    
321 C C8    . DA B 6  ? 3.18662 4.74210 3.84124 0.32822  -0.22022 -0.49702 6  DA B C8    
322 N N7    . DA B 6  ? 3.06756 4.54571 3.89550 0.33103  -0.10150 -0.44247 6  DA B N7    
323 C C5    . DA B 6  ? 3.07650 4.32724 3.81963 0.27380  -0.03636 -0.53842 6  DA B C5    
324 C C6    . DA B 6  ? 2.79027 3.86074 3.62788 0.24506  0.10006  -0.54624 6  DA B C6    
325 N N6    . DA B 6  ? 2.63511 3.72026 3.69192 0.27466  0.20461  -0.45246 6  DA B N6    
326 N N1    . DA B 6  ? 2.89526 3.76855 3.59836 0.18422  0.13062  -0.65300 6  DA B N1    
327 C C2    . DA B 6  ? 3.04653 3.90369 3.54736 0.15742  0.03199  -0.74036 6  DA B C2    
328 N N3    . DA B 6  ? 3.10959 4.11494 3.51213 0.18193  -0.09256 -0.74524 6  DA B N3    
329 C C4    . DA B 6  ? 3.17717 4.37742 3.70425 0.23935  -0.12111 -0.64338 6  DA B C4    
330 P P     . DG B 7  ? 3.10645 4.77832 3.07520 0.21439  -0.62495 -0.90458 7  DG B P     
331 O OP1   . DG B 7  ? 3.74863 5.24857 3.54229 0.19143  -0.62771 -0.93548 7  DG B OP1   
332 O OP2   . DG B 7  ? 3.21714 5.17566 3.35980 0.23951  -0.67066 -0.81329 7  DG B OP2   
333 O "O5'" . DG B 7  ? 3.41597 4.92432 3.46298 0.16847  -0.53940 -0.93544 7  DG B "O5'" 
334 C "C5'" . DG B 7  ? 3.36411 4.59777 3.29733 0.13898  -0.46580 -0.99239 7  DG B "C5'" 
335 C "C4'" . DG B 7  ? 3.04116 4.15962 3.06657 0.09486  -0.38930 -1.01691 7  DG B "C4'" 
336 O "O4'" . DG B 7  ? 2.49896 3.60119 2.69364 0.11150  -0.29228 -0.93287 7  DG B "O4'" 
337 C "C3'" . DG B 7  ? 2.96978 4.23092 3.09804 0.07250  -0.43471 -1.03355 7  DG B "C3'" 
338 O "O3'" . DG B 7  ? 2.60026 3.68170 2.68693 0.01904  -0.39069 -1.11151 7  DG B "O3'" 
339 C "C2'" . DG B 7  ? 2.71218 4.13716 3.08891 0.10086  -0.39486 -0.91740 7  DG B "C2'" 
340 C "C1'" . DG B 7  ? 2.81977 4.04763 3.21755 0.10672  -0.27594 -0.89021 7  DG B "C1'" 
341 N N9    . DG B 7  ? 2.95472 4.29815 3.55879 0.15182  -0.22241 -0.76849 7  DG B N9    
342 C C8    . DG B 7  ? 2.87385 4.43817 3.56047 0.20350  -0.27775 -0.67668 7  DG B C8    
343 N N7    . DG B 7  ? 2.62040 4.23939 3.51131 0.23760  -0.20188 -0.56894 7  DG B N7    
344 C C5    . DG B 7  ? 2.70869 4.12173 3.64891 0.20577  -0.08416 -0.59808 7  DG B C5    
345 C C6    . DG B 7  ? 2.63339 3.98866 3.77694 0.22069  0.04619  -0.52269 7  DG B C6    
346 O O6    . DG B 7  ? 2.48158 3.96117 3.81903 0.26916  0.08383  -0.40570 7  DG B O6    
347 N N1    . DG B 7  ? 2.88071 4.00611 3.99376 0.17210  0.14406  -0.59448 7  DG B N1    
348 C C2    . DG B 7  ? 3.03005 4.01022 3.94646 0.11673  0.11342  -0.71555 7  DG B C2    
349 N N2    . DG B 7  ? 3.52686 4.30008 4.44175 0.07224  0.21991  -0.76659 7  DG B N2    
350 N N3    . DG B 7  ? 2.77572 3.80834 3.51404 0.10531  -0.00772 -0.78076 7  DG B N3    
351 C C4    . DG B 7  ? 2.80289 4.04960 3.56274 0.15146  -0.09864 -0.72001 7  DG B C4    
352 P P     . DT B 8  ? 2.97067 4.14020 3.12071 -0.02053 -0.43499 -1.15680 8  DT B P     
353 O OP1   . DT B 8  ? 3.22947 4.24361 3.19238 -0.05994 -0.46379 -1.27086 8  DT B OP1   
354 O OP2   . DT B 8  ? 2.07322 3.52914 2.33579 0.00181  -0.51519 -1.09795 8  DT B OP2   
355 O "O5'" . DT B 8  ? 3.28531 4.37397 3.60194 -0.04265 -0.33080 -1.12321 8  DT B "O5'" 
356 C "C5'" . DT B 8  ? 2.56856 3.41156 2.83089 -0.06045 -0.22598 -1.14404 8  DT B "C5'" 
357 C "C4'" . DT B 8  ? 2.55031 3.35604 2.99928 -0.07661 -0.12608 -1.10432 8  DT B "C4'" 
358 O "O4'" . DT B 8  ? 2.21765 3.11156 2.84081 -0.03039 -0.06586 -0.99489 8  DT B "O4'" 
359 C "C3'" . DT B 8  ? 2.95626 3.90345 3.54196 -0.09861 -0.16402 -1.10154 8  DT B "C3'" 
360 O "O3'" . DT B 8  ? 2.70817 3.50499 3.35717 -0.13669 -0.06986 -1.12310 8  DT B "O3'" 
361 C "C2'" . DT B 8  ? 2.98870 4.18698 3.79285 -0.05209 -0.17770 -0.97851 8  DT B "C2'" 
362 C "C1'" . DT B 8  ? 2.75677 3.84098 3.61400 -0.01970 -0.06672 -0.91953 8  DT B "C1'" 
363 N N1    . DT B 8  ? 2.78553 4.07384 3.79710 0.03975  -0.07876 -0.79875 8  DT B N1    
364 C C2    . DT B 8  ? 2.64638 3.92155 3.85738 0.06819  0.03459  -0.70572 8  DT B C2    
365 O O2    . DT B 8  ? 2.60721 3.70842 3.87049 0.04566  0.14910  -0.72218 8  DT B O2    
366 N N3    . DT B 8  ? 2.46928 3.94355 3.82224 0.12376  0.01439  -0.59046 8  DT B N3    
367 C C4    . DT B 8  ? 2.14402 3.83020 3.45146 0.15022  -0.10732 -0.56047 8  DT B C4    
368 O O4    . DT B 8  ? 1.83982 3.70435 3.29035 0.19911  -0.11595 -0.44707 8  DT B O4    
369 C C5    . DT B 8  ? 2.18928 3.87229 3.27457 0.11580  -0.21810 -0.67001 8  DT B C5    
370 C C7    . DT B 8  ? 2.28051 4.17765 3.29105 0.13669  -0.34566 -0.65632 8  DT B C7    
371 C C6    . DT B 8  ? 2.61210 4.09591 3.56707 0.06439  -0.19726 -0.78159 8  DT B C6    
372 P P     . DG B 9  ? 2.89490 3.74721 3.62115 -0.18084 -0.10004 -1.15763 9  DG B P     
373 O OP1   . DG B 9  ? 2.82378 3.48693 3.35088 -0.22934 -0.11583 -1.27355 9  DG B OP1   
374 O OP2   . DG B 9  ? 2.53245 3.66566 3.36712 -0.16567 -0.20181 -1.10785 9  DG B OP2   
375 O "O5'" . DG B 9  ? 3.09645 3.89287 4.02604 -0.18567 0.02776  -1.09777 9  DG B "O5'" 
376 C "C5'" . DG B 9  ? 2.50924 3.15055 3.45675 -0.16893 0.15060  -1.06730 9  DG B "C5'" 
377 C "C4'" . DG B 9  ? 2.39097 3.08484 3.60520 -0.15278 0.25506  -0.97451 9  DG B "C4'" 
378 O "O4'" . DG B 9  ? 2.20483 3.06374 3.57520 -0.09225 0.26191  -0.86103 9  DG B "O4'" 
379 C "C3'" . DG B 9  ? 2.93326 3.77870 4.31181 -0.17218 0.21882  -0.94868 9  DG B "C3'" 
380 O "O3'" . DG B 9  ? 2.88913 3.65370 4.44276 -0.17993 0.34931  -0.90915 9  DG B "O3'" 
381 C "C2'" . DG B 9  ? 2.55794 3.70429 4.08938 -0.12859 0.13203  -0.84472 9  DG B "C2'" 
382 C "C1'" . DG B 9  ? 2.28428 3.41017 3.87093 -0.07437 0.20460  -0.77086 9  DG B "C1'" 
383 N N9    . DG B 9  ? 2.41989 3.75892 4.00564 -0.03356 0.10250  -0.71370 9  DG B N9    
384 C C8    . DG B 9  ? 2.41207 3.82690 3.81048 -0.04358 -0.02955 -0.77636 9  DG B C8    
385 N N7    . DG B 9  ? 2.23299 3.84874 3.67590 -0.00153 -0.09514 -0.70170 9  DG B N7    
386 C C5    . DG B 9  ? 2.23170 3.91191 3.91552 0.04055  -0.00293 -0.57610 9  DG B C5    
387 C C6    . DG B 9  ? 1.89650 3.78468 3.73942 0.09632  -0.01644 -0.44646 9  DG B C6    
388 O O6    . DG B 9  ? 1.84428 3.91045 3.63348 0.11775  -0.11939 -0.41907 9  DG B O6    
389 N N1    . DG B 9  ? 1.90061 3.77882 3.99314 0.12823  0.11066  -0.33968 9  DG B N1    
390 C C2    . DG B 9  ? 1.98141 3.66835 4.15142 0.10727  0.23877  -0.36209 9  DG B C2    
391 N N2    . DG B 9  ? 1.96941 3.66909 4.39607 0.14586  0.36270  -0.24852 9  DG B N2    
392 N N3    . DG B 9  ? 2.14854 3.64407 4.16023 0.05229  0.24976  -0.48532 9  DG B N3    
393 C C4    . DG B 9  ? 2.30644 3.81198 4.08249 0.02233  0.12368  -0.58419 9  DG B C4    
394 P P     . DC B 10 ? 3.14517 4.07694 4.93185 -0.19338 0.34006  -0.84894 10 DC B P     
395 O OP1   . DC B 10 ? 3.56573 4.29534 5.38302 -0.22847 0.46386  -0.88623 10 DC B OP1   
396 O OP2   . DC B 10 ? 2.41548 3.51459 4.13103 -0.21963 0.18470  -0.88617 10 DC B OP2   
397 O "O5'" . DC B 10 ? 2.36005 3.49759 4.43387 -0.13244 0.38281  -0.68987 10 DC B "O5'" 
398 C "C5'" . DC B 10 ? 2.25658 3.26560 4.44513 -0.09937 0.53877  -0.63620 10 DC B "C5'" 
399 C "C4'" . DC B 10 ? 2.51058 3.74999 5.01870 -0.04318 0.57164  -0.47034 10 DC B "C4'" 
400 O "O4'" . DC B 10 ? 2.39708 3.82098 4.88662 -0.00247 0.47281  -0.41455 10 DC B "O4'" 
401 C "C3'" . DC B 10 ? 2.39346 3.85897 5.12540 -0.05505 0.52579  -0.38984 10 DC B "C3'" 
402 O "O3'" . DC B 10 ? 2.16766 3.70299 5.21958 -0.01369 0.64970  -0.25096 10 DC B "O3'" 
403 C "C2'" . DC B 10 ? 2.08402 3.83153 4.79251 -0.04749 0.35405  -0.34971 10 DC B "C2'" 
404 C "C1'" . DC B 10 ? 2.20231 3.94367 4.87968 0.00755  0.37423  -0.30880 10 DC B "C1'" 
405 N N1    . DC B 10 ? 2.17750 4.07922 4.69592 0.01144  0.21803  -0.32877 10 DC B N1    
406 C C2    . DC B 10 ? 2.02441 4.15017 4.67937 0.06397  0.18260  -0.20315 10 DC B C2    
407 O O2    . DC B 10 ? 2.03240 4.21924 4.94869 0.10821  0.28181  -0.07330 10 DC B O2    
408 N N3    . DC B 10 ? 1.88153 4.15075 4.38429 0.06505  0.04546  -0.22511 10 DC B N3    
409 C C4    . DC B 10 ? 1.90558 4.09388 4.13981 0.01881  -0.04727 -0.36621 10 DC B C4    
410 N N4    . DC B 10 ? 1.86824 4.19780 3.96284 0.02217  -0.17141 -0.38569 10 DC B N4    
411 C C5    . DC B 10 ? 1.97348 3.93354 4.07776 -0.03265 -0.01201 -0.49036 10 DC B C5    
412 C C6    . DC B 10 ? 2.14588 3.97291 4.39412 -0.03551 0.11768  -0.46637 10 DC B C6    
413 P P     . DA B 11 ? 2.19058 3.78535 5.47524 -0.03550 0.70541  -0.19404 11 DA B P     
414 O OP1   . DA B 11 ? 2.27679 3.62343 5.64315 -0.02615 0.90304  -0.20264 11 DA B OP1   
415 O OP2   . DA B 11 ? 2.18989 3.82155 5.31874 -0.09967 0.57764  -0.28832 11 DA B OP2   
416 O "O5'" . DA B 11 ? 2.11076 4.05124 5.73168 0.01090  0.67275  0.00355  11 DA B "O5'" 
417 C "C5'" . DA B 11 ? 2.08981 4.07655 5.89766 0.07934  0.76224  0.12395  11 DA B "C5'" 
418 C "C4'" . DA B 11 ? 1.99157 4.33736 5.94797 0.10886  0.63535  0.26420  11 DA B "C4'" 
419 O "O4'" . DA B 11 ? 1.95654 4.33198 5.62758 0.09300  0.49033  0.17234  11 DA B "O4'" 
420 C "C3'" . DA B 11 ? 2.00149 4.64023 6.14418 0.07750  0.53909  0.35785  11 DA B "C3'" 
421 O "O3'" . DA B 11 ? 1.91017 4.77845 6.42905 0.12871  0.59731  0.56596  11 DA B "O3'" 
422 C "C2'" . DA B 11 ? 1.91790 4.74897 5.85369 0.04070  0.33556  0.30774  11 DA B "C2'" 
423 C "C1'" . DA B 11 ? 1.88581 4.60172 5.63491 0.07998  0.33645  0.25657  11 DA B "C1'" 
424 N N9    . DA B 11 ? 1.87555 4.58932 5.30394 0.04094  0.18810  0.12385  11 DA B N9    
425 C C8    . DA B 11 ? 1.92507 4.44958 5.08357 -0.01621 0.14549  -0.04837 11 DA B C8    
426 N N7    . DA B 11 ? 2.06155 4.62988 4.97929 -0.03729 0.01551  -0.13467 11 DA B N7    
427 C C5    . DA B 11 ? 2.10379 4.91280 5.13245 0.00646  -0.03486 -0.01274 11 DA B C5    
428 C C6    . DA B 11 ? 2.37314 5.33988 5.25823 0.01013  -0.16244 -0.02334 11 DA B C6    
429 N N6    . DA B 11 ? 2.93183 5.82464 5.52286 -0.03046 -0.26075 -0.17151 11 DA B N6    
430 N N1    . DA B 11 ? 1.85960 5.06478 4.92316 0.05811  -0.18006 0.12833  11 DA B N1    
431 C C2    . DA B 11 ? 1.71830 4.99605 5.09434 0.10198  -0.07442 0.28362  11 DA B C2    
432 N N3    . DA B 11 ? 1.75677 4.89629 5.30004 0.10600  0.05645  0.30864  11 DA B N3    
433 C C4    . DA B 11 ? 1.81878 4.72361 5.16575 0.05513  0.06816  0.15106  11 DA B C4    
434 O "O5'" . DT C 1  ? 5.00308 4.33452 2.38943 -0.70895 -1.46735 -0.35921 1  DT C "O5'" 
435 C "C5'" . DT C 1  ? 5.66934 4.92339 2.89748 -0.63398 -1.54546 -0.34420 1  DT C "C5'" 
436 C "C4'" . DT C 1  ? 5.51391 4.91973 2.87748 -0.57009 -1.45489 -0.28790 1  DT C "C4'" 
437 O "O4'" . DT C 1  ? 5.20768 4.78706 2.86204 -0.66646 -1.44126 -0.25513 1  DT C "O4'" 
438 C "C3'" . DT C 1  ? 5.39514 4.87959 2.81431 -0.49542 -1.29742 -0.27499 1  DT C "C3'" 
439 O "O3'" . DT C 1  ? 5.53614 5.05857 2.91950 -0.38637 -1.25212 -0.22895 1  DT C "O3'" 
440 C "C2'" . DT C 1  ? 4.58675 4.26061 2.32470 -0.59064 -1.21281 -0.26116 1  DT C "C2'" 
441 C "C1'" . DT C 1  ? 4.96765 4.71399 2.83783 -0.65597 -1.29171 -0.23038 1  DT C "C1'" 
442 N N1    . DT C 1  ? 4.70620 4.59073 2.84373 -0.78058 -1.26998 -0.23037 1  DT C N1    
443 C C2    . DT C 1  ? 4.71425 4.76639 3.09751 -0.81269 -1.23793 -0.18607 1  DT C C2    
444 O O2    . DT C 1  ? 4.62260 4.71540 3.01859 -0.74603 -1.22988 -0.14318 1  DT C O2    
445 N N3    . DT C 1  ? 4.71811 4.89099 3.33302 -0.92404 -1.21471 -0.19146 1  DT C N3    
446 C C4    . DT C 1  ? 4.40169 4.54883 3.02393 -1.00465 -1.21909 -0.23197 1  DT C C4    
447 O O4    . DT C 1  ? 4.32983 4.59915 3.16525 -1.09888 -1.19280 -0.23107 1  DT C O4    
448 C C5    . DT C 1  ? 4.20173 4.17040 2.56331 -0.96732 -1.25478 -0.27322 1  DT C C5    
449 C C7    . DT C 1  ? 4.17919 4.10689 2.52809 -1.04657 -1.26249 -0.31265 1  DT C C7    
450 C C6    . DT C 1  ? 4.36149 4.20743 2.49753 -0.85797 -1.27790 -0.27244 1  DT C C6    
451 P P     . DC C 2  ? 5.60192 5.18782 3.01106 -0.28425 -1.09787 -0.20553 2  DC C P     
452 O OP1   . DC C 2  ? 5.70371 5.15672 2.83191 -0.15469 -1.12291 -0.19960 2  DC C OP1   
453 O OP2   . DC C 2  ? 4.64182 4.25275 2.13755 -0.33329 -1.02398 -0.24178 2  DC C OP2   
454 O "O5'" . DC C 2  ? 5.28876 5.07946 2.97776 -0.28567 -1.01417 -0.14047 2  DC C "O5'" 
455 C "C5'" . DC C 2  ? 4.69250 4.50255 2.35222 -0.23346 -1.05828 -0.08988 2  DC C "C5'" 
456 C "C4'" . DC C 2  ? 4.72285 4.73698 2.68920 -0.25055 -0.97009 -0.03070 2  DC C "C4'" 
457 O "O4'" . DC C 2  ? 5.02486 5.13940 3.22843 -0.38245 -0.98151 -0.04882 2  DC C "O4'" 
458 C "C3'" . DC C 2  ? 4.85824 4.97603 2.95896 -0.18775 -0.81213 -0.00321 2  DC C "C3'" 
459 O "O3'" . DC C 2  ? 4.91390 5.16560 3.18578 -0.14727 -0.75821 0.06875  2  DC C "O3'" 
460 C "C2'" . DC C 2  ? 4.11757 4.32120 2.43048 -0.29289 -0.75812 -0.04416 2  DC C "C2'" 
461 C "C1'" . DC C 2  ? 4.34766 4.60153 2.78776 -0.40257 -0.84762 -0.04625 2  DC C "C1'" 
462 N N1    . DC C 2  ? 4.21838 4.48594 2.75061 -0.51954 -0.86245 -0.09969 2  DC C N1    
463 C C2    . DC C 2  ? 4.13401 4.55516 2.94729 -0.61614 -0.84094 -0.09179 2  DC C C2    
464 O O2    . DC C 2  ? 3.81077 4.35162 2.79866 -0.60293 -0.80975 -0.04206 2  DC C O2    
465 N N3    . DC C 2  ? 4.33675 4.77330 3.22391 -0.71899 -0.85257 -0.13667 2  DC C N3    
466 C C4    . DC C 2  ? 4.34775 4.65240 3.04535 -0.72922 -0.88686 -0.18481 2  DC C C4    
467 N N4    . DC C 2  ? 3.86178 4.19181 2.64174 -0.83094 -0.89550 -0.22131 2  DC C N4    
468 C C5    . DC C 2  ? 4.57577 4.71850 2.99155 -0.63279 -0.91176 -0.19544 2  DC C C5    
469 C C6    . DC C 2  ? 4.45941 4.58996 2.79952 -0.52976 -0.89790 -0.15347 2  DC C C6    
470 P P     . DT C 3  ? 5.10011 5.50786 3.61948 -0.10901 -0.59588 0.10904  3  DT C P     
471 O OP1   . DT C 3  ? 4.87912 5.35251 3.43920 -0.02676 -0.57211 0.19080  3  DT C OP1   
472 O OP2   . DT C 3  ? 4.53340 4.88201 2.95892 -0.06601 -0.52285 0.07444  3  DT C OP2   
473 O "O5'" . DT C 3  ? 3.98551 4.54274 2.82594 -0.23422 -0.56670 0.09091  3  DT C "O5'" 
474 C "C5'" . DT C 3  ? 3.79593 4.44943 2.80652 -0.28824 -0.61197 0.12575  3  DT C "C5'" 
475 C "C4'" . DT C 3  ? 3.53342 4.36281 2.88843 -0.36266 -0.52342 0.12415  3  DT C "C4'" 
476 O "O4'" . DT C 3  ? 3.44878 4.26974 2.84190 -0.47430 -0.55847 0.05757  3  DT C "O4'" 
477 C "C3'" . DT C 3  ? 3.81316 4.72298 3.30685 -0.31040 -0.37935 0.13266  3  DT C "C3'" 
478 O "O3'" . DT C 3  ? 3.50555 4.58582 3.31310 -0.32918 -0.30459 0.17123  3  DT C "O3'" 
479 C "C2'" . DT C 3  ? 3.33740 4.21837 2.82071 -0.37576 -0.35978 0.05577  3  DT C "C2'" 
480 C "C1'" . DT C 3  ? 3.27540 4.17372 2.82108 -0.49267 -0.44801 0.02548  3  DT C "C1'" 
481 N N1    . DT C 3  ? 3.41003 4.22565 2.84200 -0.55941 -0.48619 -0.04383 3  DT C N1    
482 C C2    . DT C 3  ? 3.17788 4.07455 2.77838 -0.67116 -0.49302 -0.07827 3  DT C C2    
483 O O2    . DT C 3  ? 3.05522 4.08851 2.89629 -0.71794 -0.46939 -0.05805 3  DT C O2    
484 N N3    . DT C 3  ? 3.28504 4.09908 2.76416 -0.72473 -0.52698 -0.13501 3  DT C N3    
485 C C4    . DT C 3  ? 4.00097 4.65830 3.21585 -0.67862 -0.55586 -0.16248 3  DT C C4    
486 O O4    . DT C 3  ? 4.41150 5.00453 3.54142 -0.73373 -0.58614 -0.20995 3  DT C O4    
487 C C5    . DT C 3  ? 4.23052 4.80822 3.27926 -0.55866 -0.54538 -0.12824 3  DT C C5    
488 C C7    . DT C 3  ? 4.75431 5.16280 3.51503 -0.49435 -0.57067 -0.15493 3  DT C C7    
489 C C6    . DT C 3  ? 3.75694 4.41894 2.91937 -0.50532 -0.51025 -0.06990 3  DT C C6    
490 P P     . DG C 4  ? 4.23021 5.39757 4.18087 -0.23556 -0.17563 0.22703  4  DG C P     
491 O OP1   . DG C 4  ? 4.14339 5.33295 4.08832 -0.16794 -0.19782 0.31141  4  DG C OP1   
492 O OP2   . DG C 4  ? 3.86213 4.94314 3.65165 -0.17667 -0.12582 0.19950  4  DG C OP2   
493 O "O5'" . DG C 4  ? 3.02604 4.36222 3.33546 -0.30801 -0.08695 0.20726  4  DG C "O5'" 
494 C "C5'" . DG C 4  ? 2.77277 4.18151 3.23720 -0.41352 -0.13238 0.18110  4  DG C "C5'" 
495 C "C4'" . DG C 4  ? 2.60109 4.08504 3.23797 -0.48893 -0.06759 0.11132  4  DG C "C4'" 
496 O "O4'" . DG C 4  ? 2.67176 4.05305 3.11743 -0.54848 -0.13660 0.04664  4  DG C "O4'" 
497 C "C3'" . DG C 4  ? 2.79120 4.31014 3.51031 -0.43366 0.04994  0.10181  4  DG C "C3'" 
498 O "O3'" . DG C 4  ? 2.70062 4.37850 3.74987 -0.45451 0.13767  0.10897  4  DG C "O3'" 
499 C "C2'" . DG C 4  ? 2.86352 4.31263 3.45471 -0.47869 0.04386  0.02123  4  DG C "C2'" 
500 C "C1'" . DG C 4  ? 2.56069 3.96830 3.06682 -0.57075 -0.06252 -0.01123 4  DG C "C1'" 
501 N N9    . DG C 4  ? 2.85647 4.12136 3.09630 -0.58525 -0.12378 -0.05832 4  DG C N9    
502 C C8    . DG C 4  ? 3.02664 4.14520 2.99130 -0.50829 -0.15667 -0.04806 4  DG C C8    
503 N N7    . DG C 4  ? 3.08881 4.09743 2.86343 -0.54374 -0.21190 -0.09929 4  DG C N7    
504 C C5    . DG C 4  ? 3.05620 4.14745 2.98853 -0.65158 -0.21465 -0.14207 4  DG C C5    
505 C C6    . DG C 4  ? 3.20294 4.24175 3.04913 -0.73093 -0.26120 -0.19889 4  DG C C6    
506 O O6    . DG C 4  ? 3.35323 4.25265 2.96324 -0.72267 -0.31381 -0.22507 4  DG C O6    
507 N N1    . DG C 4  ? 3.22509 4.39301 3.29386 -0.82557 -0.24017 -0.22331 4  DG C N1    
508 C C2    . DG C 4  ? 3.05684 4.38089 3.39888 -0.84057 -0.18224 -0.20106 4  DG C C2    
509 N N2    . DG C 4  ? 2.89581 4.33029 3.42105 -0.93222 -0.16643 -0.23294 4  DG C N2    
510 N N3    . DG C 4  ? 2.91702 4.28707 3.34880 -0.76826 -0.14068 -0.14889 4  DG C N3    
511 C C4    . DG C 4  ? 2.93444 4.18431 3.15066 -0.67682 -0.15954 -0.11967 4  DG C C4    
512 P P     . DC C 5  ? 3.64313 5.39040 4.85983 -0.43278 0.25859  0.07789  5  DC C P     
513 O OP1   . DC C 5  ? 3.30203 5.18881 4.82578 -0.41558 0.33347  0.12174  5  DC C OP1   
514 O OP2   . DC C 5  ? 4.08820 5.72732 5.09076 -0.35310 0.27783  0.08391  5  DC C OP2   
515 O "O5'" . DC C 5  ? 2.41294 4.19412 3.68941 -0.53687 0.25563  -0.01575 5  DC C "O5'" 
516 C "C5'" . DC C 5  ? 2.03661 3.87842 3.41410 -0.62732 0.20637  -0.03612 5  DC C "C5'" 
517 C "C4'" . DC C 5  ? 2.30917 4.16230 3.68455 -0.71218 0.20553  -0.12157 5  DC C "C4'" 
518 O "O4'" . DC C 5  ? 2.40807 4.11340 3.48046 -0.72103 0.12587  -0.14306 5  DC C "O4'" 
519 C "C3'" . DC C 5  ? 2.63415 4.54854 4.13903 -0.70309 0.30550  -0.17260 5  DC C "C3'" 
520 O "O3'" . DC C 5  ? 2.96897 4.98624 4.64421 -0.79011 0.32825  -0.23626 5  DC C "O3'" 
521 C "C2'" . DC C 5  ? 2.65501 4.43348 3.88600 -0.67413 0.28172  -0.19758 5  DC C "C2'" 
522 C "C1'" . DC C 5  ? 2.97114 4.65777 3.99862 -0.72971 0.17011  -0.20360 5  DC C "C1'" 
523 N N1    . DC C 5  ? 3.01846 4.53944 3.73180 -0.69096 0.11300  -0.20544 5  DC C N1    
524 C C2    . DC C 5  ? 2.78092 4.22899 3.33849 -0.75541 0.05453  -0.25675 5  DC C C2    
525 O O2    . DC C 5  ? 2.20277 3.73071 2.88391 -0.84307 0.05332  -0.29582 5  DC C O2    
526 N N3    . DC C 5  ? 2.72480 4.01763 3.00263 -0.71792 0.00203  -0.25987 5  DC C N3    
527 C C4    . DC C 5  ? 2.86325 4.07836 3.01217 -0.61820 0.00966  -0.21655 5  DC C C4    
528 N N4    . DC C 5  ? 2.94137 4.00219 2.81340 -0.58066 -0.04172 -0.22514 5  DC C N4    
529 C C5    . DC C 5  ? 2.63749 3.93074 2.93809 -0.55050 0.07195  -0.16003 5  DC C C5    
530 C C6    . DC C 5  ? 2.67430 4.11757 3.25752 -0.59104 0.12065  -0.15564 5  DC C C6    
531 P P     . DA C 6  ? 2.76394 4.90415 4.69389 -0.79211 0.43750  -0.28720 6  DA C P     
532 O OP1   . DA C 6  ? 2.40596 4.68472 4.61758 -0.82872 0.46815  -0.28323 6  DA C OP1   
533 O OP2   . DA C 6  ? 2.17808 4.27826 4.08037 -0.70247 0.49248  -0.26218 6  DA C OP2   
534 O "O5'" . DA C 6  ? 2.47680 4.60901 4.32451 -0.86216 0.43002  -0.37294 6  DA C "O5'" 
535 C "C5'" . DA C 6  ? 2.39468 4.54832 4.22172 -0.95082 0.37482  -0.39992 6  DA C "C5'" 
536 C "C4'" . DA C 6  ? 2.31478 4.42541 3.99437 -0.99813 0.36047  -0.46506 6  DA C "C4'" 
537 O "O4'" . DA C 6  ? 2.45089 4.40144 3.83864 -0.96241 0.30009  -0.44438 6  DA C "O4'" 
538 C "C3'" . DA C 6  ? 2.22822 4.36088 3.98373 -0.96950 0.43550  -0.51643 6  DA C "C3'" 
539 O "O3'" . DA C 6  ? 2.29053 4.37446 3.94730 -1.00685 0.41042  -0.55850 6  DA C "O3'" 
540 C "C2'" . DA C 6  ? 1.85931 3.92125 3.47207 -0.91200 0.44896  -0.50980 6  DA C "C2'" 
541 C "C1'" . DA C 6  ? 2.51366 4.43302 3.84394 -0.92116 0.34962  -0.47820 6  DA C "C1'" 
542 N N9    . DA C 6  ? 2.80811 4.60364 3.95584 -0.83464 0.32971  -0.42722 6  DA C N9    
543 C C8    . DA C 6  ? 2.46907 4.27282 3.68842 -0.75498 0.36633  -0.37037 6  DA C C8    
544 N N7    . DA C 6  ? 2.10446 3.78248 3.10735 -0.68381 0.33865  -0.33181 6  DA C N7    
545 C C5    . DA C 6  ? 2.57290 4.14833 3.35068 -0.72048 0.27689  -0.36882 6  DA C C5    
546 C C6    . DA C 6  ? 2.58620 4.00407 3.07616 -0.67854 0.22327  -0.35943 6  DA C C6    
547 N N6    . DA C 6  ? 2.28786 3.62508 2.65607 -0.58344 0.22650  -0.30823 6  DA C N6    
548 N N1    . DA C 6  ? 2.91092 4.25805 3.24382 -0.73583 0.16785  -0.40338 6  DA C N1    
549 C C2    . DA C 6  ? 2.95186 4.38589 3.40395 -0.82765 0.16884  -0.44915 6  DA C C2    
550 N N3    . DA C 6  ? 2.90847 4.49356 3.61897 -0.87216 0.21846  -0.46434 6  DA C N3    
551 C C4    . DA C 6  ? 2.84413 4.49119 3.70987 -0.81478 0.27022  -0.42438 6  DA C C4    
552 P P     . DC C 7  ? 2.86814 4.91818 4.59457 -0.95969 0.44773  -0.57875 7  DC C P     
553 O OP1   . DC C 7  ? 1.95832 4.00563 3.68398 -0.99902 0.41334  -0.57489 7  DC C OP1   
554 O OP2   . DC C 7  ? 2.11979 4.17863 3.99624 -0.88346 0.49675  -0.54715 7  DC C OP2   
555 O "O5'" . DC C 7  ? 2.70451 4.71912 4.29622 -0.96388 0.46147  -0.63900 7  DC C "O5'" 
556 C "C5'" . DC C 7  ? 2.35819 4.37600 3.90659 -0.94216 0.48742  -0.64946 7  DC C "C5'" 
557 C "C4'" . DC C 7  ? 2.67935 4.68742 4.03811 -1.00906 0.45065  -0.68399 7  DC C "C4'" 
558 O "O4'" . DC C 7  ? 2.57089 4.50158 3.79885 -0.97463 0.41450  -0.63154 7  DC C "O4'" 
559 C "C3'" . DC C 7  ? 2.78633 4.76738 4.06545 -0.99150 0.47854  -0.73293 7  DC C "C3'" 
560 O "O3'" . DC C 7  ? 2.96622 4.91965 4.08681 -1.05900 0.43295  -0.76519 7  DC C "O3'" 
561 C "C2'" . DC C 7  ? 2.41693 4.34364 3.61273 -0.93092 0.48943  -0.70240 7  DC C "C2'" 
562 C "C1'" . DC C 7  ? 2.52382 4.35621 3.58166 -0.92355 0.41664  -0.63700 7  DC C "C1'" 
563 N N1    . DC C 7  ? 2.39992 4.16447 3.41472 -0.83099 0.42557  -0.57422 7  DC C N1    
564 C C2    . DC C 7  ? 2.68868 4.29942 3.43936 -0.78231 0.37442  -0.54267 7  DC C C2    
565 O O2    . DC C 7  ? 2.90367 4.43268 3.46784 -0.81896 0.32002  -0.56753 7  DC C O2    
566 N N3    . DC C 7  ? 2.72243 4.27848 3.42977 -0.69367 0.38738  -0.48416 7  DC C N3    
567 C C4    . DC C 7  ? 2.50560 4.15483 3.42691 -0.65672 0.44752  -0.45224 7  DC C C4    
568 N N4    . DC C 7  ? 2.56295 4.15898 3.43125 -0.56709 0.46139  -0.38791 7  DC C N4    
569 C C5    . DC C 7  ? 2.29367 4.09519 3.49393 -0.70766 0.49750  -0.48376 7  DC C C5    
570 C C6    . DC C 7  ? 2.10563 3.95917 3.33923 -0.79231 0.48486  -0.54684 7  DC C C6    
571 P P     . DT C 8  ? 3.13194 5.06021 4.18501 -1.04811 0.45324  -0.81794 8  DT C P     
572 O OP1   . DT C 8  ? 1.98610 3.90504 3.03253 -1.06949 0.43587  -0.82751 8  DT C OP1   
573 O OP2   . DT C 8  ? 2.40250 4.33472 3.55661 -0.97033 0.51178  -0.82809 8  DT C OP2   
574 O "O5'" . DT C 8  ? 3.15441 5.02039 3.98575 -1.08762 0.40665  -0.82540 8  DT C "O5'" 
575 C "C5'" . DT C 8  ? 2.38868 4.11751 3.05696 -1.03917 0.35381  -0.76276 8  DT C "C5'" 
576 C "C4'" . DT C 8  ? 2.51616 4.12086 2.98462 -0.98206 0.34136  -0.75837 8  DT C "C4'" 
577 O "O4'" . DT C 8  ? 2.54101 4.08019 2.98245 -0.89314 0.35328  -0.70823 8  DT C "O4'" 
578 C "C3'" . DT C 8  ? 2.84105 4.50409 3.36778 -0.97128 0.39959  -0.81207 8  DT C "C3'" 
579 O "O3'" . DT C 8  ? 2.74143 4.28415 3.04045 -0.95630 0.36062  -0.81327 8  DT C "O3'" 
580 C "C2'" . DT C 8  ? 2.29689 3.99559 2.96700 -0.89160 0.46534  -0.79422 8  DT C "C2'" 
581 C "C1'" . DT C 8  ? 2.42770 3.99323 2.93330 -0.83463 0.41961  -0.72514 8  DT C "C1'" 
582 N N1    . DT C 8  ? 2.46031 4.05478 3.09744 -0.76294 0.46740  -0.68026 8  DT C N1    
583 C C2    . DT C 8  ? 3.01778 4.49665 3.50262 -0.68120 0.45307  -0.62519 8  DT C C2    
584 O O2    . DT C 8  ? 3.19621 4.54493 3.44226 -0.66346 0.40154  -0.61641 8  DT C O2    
585 N N3    . DT C 8  ? 3.09479 4.61592 3.71771 -0.61804 0.50259  -0.57920 8  DT C N3    
586 C C4    . DT C 8  ? 2.73447 4.39433 3.63473 -0.62972 0.56153  -0.58328 8  DT C C4    
587 O O4    . DT C 8  ? 2.53906 4.22595 3.55155 -0.56864 0.60327  -0.53322 8  DT C O4    
588 C C5    . DT C 8  ? 2.17008 3.94125 3.21908 -0.71619 0.57196  -0.64893 8  DT C C5    
589 C C7    . DT C 8  ? 1.91647 3.83737 3.26890 -0.73322 0.63382  -0.66488 8  DT C C7    
590 C C6    . DT C 8  ? 1.97583 3.71188 2.88387 -0.77694 0.52631  -0.69324 8  DT C C6    
591 P P     . DG C 9  ? 2.81646 4.39862 3.10940 -0.96774 0.39122  -0.86978 9  DG C P     
592 O OP1   . DG C 9  ? 3.19548 4.78202 3.40089 -1.05135 0.34587  -0.89357 9  DG C OP1   
593 O OP2   . DG C 9  ? 2.47190 4.19017 3.00515 -0.94807 0.47265  -0.90681 9  DG C OP2   
594 O "O5'" . DG C 9  ? 2.60906 4.04471 2.69815 -0.89288 0.37177  -0.84251 9  DG C "O5'" 
595 C "C5'" . DG C 9  ? 2.18249 3.46061 2.04348 -0.87607 0.29933  -0.79741 9  DG C "C5'" 
596 C "C4'" . DG C 9  ? 2.47433 3.64828 2.22961 -0.77487 0.31127  -0.76152 9  DG C "C4'" 
597 O "O4'" . DG C 9  ? 2.46490 3.69146 2.36945 -0.72209 0.35881  -0.72935 9  DG C "O4'" 
598 C "C3'" . DG C 9  ? 2.77047 3.95158 2.52308 -0.73290 0.35526  -0.78657 9  DG C "C3'" 
599 O "O3'" . DG C 9  ? 2.93311 3.96497 2.47891 -0.65926 0.32981  -0.75224 9  DG C "O3'" 
600 C "C2'" . DG C 9  ? 2.42136 3.72997 2.42367 -0.69585 0.43917  -0.79108 9  DG C "C2'" 
601 C "C1'" . DG C 9  ? 2.55477 3.83154 2.56901 -0.65993 0.43150  -0.73543 9  DG C "C1'" 
602 N N9    . DG C 9  ? 2.52335 3.93322 2.79999 -0.65543 0.49377  -0.73271 9  DG C N9    
603 C C8    . DG C 9  ? 2.28137 3.83200 2.76685 -0.72195 0.52211  -0.77739 9  DG C C8    
604 N N7    . DG C 9  ? 2.17249 3.81361 2.87315 -0.69784 0.57562  -0.76229 9  DG C N7    
605 C C5    . DG C 9  ? 2.52012 4.07924 3.14852 -0.61025 0.58444  -0.69854 9  DG C C5    
606 C C6    . DG C 9  ? 2.67268 4.27399 3.45507 -0.54814 0.63593  -0.64909 9  DG C C6    
607 O O6    . DG C 9  ? 2.85791 4.57701 3.88582 -0.56042 0.68315  -0.65397 9  DG C O6    
608 N N1    . DG C 9  ? 2.37248 3.86272 2.99619 -0.46184 0.63021  -0.58704 9  DG C N1    
609 C C2    . DG C 9  ? 2.42546 3.77708 2.77768 -0.43771 0.57994  -0.58001 9  DG C C2    
610 N N2    . DG C 9  ? 2.93297 4.19238 3.15810 -0.34654 0.58498  -0.52008 9  DG C N2    
611 N N3    . DG C 9  ? 2.59316 3.89941 2.80752 -0.49659 0.52930  -0.62700 9  DG C N3    
612 C C4    . DG C 9  ? 2.56495 3.98185 2.92860 -0.58171 0.53512  -0.68190 9  DG C C4    
613 P P     . DT C 10 ? 3.43585 4.41488 2.86932 -0.63208 0.33396  -0.77299 10 DT C P     
614 O OP1   . DT C 10 ? 2.74004 3.54664 1.90462 -0.62146 0.25747  -0.75115 10 DT C OP1   
615 O OP2   . DT C 10 ? 2.19179 3.30118 1.76612 -0.69635 0.36264  -0.82933 10 DT C OP2   
616 O "O5'" . DT C 10 ? 2.93648 3.92169 2.43819 -0.52912 0.40153  -0.74566 10 DT C "O5'" 
617 C "C5'" . DT C 10 ? 2.45221 3.37554 1.91312 -0.45754 0.40734  -0.69064 10 DT C "C5'" 
618 C "C4'" . DT C 10 ? 2.89387 3.90037 2.53771 -0.38629 0.49323  -0.66986 10 DT C "C4'" 
619 O "O4'" . DT C 10 ? 2.85218 3.99093 2.73475 -0.41783 0.53180  -0.67237 10 DT C "O4'" 
620 C "C3'" . DT C 10 ? 2.41246 3.48222 2.14900 -0.37465 0.54083  -0.70359 10 DT C "C3'" 
621 O "O3'" . DT C 10 ? 2.53489 3.55027 2.22762 -0.27347 0.57955  -0.66053 10 DT C "O3'" 
622 C "C2'" . DT C 10 ? 2.00396 3.24632 2.03629 -0.41497 0.59774  -0.73510 10 DT C "C2'" 
623 C "C1'" . DT C 10 ? 2.49135 3.74108 2.58700 -0.39286 0.60714  -0.68689 10 DT C "C1'" 
624 N N1    . DT C 10 ? 2.34047 3.73789 2.69912 -0.44410 0.64332  -0.71073 10 DT C N1    
625 C C2    . DT C 10 ? 2.40731 3.85428 2.92375 -0.39596 0.69187  -0.66460 10 DT C C2    
626 O O2    . DT C 10 ? 3.05222 4.43339 3.50053 -0.31339 0.70850  -0.60302 10 DT C O2    
627 N N3    . DT C 10 ? 2.07263 3.65105 2.83136 -0.44541 0.72231  -0.69141 10 DT C N3    
628 C C4    . DT C 10 ? 1.90155 3.56703 2.75202 -0.53383 0.71139  -0.76102 10 DT C C4    
629 O O4    . DT C 10 ? 1.61963 3.40050 2.69108 -0.56861 0.74308  -0.78348 10 DT C O4    
630 C C5    . DT C 10 ? 2.07025 3.68317 2.74019 -0.57961 0.66222  -0.80405 10 DT C C5    
631 C C7    . DT C 10 ? 1.93491 3.64019 2.67746 -0.67175 0.65057  -0.87576 10 DT C C7    
632 C C6    . DT C 10 ? 2.23267 3.71429 2.67100 -0.53436 0.62970  -0.77584 10 DT C C6    
633 P P     . DG C 11 ? 3.29602 4.14505 2.70610 -0.21807 0.53728  -0.64077 11 DG C P     
634 O OP1   . DG C 11 ? 2.83296 3.64054 2.22378 -0.10630 0.58588  -0.58158 11 DG C OP1   
635 O OP2   . DG C 11 ? 3.70851 4.44793 2.91227 -0.26627 0.45130  -0.64722 11 DG C OP2   
636 O "O5'" . DG C 11 ? 2.34520 3.22799 1.77287 -0.24584 0.54209  -0.68861 11 DG C "O5'" 
637 C "C5'" . DG C 11 ? 2.59033 3.35223 1.81360 -0.20239 0.51470  -0.68084 11 DG C "C5'" 
638 C "C4'" . DG C 11 ? 2.70991 3.54285 2.03710 -0.19111 0.55502  -0.70611 11 DG C "C4'" 
639 O "O4'" . DG C 11 ? 2.46598 3.39849 1.89197 -0.28846 0.53850  -0.76733 11 DG C "O4'" 
640 C "C3'" . DG C 11 ? 2.97334 3.68606 2.10225 -0.13860 0.53222  -0.69474 11 DG C "C3'" 
641 O "O3'" . DG C 11 ? 2.52302 3.22705 1.68998 -0.03438 0.59282  -0.64942 11 DG C "O3'" 
642 C "C2'" . DG C 11 ? 3.05463 3.83912 2.24089 -0.20237 0.52096  -0.74875 11 DG C "C2'" 
643 C "C1'" . DG C 11 ? 2.92958 3.80745 2.21869 -0.30478 0.50076  -0.79017 11 DG C "C1'" 
644 N N9    . DG C 11 ? 3.26473 4.05206 2.36867 -0.36641 0.42446  -0.79801 11 DG C N9    
645 C C8    . DG C 11 ? 3.16250 3.93512 2.24700 -0.40992 0.39323  -0.79067 11 DG C C8    
646 N N7    . DG C 11 ? 3.42983 4.11738 2.34731 -0.46381 0.32247  -0.79762 11 DG C N7    
647 C C5    . DG C 11 ? 3.57607 4.21772 2.39232 -0.45521 0.30660  -0.80977 11 DG C C5    
648 C C6    . DG C 11 ? 3.81948 4.36636 2.45357 -0.49778 0.23878  -0.81664 11 DG C C6    
649 O O6    . DG C 11 ? 3.99638 4.47943 2.52416 -0.55487 0.17729  -0.81351 11 DG C O6    
650 N N1    . DG C 11 ? 3.93484 4.46491 2.52203 -0.46885 0.24541  -0.82442 11 DG C N1    
651 C C2    . DG C 11 ? 3.55370 4.15247 2.25943 -0.40760 0.30814  -0.82649 11 DG C C2    
652 N N2    . DG C 11 ? 3.47600 4.04834 2.11699 -0.38762 0.30127  -0.83236 11 DG C N2    
653 N N3    . DG C 11 ? 3.23061 3.91895 2.11452 -0.36893 0.37204  -0.81976 11 DG C N3    
654 C C4    . DG C 11 ? 3.44227 4.14616 2.37021 -0.39540 0.36808  -0.81124 11 DG C C4    
655 P P     . DG C 12 ? 3.38528 3.93051 2.32873 0.06633  0.58395  -0.59191 12 DG C P     
656 O OP1   . DG C 12 ? 3.40919 4.00649 2.48150 0.16019  0.66661  -0.54307 12 DG C OP1   
657 O OP2   . DG C 12 ? 3.15677 3.62301 1.96768 0.03843  0.52835  -0.58491 12 DG C OP2   
658 O "O5'" . DG C 12 ? 3.63432 4.06233 2.37196 0.08111  0.53929  -0.60602 12 DG C "O5'" 
659 C "C5'" . DG C 12 ? 3.36240 3.83235 2.17184 0.12013  0.57970  -0.60696 12 DG C "C5'" 
660 C "C4'" . DG C 12 ? 3.16691 3.61735 1.89955 0.05579  0.52649  -0.65270 12 DG C "C4'" 
661 O "O4'" . DG C 12 ? 3.08168 3.58856 1.85714 -0.05495 0.48411  -0.69641 12 DG C "O4'" 
662 C "C3'" . DG C 12 ? 3.83908 4.11127 2.29419 0.08717  0.46693  -0.64262 12 DG C "C3'" 
663 O "O3'" . DG C 12 ? 3.73115 3.97376 2.16095 0.17014  0.50063  -0.62040 12 DG C "O3'" 
664 C "C2'" . DG C 12 ? 3.69355 3.96640 2.09681 -0.01820 0.40001  -0.68947 12 DG C "C2'" 
665 C "C1'" . DG C 12 ? 3.53339 3.94786 2.12576 -0.10414 0.41145  -0.71863 12 DG C "C1'" 
666 N N9    . DG C 12 ? 4.07550 4.43298 2.57128 -0.16389 0.35435  -0.72346 12 DG C N9    
667 C C8    . DG C 12 ? 3.90167 4.30773 2.48761 -0.18200 0.36715  -0.71531 12 DG C C8    
668 N N7    . DG C 12 ? 3.81710 4.15856 2.29320 -0.23982 0.30332  -0.72098 12 DG C N7    
669 C C5    . DG C 12 ? 4.24005 4.48093 2.54283 -0.26286 0.24467  -0.73301 12 DG C C5    
670 C C6    . DG C 12 ? 4.46036 4.59806 2.59968 -0.32395 0.16184  -0.73957 12 DG C C6    
671 O O6    . DG C 12 ? 4.54453 4.66265 2.66139 -0.37263 0.12170  -0.73766 12 DG C O6    
672 N N1    . DG C 12 ? 4.52003 4.57377 2.52218 -0.32661 0.12368  -0.74602 12 DG C N1    
673 C C2    . DG C 12 ? 4.10311 4.17281 2.12105 -0.27535 0.16001  -0.74666 12 DG C C2    
674 N N2    . DG C 12 ? 3.61216 3.58717 1.51490 -0.27514 0.10892  -0.73823 12 DG C N2    
675 N N3    . DG C 12 ? 4.04564 4.21399 2.21781 -0.21813 0.23622  -0.74137 12 DG C N3    
676 C C4    . DG C 12 ? 4.20428 4.45296 2.51374 -0.21561 0.27534  -0.73442 12 DG C C4    
677 P P     . DT C 13 ? 4.08883 4.15451 2.28035 0.27696  0.49053  -0.57925 13 DT C P     
678 O OP1   . DT C 13 ? 3.39179 3.49085 1.65699 0.36459  0.55504  -0.55005 13 DT C OP1   
679 O OP2   . DT C 13 ? 3.67645 3.68402 1.79322 0.30508  0.48635  -0.55435 13 DT C OP2   
680 O "O5'" . DT C 13 ? 4.61817 4.54976 2.58991 0.23036  0.40108  -0.60758 13 DT C "O5'" 
681 C "C5'" . DT C 13 ? 3.90171 3.89498 1.92896 0.15331  0.37457  -0.64387 13 DT C "C5'" 
682 C "C4'" . DT C 13 ? 4.24331 4.10468 2.06233 0.09888  0.28454  -0.66245 13 DT C "C4'" 
683 O "O4'" . DT C 13 ? 4.32959 4.20166 2.14711 0.01190  0.24126  -0.68125 13 DT C "O4'" 
684 C "C3'" . DT C 13 ? 4.94317 4.60487 2.51340 0.17927  0.24888  -0.63850 13 DT C "C3'" 
685 O "O3'" . DT C 13 ? 5.08290 4.66726 2.54693 0.14643  0.18812  -0.64771 13 DT C "O3'" 
686 C "C2'" . DT C 13 ? 4.74918 4.33780 2.22505 0.15366  0.20561  -0.63896 13 DT C "C2'" 
687 C "C1'" . DT C 13 ? 4.77040 4.46491 2.35952 0.02578  0.17480  -0.67181 13 DT C "C1'" 
688 N N1    . DT C 13 ? 4.54314 4.25009 2.15126 -0.02261 0.15246  -0.67492 13 DT C N1    
689 C C2    . DT C 13 ? 4.48687 4.11132 1.99852 -0.07873 0.06479  -0.67862 13 DT C C2    
690 O O2    . DT C 13 ? 4.38551 3.95018 1.84463 -0.08582 0.00511  -0.67184 13 DT C O2    
691 N N3    . DT C 13 ? 4.57032 4.21239 2.10535 -0.12248 0.05044  -0.68142 13 DT C N3    
692 C C4    . DT C 13 ? 4.74219 4.49042 2.41371 -0.11144 0.11248  -0.67574 13 DT C C4    
693 O O4    . DT C 13 ? 5.16382 4.92949 2.86371 -0.15106 0.09126  -0.67433 13 DT C O4    
694 C C5    . DT C 13 ? 4.46748 4.31548 2.28179 -0.04362 0.20055  -0.66282 13 DT C C5    
695 C C7    . DT C 13 ? 4.64460 4.61886 2.65063 -0.01915 0.27090  -0.64548 13 DT C C7    
696 C C6    . DT C 13 ? 4.31426 4.13812 2.09192 -0.00394 0.21546  -0.66347 13 DT C C6    
697 P P     . DC C 14 ? 5.27228 4.70743 2.60817 0.21763  0.15503  -0.61248 14 DC C P     
698 O OP1   . DC C 14 ? 4.69723 4.14943 2.04814 0.25217  0.18008  -0.60994 14 DC C OP1   
699 O OP2   . DC C 14 ? 3.89081 3.26126 1.17818 0.30304  0.18220  -0.58357 14 DC C OP2   
700 O "O5'" . DC C 14 ? 4.96376 4.32395 2.22675 0.13800  0.05586  -0.61792 14 DC C "O5'" 
701 C "C5'" . DC C 14 ? 4.57619 3.96144 1.86047 0.06737  0.01515  -0.63111 14 DC C "C5'" 
702 C "C4'" . DC C 14 ? 4.40946 3.66020 1.58455 0.09216  -0.03826 -0.61246 14 DC C "C4'" 
703 O "O4'" . DC C 14 ? 4.58811 3.87307 1.79312 0.04149  -0.06143 -0.62244 14 DC C "O4'" 
704 C "C3'" . DC C 14 ? 4.69678 3.85816 1.79472 0.20520  0.00036  -0.58629 14 DC C "C3'" 
705 O "O3'" . DC C 14 ? 5.03518 4.05448 2.01844 0.24395  -0.04629 -0.57262 14 DC C "O3'" 
706 C "C2'" . DC C 14 ? 4.38615 3.54805 1.47712 0.21219  0.00252  -0.58264 14 DC C "C2'" 
707 C "C1'" . DC C 14 ? 4.81792 4.01554 1.94337 0.10350  -0.06210 -0.60452 14 DC C "C1'" 
708 N N1    . DC C 14 ? 4.99828 4.27059 2.17970 0.07720  -0.04264 -0.61262 14 DC C N1    
709 C C2    . DC C 14 ? 5.04825 4.30214 2.21903 0.01510  -0.10761 -0.61971 14 DC C C2    
710 O O2    . DC C 14 ? 4.77511 3.95259 1.89689 -0.01730 -0.17857 -0.61900 14 DC C O2    
711 N N3    . DC C 14 ? 5.14238 4.45894 2.35906 -0.00636 -0.08863 -0.62568 14 DC C N3    
712 C C4    . DC C 14 ? 5.10159 4.49210 2.37048 0.03304  -0.00521 -0.62493 14 DC C C4    
713 N N4    . DC C 14 ? 5.09741 4.53862 2.40401 0.00852  0.01462  -0.63003 14 DC C N4    
714 C C5    . DC C 14 ? 4.82095 4.23403 2.11082 0.10201  0.06511  -0.61660 14 DC C C5    
715 C C6    . DC C 14 ? 4.64524 3.99872 1.88997 0.11974  0.04123  -0.61074 14 DC C C6    
716 O OP3   . DA D 1  ? 1.52878 4.40449 3.52143 -0.31036 -0.15236 -0.18328 1  DA D OP3   
717 P P     . DA D 1  ? 2.86938 5.70439 4.75114 -0.30946 -0.14272 -0.24305 1  DA D P     
718 O OP1   . DA D 1  ? 2.08870 4.95755 3.78288 -0.31994 -0.13376 -0.27401 1  DA D OP1   
719 O OP2   . DA D 1  ? 2.51345 5.35754 4.52019 -0.30167 -0.14788 -0.21561 1  DA D OP2   
720 O "O5'" . DA D 1  ? 2.66276 5.40502 4.50211 -0.30411 -0.13691 -0.30450 1  DA D "O5'" 
721 C "C5'" . DA D 1  ? 1.78489 4.49352 3.44829 -0.30817 -0.12521 -0.37217 1  DA D "C5'" 
722 C "C4'" . DA D 1  ? 1.80653 4.52651 3.49058 -0.31000 -0.13006 -0.34946 1  DA D "C4'" 
723 O "O4'" . DA D 1  ? 1.76244 4.41391 3.33794 -0.30674 -0.12150 -0.42193 1  DA D "O4'" 
724 C "C3'" . DA D 1  ? 1.26867 4.06949 2.88039 -0.31773 -0.12787 -0.31908 1  DA D "C3'" 
725 O "O3'" . DA D 1  ? 1.34246 4.20347 3.10961 -0.31908 -0.13919 -0.23709 1  DA D "O3'" 
726 C "C2'" . DA D 1  ? 1.32988 4.10528 2.80406 -0.31724 -0.11816 -0.37205 1  DA D "C2'" 
727 C "C1'" . DA D 1  ? 1.45663 4.14347 2.98673 -0.31014 -0.12060 -0.40999 1  DA D "C1'" 
728 N N9    . DA D 1  ? 1.58052 4.20867 2.96109 -0.30553 -0.10797 -0.49415 1  DA D N9    
729 C C8    . DA D 1  ? 1.46982 4.06299 2.67963 -0.30323 -0.09070 -0.57353 1  DA D C8    
730 N N7    . DA D 1  ? 1.42540 3.96414 2.53379 -0.29561 -0.07920 -0.64286 1  DA D N7    
731 C C5    . DA D 1  ? 1.73549 4.27520 2.95670 -0.29451 -0.09284 -0.60453 1  DA D C5    
732 C C6    . DA D 1  ? 1.79273 4.29094 2.99111 -0.28760 -0.09143 -0.64170 1  DA D C6    
733 N N6    . DA D 1  ? 1.59470 4.03669 2.64137 -0.27651 -0.07202 -0.73320 1  DA D N6    
734 N N1    . DA D 1  ? 1.59867 4.11786 2.94293 -0.29168 -0.10895 -0.57965 1  DA D N1    
735 C C2    . DA D 1  ? 1.19086 3.76454 2.69320 -0.30022 -0.12373 -0.48944 1  DA D C2    
736 N N3    . DA D 1  ? 1.00637 3.61957 2.54533 -0.30415 -0.12477 -0.45076 1  DA D N3    
737 C C4    . DA D 1  ? 1.40825 4.00304 2.79885 -0.30156 -0.11002 -0.51161 1  DA D C4    
738 P P     . DC D 2  ? 2.05311 4.89004 4.00322 -0.31613 -0.15094 -0.19779 2  DC D P     
739 O OP1   . DC D 2  ? 1.40670 4.17908 3.46897 -0.30938 -0.15956 -0.20191 2  DC D OP1   
740 O OP2   . DC D 2  ? 2.19473 5.11102 4.24530 -0.31986 -0.15599 -0.12946 2  DC D OP2   
741 O "O5'" . DC D 2  ? 1.30208 4.11064 3.15859 -0.31723 -0.14515 -0.23657 2  DC D "O5'" 
742 C "C5'" . DC D 2  ? 1.60434 4.41755 3.58130 -0.31934 -0.15370 -0.19910 2  DC D "C5'" 
743 C "C4'" . DC D 2  ? 1.22617 4.11254 3.13354 -0.32349 -0.14499 -0.18007 2  DC D "C4'" 
744 O "O4'" . DC D 2  ? 1.16255 4.01759 2.92700 -0.32065 -0.13610 -0.23943 2  DC D "O4'" 
745 C "C3'" . DC D 2  ? 1.15969 4.12179 2.96209 -0.32573 -0.13660 -0.16377 2  DC D "C3'" 
746 O "O3'" . DC D 2  ? 1.24091 4.28994 3.09045 -0.32997 -0.13526 -0.10146 2  DC D "O3'" 
747 C "C2'" . DC D 2  ? 1.22925 4.17513 2.81569 -0.32341 -0.12390 -0.23219 2  DC D "C2'" 
748 C "C1'" . DC D 2  ? 1.47326 4.38104 3.06512 -0.32019 -0.12280 -0.25811 2  DC D "C1'" 
749 N N1    . DC D 2  ? 1.53986 4.38779 2.96053 -0.31415 -0.11236 -0.34716 2  DC D N1    
750 C C2    . DC D 2  ? 1.32196 4.12852 2.72749 -0.30927 -0.11106 -0.38374 2  DC D C2    
751 O O2    . DC D 2  ? 1.04367 3.86696 2.58263 -0.31215 -0.12002 -0.33659 2  DC D O2    
752 N N3    . DC D 2  ? 1.26113 4.01082 2.50737 -0.30140 -0.09915 -0.47211 2  DC D N3    
753 C C4    . DC D 2  ? 1.56457 4.29808 2.67542 -0.29990 -0.08764 -0.52142 2  DC D C4    
754 N N4    . DC D 2  ? 1.89134 4.56630 2.85206 -0.29058 -0.07138 -0.61147 2  DC D N4    
755 C C5    . DC D 2  ? 1.52872 4.30694 2.65623 -0.30746 -0.09058 -0.48074 2  DC D C5    
756 C C6    . DC D 2  ? 1.27455 4.10855 2.55624 -0.31354 -0.10352 -0.39508 2  DC D C6    
757 P P     . DA D 3  ? 1.09638 4.16373 3.15709 -0.33371 -0.14396 -0.04466 3  DA D P     
758 O OP1   . DA D 3  ? 1.07864 4.08741 3.29990 -0.33136 -0.15785 -0.04333 3  DA D OP1   
759 O OP2   . DA D 3  ? 1.57396 4.74266 3.63005 -0.33833 -0.13850 0.01399  3  DA D OP2   
760 O "O5'" . DA D 3  ? 1.32425 4.36875 3.38029 -0.33439 -0.14144 -0.06306 3  DA D "O5'" 
761 C "C5'" . DA D 3  ? 1.92691 5.03229 4.06832 -0.34040 -0.13894 -0.01619 3  DA D "C5'" 
762 C "C4'" . DA D 3  ? 1.36742 4.50887 3.37387 -0.33804 -0.12591 -0.03045 3  DA D "C4'" 
763 O "O4'" . DA D 3  ? 1.10386 4.19946 2.93104 -0.33005 -0.12088 -0.09807 3  DA D "O4'" 
764 C "C3'" . DA D 3  ? 1.15121 4.40420 3.08638 -0.33942 -0.11310 0.02033  3  DA D "C3'" 
765 O "O3'" . DA D 3  ? 1.16565 4.46538 3.12977 -0.34156 -0.10546 0.04396  3  DA D "O3'" 
766 C "C2'" . DA D 3  ? 1.15093 4.41094 2.87185 -0.33140 -0.10526 -0.02160 3  DA D "C2'" 
767 C "C1'" . DA D 3  ? 1.12303 4.28915 2.79084 -0.32601 -0.10734 -0.09834 3  DA D "C1'" 
768 N N9    . DA D 3  ? 1.38217 4.51591 2.87318 -0.32052 -0.10301 -0.16034 3  DA D N9    
769 C C8    . DA D 3  ? 1.70231 4.85224 3.13219 -0.32263 -0.10383 -0.15693 3  DA D C8    
770 N N7    . DA D 3  ? 1.55335 4.66668 2.82069 -0.31889 -0.09805 -0.22412 3  DA D N7    
771 C C5    . DA D 3  ? 1.65718 4.72546 2.87134 -0.31206 -0.09243 -0.27789 3  DA D C5    
772 C C6    . DA D 3  ? 1.76899 4.78314 2.82165 -0.30445 -0.08252 -0.36483 3  DA D C6    
773 N N6    . DA D 3  ? 1.74675 4.74280 2.65964 -0.30425 -0.07477 -0.41285 3  DA D N6    
774 N N1    . DA D 3  ? 1.62292 4.60282 2.66609 -0.29709 -0.07930 -0.40196 3  DA D N1    
775 C C2    . DA D 3  ? 1.12100 4.12209 2.31150 -0.29958 -0.08689 -0.35115 3  DA D C2    
776 N N3    . DA D 3  ? 1.09524 4.14648 2.44709 -0.30809 -0.09492 -0.26852 3  DA D N3    
777 C C4    . DA D 3  ? 1.24582 4.32749 2.59811 -0.31307 -0.09671 -0.23733 3  DA D C4    
778 P P     . DC D 4  ? 1.19561 4.57165 3.30958 -0.35304 -0.10328 0.12013  4  DC D P     
779 O OP1   . DC D 4  ? 1.19525 4.56610 3.38795 -0.35750 -0.10207 0.11661  4  DC D OP1   
780 O OP2   . DC D 4  ? 1.19444 4.55026 3.43632 -0.35939 -0.11530 0.14012  4  DC D OP2   
781 O "O5'" . DC D 4  ? 2.37723 5.86608 4.36443 -0.34972 -0.08815 0.17104  4  DC D "O5'" 
782 C "C5'" . DC D 4  ? 1.65073 5.16161 3.52175 -0.34466 -0.08867 0.17435  4  DC D "C5'" 
783 C "C4'" . DC D 4  ? 1.27859 4.87606 3.20621 -0.35242 -0.08870 0.25377  4  DC D "C4'" 
784 O "O4'" . DC D 4  ? 1.25926 4.80908 3.25557 -0.35481 -0.10218 0.24798  4  DC D "O4'" 
785 C "C3'" . DC D 4  ? 1.29896 4.94870 3.37167 -0.36441 -0.08523 0.31376  4  DC D "C3'" 
786 O "O3'" . DC D 4  ? 1.34798 5.12574 3.37205 -0.36792 -0.07638 0.39558  4  DC D "O3'" 
787 C "C2'" . DC D 4  ? 1.40021 4.98786 3.63694 -0.37249 -0.10059 0.30958  4  DC D "C2'" 
788 C "C1'" . DC D 4  ? 1.34432 4.91566 3.50748 -0.36551 -0.10796 0.29616  4  DC D "C1'" 
789 N N1    . DC D 4  ? 1.41574 4.89598 3.68704 -0.36430 -0.12312 0.25494  4  DC D N1    
790 C C2    . DC D 4  ? 1.31142 4.81845 3.69797 -0.37017 -0.13285 0.29519  4  DC D C2    
791 O O2    . DC D 4  ? 1.59620 5.20138 3.99423 -0.37892 -0.12979 0.37103  4  DC D O2    
792 N N3    . DC D 4  ? 1.23828 4.67015 3.71825 -0.36556 -0.14589 0.25389  4  DC D N3    
793 C C4    . DC D 4  ? 1.20027 4.54295 3.65964 -0.35787 -0.14920 0.18615  4  DC D C4    
794 N N4    . DC D 4  ? 1.29623 4.57638 3.85056 -0.35219 -0.16146 0.15244  4  DC D N4    
795 C C5    . DC D 4  ? 1.27251 4.58988 3.60658 -0.35460 -0.14024 0.15157  4  DC D C5    
796 C C6    . DC D 4  ? 1.25126 4.64012 3.49432 -0.35739 -0.12760 0.18404  4  DC D C6    
797 P P     . DC D 5  ? 1.38472 5.25863 3.40914 -0.37131 -0.06003 0.44954  5  DC D P     
798 O OP1   . DC D 5  ? 1.40956 5.37797 3.25475 -0.35866 -0.04896 0.47093  5  DC D OP1   
799 O OP2   . DC D 5  ? 1.39398 5.19533 3.49378 -0.37279 -0.05918 0.39794  5  DC D OP2   
800 O "O5'" . DC D 5  ? 1.67903 5.62291 3.83715 -0.38890 -0.06221 0.54163  5  DC D "O5'" 
801 C "C5'" . DC D 5  ? 1.76912 5.65819 4.04838 -0.39811 -0.07871 0.54080  5  DC D "C5'" 
802 C "C4'" . DC D 5  ? 1.49360 5.38975 3.93993 -0.41733 -0.08243 0.57902  5  DC D "C4'" 
803 O "O4'" . DC D 5  ? 2.29791 6.09989 4.85973 -0.42111 -0.10097 0.53178  5  DC D "O4'" 
804 C "C3'" . DC D 5  ? 1.43552 5.32238 3.91941 -0.42217 -0.07317 0.55781  5  DC D "C3'" 
805 O "O3'" . DC D 5  ? 1.51492 5.46594 4.11447 -0.44386 -0.07235 0.63307  5  DC D "O3'" 
806 C "C2'" . DC D 5  ? 1.38039 5.13366 3.93084 -0.41843 -0.08717 0.46034  5  DC D "C2'" 
807 C "C1'" . DC D 5  ? 1.83480 5.56467 4.48015 -0.42571 -0.10435 0.47382  5  DC D "C1'" 
808 N N1    . DC D 5  ? 2.07855 5.68721 4.75648 -0.41497 -0.11902 0.38309  5  DC D N1    
809 C C2    . DC D 5  ? 2.17857 5.76419 4.94080 -0.41727 -0.13501 0.38367  5  DC D C2    
810 O O2    . DC D 5  ? 2.73632 6.39756 5.54178 -0.42875 -0.13860 0.46178  5  DC D O2    
811 N N3    . DC D 5  ? 1.66939 5.15282 4.46173 -0.40562 -0.14665 0.30312  5  DC D N3    
812 C C4    . DC D 5  ? 1.32344 4.72285 4.06662 -0.39392 -0.14434 0.23252  5  DC D C4    
813 N N4    . DC D 5  ? 1.20245 4.50900 3.97782 -0.38357 -0.15669 0.16820  5  DC D N4    
814 C C5    . DC D 5  ? 1.25164 4.67457 3.90358 -0.39299 -0.13041 0.23632  5  DC D C5    
815 C C6    . DC D 5  ? 1.51527 5.04057 4.14025 -0.40215 -0.11731 0.30597  5  DC D C6    
816 P P     . DG D 6  ? 1.53745 5.62123 4.09414 -0.44936 -0.05200 0.72409  6  DG D P     
817 O OP1   . DG D 6  ? 1.55390 5.71145 3.96299 -0.43318 -0.04319 0.75952  6  DG D OP1   
818 O OP2   . DG D 6  ? 1.57915 5.65220 4.14938 -0.44957 -0.04178 0.68783  6  DG D OP2   
819 O "O5'" . DG D 6  ? 1.59104 5.72897 4.28598 -0.47667 -0.05989 0.81952  6  DG D "O5'" 
820 C "C5'" . DG D 6  ? 1.60641 5.74731 4.33784 -0.48178 -0.07516 0.86184  6  DG D "C5'" 
821 C "C4'" . DG D 6  ? 1.60270 5.67429 4.48687 -0.50020 -0.09725 0.84846  6  DG D "C4'" 
822 O "O4'" . DG D 6  ? 1.69431 5.64632 4.58530 -0.48741 -0.10714 0.72989  6  DG D "O4'" 
823 C "C3'" . DG D 6  ? 1.80720 5.90164 4.80412 -0.52662 -0.09846 0.88962  6  DG D "C3'" 
824 O "O3'" . DG D 6  ? 1.86185 5.94649 4.98127 -0.54804 -0.12128 0.94250  6  DG D "O3'" 
825 C "C2'" . DG D 6  ? 2.11260 6.11355 5.12215 -0.51999 -0.09992 0.77623  6  DG D "C2'" 
826 C "C1'" . DG D 6  ? 1.96201 5.86826 4.95621 -0.50261 -0.11468 0.69589  6  DG D "C1'" 
827 N N9    . DG D 6  ? 1.62895 5.43804 4.58488 -0.48462 -0.11416 0.57871  6  DG D N9    
828 C C8    . DG D 6  ? 1.44568 5.24703 4.33089 -0.47365 -0.09904 0.53648  6  DG D C8    
829 N N7    . DG D 6  ? 1.38869 5.08565 4.25506 -0.45792 -0.10563 0.43687  6  DG D N7    
830 C C5    . DG D 6  ? 1.37159 5.00912 4.30030 -0.45793 -0.12424 0.40845  6  DG D C5    
831 C C6    . DG D 6  ? 1.31762 4.84241 4.26163 -0.44363 -0.13782 0.31476  6  DG D C6    
832 O O6    . DG D 6  ? 1.27269 4.71591 4.17796 -0.42881 -0.13793 0.24133  6  DG D O6    
833 N N1    . DG D 6  ? 1.32248 4.83500 4.33374 -0.44688 -0.15357 0.31926  6  DG D N1    
834 C C2    . DG D 6  ? 1.37405 4.96614 4.43122 -0.46234 -0.15836 0.40899  6  DG D C2    
835 N N2    . DG D 6  ? 1.55750 5.12765 4.67334 -0.46104 -0.17571 0.40491  6  DG D N2    
836 N N3    . DG D 6  ? 1.42490 5.11302 4.47094 -0.47681 -0.14761 0.50262  6  DG D N3    
837 C C4    . DG D 6  ? 1.42006 5.12808 4.40135 -0.47359 -0.12979 0.49441  6  DG D C4    
838 P P     . DT D 7  ? 2.25834 6.41049 5.48795 -0.58273 -0.12596 1.05294  7  DT D P     
839 O OP1   . DT D 7  ? 1.78506 5.95310 5.08963 -0.59673 -0.14753 1.13847  7  DT D OP1   
840 O OP2   . DT D 7  ? 1.80698 6.05790 4.96980 -0.58227 -0.09842 1.10515  7  DT D OP2   
841 O "O5'" . DT D 7  ? 1.91175 5.98433 5.23838 -0.59853 -0.14083 0.98690  7  DT D "O5'" 
842 C "C5'" . DT D 7  ? 1.75138 5.78299 5.20626 -0.62307 -0.17173 1.01979  7  DT D "C5'" 
843 C "C4'" . DT D 7  ? 2.36156 6.31083 5.81970 -0.60521 -0.19111 0.95492  7  DT D "C4'" 
844 O "O4'" . DT D 7  ? 2.94821 6.85097 6.29982 -0.57319 -0.17490 0.84027  7  DT D "O4'" 
845 C "C3'" . DT D 7  ? 1.75259 5.61851 5.31600 -0.61919 -0.22230 0.91938  7  DT D "C3'" 
846 O "O3'" . DT D 7  ? 2.27961 6.10595 5.87159 -0.60859 -0.24374 0.92118  7  DT D "O3'" 
847 C "C2'" . DT D 7  ? 1.77985 5.57976 5.29382 -0.60239 -0.21299 0.78553  7  DT D "C2'" 
848 C "C1'" . DT D 7  ? 2.58047 6.39093 5.96511 -0.56967 -0.18679 0.73512  7  DT D "C1'" 
849 N N1    . DT D 7  ? 2.25060 6.05024 5.56194 -0.55679 -0.16488 0.66220  7  DT D N1    
850 C C2    . DT D 7  ? 1.83155 5.54586 5.09043 -0.53193 -0.16358 0.54410  7  DT D C2    
851 O O2    . DT D 7  ? 1.45396 5.10644 4.72121 -0.51980 -0.17720 0.49208  7  DT D O2    
852 N N3    . DT D 7  ? 1.45553 5.16012 4.65164 -0.52039 -0.14609 0.49351  7  DT D N3    
853 C C4    . DT D 7  ? 1.48716 5.26595 4.66659 -0.52978 -0.12865 0.54473  7  DT D C4    
854 O O4    . DT D 7  ? 1.45972 5.22588 4.57942 -0.51574 -0.11486 0.49678  7  DT D O4    
855 C C5    . DT D 7  ? 1.55801 5.43131 4.79556 -0.55629 -0.12851 0.66474  7  DT D C5    
856 C C7    . DT D 7  ? 1.60027 5.56725 4.82823 -0.56766 -0.10853 0.73119  7  DT D C7    
857 C C6    . DT D 7  ? 1.58734 5.46245 4.88884 -0.56931 -0.14735 0.71906  7  DT D C6    
# 
